data_7VL5
#
_entry.id   7VL5
#
_cell.length_a   163.142
_cell.length_b   71.590
_cell.length_c   129.914
_cell.angle_alpha   90.000
_cell.angle_beta   106.024
_cell.angle_gamma   90.000
#
_symmetry.space_group_name_H-M   'C 1 2 1'
#
loop_
_entity.id
_entity.type
_entity.pdbx_description
1 polymer Beta-galactosidase
2 non-polymer 'octyl beta-D-glucopyranoside'
3 non-polymer 'CALCIUM ION'
4 water water
#
_entity_poly.entity_id   1
_entity_poly.type   'polypeptide(L)'
_entity_poly.pdbx_seq_one_letter_code
;SEKYFVKNGQPHFLISGEVHYFRINPKLWRNHLQLLKQTGADTVSTYIPWDWHEIEEDDFDFEGKTHPARNLIRFIKLCK
EENLDLIVKPGPYILAEYENQGLPSWLLKKLSKNAFALDENGNVISPDLVSYLSDEFLEYTFKWYDKVMPIISKHQKEHY
GPITMMQLCNEIGVFQWLSGKSDYNPKVINLYKEFIIQRYKTIEKLNSVYSTNYNSFDDLKAPSGKIKLRSDYCAYFDFH
LFFREYYNKYISILKNKIRSFGINIKLTHNIPGWIYGNASELPMLISTYSEIMKNHPDIIFGLDHIPEFVSFRNAHSDLA
CNKILEAMQPEAPVWAAEFQAGTREHHVKAYAKDLETFYIASLAHGIKGFNYYMFSQGINPEGKGFYGKTFYFQTALDAA
SNKLALYDSIKKVNRFIRKEQKDLLRTNVNSEICVGFYKPYFFTELISSQLLKEKKLNVEELGLYIDPRFLREEILFNGL
LRGLQTLNYNYDVVDLENCDLKSLTAYKQLWITSAEFMDAETQNLLSEFVLNGGNLILYPAVPTLDNYLNRCEILKNNFG
IEFITKDSSHKVSAFGIEDVFTAFSKKQIYNDTNSKPIAFTQENEICGIRKKIGKGELTILGFAFGYTSDEHLELIDKLV
KLNKIKRELFVSDKDIQFVVRENNKSRYIFFLNYHNERKTFNYRKSSELKKKKSEEISIAPFSYKVIKENK
;
_entity_poly.pdbx_strand_id   A,B
#
# COMPACT_ATOMS: atom_id res chain seq x y z
N SER A 1 -17.94 34.38 -5.47
CA SER A 1 -18.19 33.67 -6.79
C SER A 1 -17.64 32.23 -6.74
N GLU A 2 -18.19 31.42 -5.84
CA GLU A 2 -18.07 29.93 -5.86
C GLU A 2 -18.79 29.37 -7.08
N LYS A 3 -18.42 28.16 -7.50
CA LYS A 3 -19.18 27.43 -8.56
C LYS A 3 -20.06 26.40 -7.85
N TYR A 4 -21.37 26.43 -8.08
CA TYR A 4 -22.29 25.44 -7.47
C TYR A 4 -23.40 25.13 -8.46
N PHE A 5 -24.08 24.00 -8.27
CA PHE A 5 -25.29 23.65 -9.04
C PHE A 5 -26.39 24.63 -8.62
N VAL A 6 -27.31 24.89 -9.55
CA VAL A 6 -28.42 25.86 -9.38
C VAL A 6 -29.71 25.10 -9.67
N LYS A 7 -30.76 25.36 -8.91
CA LYS A 7 -32.13 24.89 -9.18
C LYS A 7 -33.09 26.04 -8.86
N ASN A 8 -33.92 26.42 -9.83
CA ASN A 8 -34.91 27.52 -9.68
C ASN A 8 -34.14 28.77 -9.29
N GLY A 9 -33.05 29.05 -10.02
CA GLY A 9 -32.12 30.18 -9.79
C GLY A 9 -31.69 30.35 -8.34
N GLN A 10 -31.56 29.24 -7.58
CA GLN A 10 -31.03 29.23 -6.18
C GLN A 10 -29.88 28.23 -6.12
N PRO A 11 -28.93 28.41 -5.16
CA PRO A 11 -27.89 27.40 -4.93
C PRO A 11 -28.59 26.08 -4.56
N HIS A 12 -28.19 25.00 -5.19
CA HIS A 12 -28.74 23.65 -4.97
C HIS A 12 -27.62 22.65 -4.74
N PHE A 13 -27.57 21.98 -3.60
CA PHE A 13 -26.55 20.93 -3.39
C PHE A 13 -27.04 19.67 -4.09
N LEU A 14 -26.33 19.21 -5.11
CA LEU A 14 -26.69 17.95 -5.81
C LEU A 14 -26.47 16.76 -4.86
N ILE A 15 -27.56 16.13 -4.41
CA ILE A 15 -27.50 14.90 -3.58
C ILE A 15 -28.14 13.78 -4.37
N SER A 16 -27.31 12.91 -4.91
CA SER A 16 -27.76 11.70 -5.64
C SER A 16 -27.41 10.46 -4.82
N GLY A 17 -28.16 9.38 -5.06
CA GLY A 17 -27.81 8.04 -4.62
C GLY A 17 -27.83 7.08 -5.80
N GLU A 18 -26.89 6.16 -5.77
CA GLU A 18 -26.74 5.16 -6.84
C GLU A 18 -27.61 3.95 -6.46
N VAL A 19 -28.50 3.59 -7.38
CA VAL A 19 -29.48 2.48 -7.23
C VAL A 19 -29.50 1.72 -8.56
N HIS A 20 -28.95 0.50 -8.58
CA HIS A 20 -28.84 -0.32 -9.82
C HIS A 20 -30.12 -1.16 -9.96
N TYR A 21 -31.03 -0.70 -10.82
CA TYR A 21 -32.34 -1.33 -11.11
C TYR A 21 -32.09 -2.76 -11.53
N PHE A 22 -31.02 -3.00 -12.30
CA PHE A 22 -30.70 -4.31 -12.92
C PHE A 22 -30.21 -5.32 -11.88
N ARG A 23 -30.02 -4.91 -10.62
CA ARG A 23 -29.51 -5.78 -9.53
C ARG A 23 -30.45 -5.72 -8.34
N ILE A 24 -31.67 -5.27 -8.54
CA ILE A 24 -32.68 -5.16 -7.46
C ILE A 24 -33.97 -5.78 -7.98
N ASN A 25 -34.66 -6.51 -7.11
CA ASN A 25 -36.01 -7.06 -7.43
C ASN A 25 -36.88 -5.88 -7.89
N PRO A 26 -37.42 -5.89 -9.12
CA PRO A 26 -38.25 -4.76 -9.56
C PRO A 26 -39.48 -4.48 -8.70
N LYS A 27 -40.00 -5.49 -8.00
CA LYS A 27 -41.09 -5.31 -7.02
C LYS A 27 -40.60 -4.40 -5.89
N LEU A 28 -39.28 -4.22 -5.71
CA LEU A 28 -38.74 -3.37 -4.61
C LEU A 28 -38.14 -2.06 -5.13
N TRP A 29 -38.19 -1.81 -6.44
CA TRP A 29 -37.66 -0.55 -7.03
C TRP A 29 -38.27 0.65 -6.31
N ARG A 30 -39.60 0.68 -6.18
CA ARG A 30 -40.32 1.87 -5.65
C ARG A 30 -39.81 2.13 -4.22
N ASN A 31 -39.66 1.08 -3.44
CA ASN A 31 -39.27 1.19 -2.01
C ASN A 31 -37.85 1.77 -1.94
N HIS A 32 -36.94 1.34 -2.82
CA HIS A 32 -35.56 1.90 -2.84
C HIS A 32 -35.64 3.40 -3.12
N LEU A 33 -36.40 3.80 -4.15
CA LEU A 33 -36.54 5.22 -4.56
C LEU A 33 -37.13 6.06 -3.42
N GLN A 34 -38.20 5.60 -2.77
CA GLN A 34 -38.87 6.32 -1.65
C GLN A 34 -37.89 6.52 -0.48
N LEU A 35 -37.22 5.45 -0.06
CA LEU A 35 -36.23 5.52 1.05
C LEU A 35 -35.10 6.45 0.68
N LEU A 36 -34.64 6.46 -0.58
CA LEU A 36 -33.59 7.40 -1.03
C LEU A 36 -34.13 8.82 -0.92
N LYS A 37 -35.32 9.07 -1.47
CA LYS A 37 -35.97 10.40 -1.43
C LYS A 37 -36.07 10.86 0.04
N GLN A 38 -36.42 9.95 0.96
CA GLN A 38 -36.65 10.31 2.37
C GLN A 38 -35.33 10.68 3.05
N THR A 39 -34.15 10.46 2.44
CA THR A 39 -32.90 11.00 3.00
C THR A 39 -32.70 12.48 2.65
N GLY A 40 -33.54 13.05 1.77
CA GLY A 40 -33.42 14.41 1.23
C GLY A 40 -32.66 14.43 -0.09
N ALA A 41 -32.27 13.27 -0.62
CA ALA A 41 -31.63 13.13 -1.96
C ALA A 41 -32.63 13.62 -3.01
N ASP A 42 -32.13 14.28 -4.05
CA ASP A 42 -32.98 14.86 -5.12
C ASP A 42 -32.83 14.03 -6.40
N THR A 43 -31.78 13.22 -6.48
CA THR A 43 -31.38 12.53 -7.73
C THR A 43 -31.08 11.07 -7.40
N VAL A 44 -31.29 10.22 -8.39
CA VAL A 44 -30.86 8.81 -8.34
C VAL A 44 -30.00 8.56 -9.57
N SER A 45 -29.06 7.64 -9.47
CA SER A 45 -28.05 7.41 -10.52
C SER A 45 -27.96 5.91 -10.78
N THR A 46 -27.83 5.55 -12.06
CA THR A 46 -27.70 4.13 -12.46
C THR A 46 -26.97 4.03 -13.80
N TYR A 47 -26.21 2.95 -13.90
CA TYR A 47 -25.77 2.42 -15.21
C TYR A 47 -27.00 1.87 -15.93
N ILE A 48 -26.87 1.84 -17.26
CA ILE A 48 -27.74 1.05 -18.17
C ILE A 48 -26.78 0.12 -18.89
N PRO A 49 -26.64 -1.14 -18.42
CA PRO A 49 -25.63 -2.04 -18.97
C PRO A 49 -26.01 -2.63 -20.33
N TRP A 50 -25.10 -2.45 -21.27
CA TRP A 50 -25.22 -2.93 -22.65
C TRP A 50 -25.52 -4.43 -22.62
N ASP A 51 -24.72 -5.19 -21.88
CA ASP A 51 -24.83 -6.66 -21.76
C ASP A 51 -26.24 -7.03 -21.25
N TRP A 52 -26.81 -6.23 -20.37
CA TRP A 52 -28.11 -6.52 -19.75
C TRP A 52 -29.27 -6.33 -20.76
N HIS A 53 -29.17 -5.38 -21.69
CA HIS A 53 -30.32 -5.01 -22.56
C HIS A 53 -30.17 -5.55 -23.99
N GLU A 54 -28.96 -5.76 -24.49
CA GLU A 54 -28.77 -6.46 -25.79
C GLU A 54 -28.41 -7.91 -25.46
N ILE A 55 -29.45 -8.71 -25.18
CA ILE A 55 -29.32 -10.04 -24.51
C ILE A 55 -28.63 -11.03 -25.46
N GLU A 56 -28.84 -10.85 -26.77
CA GLU A 56 -28.14 -11.51 -27.88
C GLU A 56 -27.89 -10.44 -28.94
N GLU A 57 -27.07 -10.71 -29.94
CA GLU A 57 -26.77 -9.67 -30.96
C GLU A 57 -28.09 -9.27 -31.62
N ASP A 58 -28.43 -7.98 -31.59
CA ASP A 58 -29.59 -7.37 -32.26
C ASP A 58 -30.91 -7.85 -31.64
N ASP A 59 -30.87 -8.36 -30.40
CA ASP A 59 -32.05 -8.69 -29.58
C ASP A 59 -32.02 -7.80 -28.32
N PHE A 60 -32.87 -6.78 -28.30
CA PHE A 60 -32.92 -5.74 -27.24
C PHE A 60 -34.13 -5.94 -26.35
N ASP A 61 -33.99 -5.69 -25.05
CA ASP A 61 -35.12 -5.73 -24.08
C ASP A 61 -34.91 -4.60 -23.06
N PHE A 62 -35.75 -3.56 -23.17
CA PHE A 62 -35.80 -2.40 -22.24
C PHE A 62 -37.11 -2.41 -21.44
N GLU A 63 -37.90 -3.47 -21.55
CA GLU A 63 -39.31 -3.48 -21.05
C GLU A 63 -39.58 -4.65 -20.12
N GLY A 64 -38.59 -5.47 -19.85
CA GLY A 64 -38.77 -6.65 -18.98
C GLY A 64 -39.54 -7.76 -19.67
N LYS A 65 -39.37 -7.94 -20.99
CA LYS A 65 -39.98 -9.07 -21.75
C LYS A 65 -39.27 -10.39 -21.37
N THR A 66 -37.96 -10.38 -21.16
CA THR A 66 -37.16 -11.62 -20.96
C THR A 66 -36.75 -11.75 -19.49
N HIS A 67 -36.71 -10.65 -18.76
CA HIS A 67 -36.39 -10.59 -17.32
C HIS A 67 -37.04 -9.34 -16.75
N PRO A 68 -37.77 -9.44 -15.63
CA PRO A 68 -38.42 -8.25 -15.06
C PRO A 68 -37.44 -7.07 -14.89
N ALA A 69 -36.18 -7.35 -14.54
CA ALA A 69 -35.21 -6.29 -14.16
C ALA A 69 -34.58 -5.67 -15.43
N ARG A 70 -35.03 -6.08 -16.62
CA ARG A 70 -34.63 -5.44 -17.90
C ARG A 70 -35.63 -4.33 -18.24
N ASN A 71 -36.63 -4.09 -17.38
CA ASN A 71 -37.68 -3.06 -17.60
C ASN A 71 -37.12 -1.68 -17.22
N LEU A 72 -36.15 -1.21 -18.00
CA LEU A 72 -35.57 0.13 -17.82
C LEU A 72 -36.68 1.18 -17.88
N ILE A 73 -37.58 1.06 -18.85
CA ILE A 73 -38.72 1.99 -19.07
C ILE A 73 -39.48 2.17 -17.74
N ARG A 74 -39.83 1.08 -17.07
CA ARG A 74 -40.61 1.18 -15.81
C ARG A 74 -39.74 1.85 -14.72
N PHE A 75 -38.43 1.58 -14.66
CA PHE A 75 -37.56 2.21 -13.65
C PHE A 75 -37.55 3.72 -13.87
N ILE A 76 -37.36 4.15 -15.11
CA ILE A 76 -37.42 5.60 -15.47
C ILE A 76 -38.75 6.19 -14.99
N LYS A 77 -39.86 5.50 -15.26
CA LYS A 77 -41.23 5.97 -14.91
C LYS A 77 -41.32 6.12 -13.39
N LEU A 78 -40.79 5.15 -12.62
CA LEU A 78 -40.86 5.17 -11.14
C LEU A 78 -40.05 6.36 -10.61
N CYS A 79 -38.87 6.65 -11.15
CA CYS A 79 -38.07 7.84 -10.72
C CYS A 79 -38.94 9.10 -10.83
N LYS A 80 -39.65 9.25 -11.94
CA LYS A 80 -40.56 10.42 -12.18
C LYS A 80 -41.65 10.44 -11.11
N GLU A 81 -42.35 9.32 -10.92
CA GLU A 81 -43.42 9.17 -9.92
C GLU A 81 -42.85 9.48 -8.53
N GLU A 82 -41.59 9.16 -8.22
CA GLU A 82 -41.11 9.35 -6.82
C GLU A 82 -40.32 10.66 -6.71
N ASN A 83 -40.49 11.57 -7.69
CA ASN A 83 -39.92 12.94 -7.67
C ASN A 83 -38.40 12.89 -7.47
N LEU A 84 -37.73 11.96 -8.12
CA LEU A 84 -36.24 11.97 -8.21
C LEU A 84 -35.85 12.26 -9.66
N ASP A 85 -34.89 13.15 -9.81
CA ASP A 85 -34.16 13.31 -11.09
C ASP A 85 -33.26 12.07 -11.28
N LEU A 86 -32.87 11.78 -12.52
CA LEU A 86 -32.19 10.51 -12.91
C LEU A 86 -30.94 10.86 -13.74
N ILE A 87 -29.81 10.33 -13.28
CA ILE A 87 -28.53 10.24 -14.01
C ILE A 87 -28.48 8.85 -14.64
N VAL A 88 -28.28 8.77 -15.95
CA VAL A 88 -28.15 7.47 -16.68
C VAL A 88 -26.73 7.38 -17.23
N LYS A 89 -26.21 6.17 -17.26
CA LYS A 89 -24.80 5.91 -17.60
C LYS A 89 -24.79 4.67 -18.47
N PRO A 90 -25.08 4.81 -19.78
CA PRO A 90 -25.20 3.66 -20.69
C PRO A 90 -23.90 3.10 -21.30
N GLY A 91 -22.75 3.62 -20.87
CA GLY A 91 -21.48 2.99 -21.22
C GLY A 91 -20.92 3.57 -22.52
N PRO A 92 -20.28 2.79 -23.41
CA PRO A 92 -20.39 1.33 -23.46
C PRO A 92 -19.75 0.60 -22.27
N TYR A 93 -18.62 1.06 -21.76
CA TYR A 93 -18.06 0.50 -20.50
C TYR A 93 -18.84 1.07 -19.32
N ILE A 94 -19.18 0.20 -18.36
CA ILE A 94 -19.69 0.64 -17.02
C ILE A 94 -18.75 0.16 -15.92
N LEU A 95 -17.96 -0.89 -16.19
CA LEU A 95 -17.12 -1.56 -15.16
C LEU A 95 -18.06 -2.13 -14.07
N ALA A 96 -18.16 -1.48 -12.89
CA ALA A 96 -19.28 -1.68 -11.94
C ALA A 96 -19.38 -3.14 -11.47
N GLU A 97 -18.24 -3.85 -11.41
CA GLU A 97 -18.17 -5.30 -11.06
C GLU A 97 -19.22 -6.10 -11.83
N TYR A 98 -19.45 -5.73 -13.09
CA TYR A 98 -20.42 -6.41 -13.98
C TYR A 98 -19.58 -7.26 -14.93
N GLU A 99 -20.05 -8.47 -15.27
CA GLU A 99 -19.30 -9.41 -16.17
C GLU A 99 -18.83 -8.65 -17.41
N ASN A 100 -17.56 -8.79 -17.74
CA ASN A 100 -16.98 -8.22 -18.98
C ASN A 100 -17.06 -6.69 -18.90
N GLN A 101 -17.11 -6.13 -17.69
CA GLN A 101 -17.17 -4.67 -17.41
C GLN A 101 -18.39 -4.02 -18.12
N GLY A 102 -19.43 -4.80 -18.43
CA GLY A 102 -20.67 -4.28 -19.05
C GLY A 102 -20.79 -4.63 -20.52
N LEU A 103 -19.72 -5.04 -21.17
CA LEU A 103 -19.76 -5.40 -22.61
C LEU A 103 -20.46 -6.74 -22.76
N PRO A 104 -21.29 -6.93 -23.79
CA PRO A 104 -21.93 -8.22 -24.02
C PRO A 104 -20.92 -9.36 -24.19
N SER A 105 -21.19 -10.51 -23.58
CA SER A 105 -20.45 -11.75 -23.89
C SER A 105 -20.44 -12.00 -25.40
N TRP A 106 -21.59 -11.96 -26.06
CA TRP A 106 -21.66 -12.23 -27.53
C TRP A 106 -20.71 -11.28 -28.30
N LEU A 107 -20.59 -10.02 -27.86
CA LEU A 107 -19.67 -9.07 -28.55
C LEU A 107 -18.23 -9.53 -28.40
N LEU A 108 -17.77 -9.74 -27.18
CA LEU A 108 -16.35 -10.11 -26.94
C LEU A 108 -16.02 -11.42 -27.65
N LYS A 109 -16.99 -12.32 -27.78
CA LYS A 109 -16.75 -13.60 -28.51
C LYS A 109 -16.65 -13.27 -29.99
N LYS A 110 -17.36 -12.27 -30.51
CA LYS A 110 -17.46 -12.05 -31.97
C LYS A 110 -16.28 -11.21 -32.51
N LEU A 111 -15.82 -10.24 -31.73
CA LEU A 111 -14.83 -9.22 -32.17
C LEU A 111 -13.56 -9.91 -32.69
N SER A 112 -12.94 -9.37 -33.73
CA SER A 112 -11.62 -9.85 -34.21
C SER A 112 -10.51 -9.36 -33.26
N LYS A 113 -9.32 -9.98 -33.35
CA LYS A 113 -8.17 -9.66 -32.45
C LYS A 113 -7.87 -8.16 -32.53
N ASN A 114 -8.06 -7.53 -33.69
CA ASN A 114 -7.70 -6.10 -33.89
C ASN A 114 -8.66 -5.13 -33.19
N ALA A 115 -9.77 -5.62 -32.64
CA ALA A 115 -10.66 -4.78 -31.79
C ALA A 115 -10.04 -4.60 -30.39
N PHE A 116 -9.08 -5.44 -29.96
CA PHE A 116 -8.57 -5.51 -28.56
C PHE A 116 -7.33 -4.62 -28.36
N ALA A 117 -7.16 -4.07 -27.16
CA ALA A 117 -5.89 -3.43 -26.74
C ALA A 117 -4.79 -4.51 -26.78
N LEU A 118 -3.67 -4.18 -27.40
CA LEU A 118 -2.56 -5.13 -27.66
C LEU A 118 -1.30 -4.56 -27.02
N ASP A 119 -0.47 -5.46 -26.45
CA ASP A 119 0.86 -5.09 -25.91
C ASP A 119 1.81 -4.85 -27.09
N GLU A 120 3.07 -4.52 -26.78
CA GLU A 120 4.19 -4.23 -27.72
C GLU A 120 4.39 -5.39 -28.69
N ASN A 121 4.09 -6.63 -28.26
CA ASN A 121 4.26 -7.87 -29.05
C ASN A 121 3.02 -8.19 -29.89
N GLY A 122 1.91 -7.48 -29.74
CA GLY A 122 0.71 -7.73 -30.57
C GLY A 122 -0.21 -8.71 -29.90
N ASN A 123 -0.01 -9.00 -28.61
CA ASN A 123 -0.90 -9.89 -27.82
C ASN A 123 -1.98 -9.09 -27.07
N VAL A 124 -3.15 -9.70 -26.94
CA VAL A 124 -4.34 -9.15 -26.25
C VAL A 124 -3.95 -8.90 -24.79
N ILE A 125 -4.05 -7.68 -24.30
CA ILE A 125 -3.74 -7.35 -22.87
C ILE A 125 -4.76 -8.04 -21.95
N SER A 126 -6.05 -7.95 -22.25
CA SER A 126 -7.10 -8.60 -21.42
C SER A 126 -8.29 -8.91 -22.29
N PRO A 127 -8.95 -10.08 -22.09
CA PRO A 127 -10.07 -10.48 -22.95
C PRO A 127 -11.25 -9.51 -22.90
N ASP A 128 -11.37 -8.61 -21.92
CA ASP A 128 -12.51 -7.66 -21.87
C ASP A 128 -12.08 -6.24 -22.26
N LEU A 129 -10.82 -6.02 -22.66
CA LEU A 129 -10.23 -4.68 -22.89
C LEU A 129 -10.12 -4.44 -24.40
N VAL A 130 -11.04 -3.64 -24.92
CA VAL A 130 -11.13 -3.26 -26.35
C VAL A 130 -10.25 -2.03 -26.56
N SER A 131 -9.81 -1.82 -27.78
CA SER A 131 -9.10 -0.58 -28.18
C SER A 131 -10.20 0.45 -28.47
N TYR A 132 -10.18 1.59 -27.79
CA TYR A 132 -11.29 2.58 -27.77
C TYR A 132 -11.71 2.98 -29.20
N LEU A 133 -10.76 3.12 -30.12
CA LEU A 133 -11.10 3.66 -31.47
C LEU A 133 -11.11 2.52 -32.47
N SER A 134 -11.20 1.27 -32.00
CA SER A 134 -11.41 0.08 -32.87
C SER A 134 -12.67 0.33 -33.70
N ASP A 135 -12.58 0.18 -35.02
CA ASP A 135 -13.74 0.39 -35.92
C ASP A 135 -14.91 -0.51 -35.48
N GLU A 136 -14.59 -1.76 -35.16
CA GLU A 136 -15.58 -2.82 -34.83
C GLU A 136 -16.20 -2.45 -33.47
N PHE A 137 -15.38 -2.06 -32.51
CA PHE A 137 -15.89 -1.64 -31.17
C PHE A 137 -16.89 -0.48 -31.35
N LEU A 138 -16.52 0.59 -32.04
CA LEU A 138 -17.43 1.77 -32.20
C LEU A 138 -18.65 1.42 -33.04
N GLU A 139 -18.52 0.50 -33.99
CA GLU A 139 -19.72 0.06 -34.76
C GLU A 139 -20.76 -0.58 -33.82
N TYR A 140 -20.36 -1.49 -32.94
CA TYR A 140 -21.31 -2.18 -32.03
C TYR A 140 -21.78 -1.19 -30.93
N THR A 141 -20.88 -0.33 -30.45
CA THR A 141 -21.25 0.72 -29.47
C THR A 141 -22.34 1.60 -30.09
N PHE A 142 -22.17 1.96 -31.37
CA PHE A 142 -23.14 2.82 -32.11
C PHE A 142 -24.49 2.08 -32.17
N LYS A 143 -24.49 0.79 -32.51
CA LYS A 143 -25.76 0.03 -32.57
C LYS A 143 -26.40 -0.07 -31.19
N TRP A 144 -25.61 -0.16 -30.11
CA TRP A 144 -26.13 -0.10 -28.72
C TRP A 144 -26.73 1.30 -28.46
N TYR A 145 -26.00 2.37 -28.80
CA TYR A 145 -26.52 3.76 -28.73
C TYR A 145 -27.82 3.93 -29.55
N ASP A 146 -27.92 3.28 -30.71
CA ASP A 146 -29.12 3.36 -31.60
C ASP A 146 -30.38 2.96 -30.84
N LYS A 147 -30.28 2.04 -29.89
CA LYS A 147 -31.44 1.51 -29.13
C LYS A 147 -31.60 2.21 -27.77
N VAL A 148 -30.53 2.54 -27.05
CA VAL A 148 -30.71 3.10 -25.66
C VAL A 148 -30.93 4.60 -25.77
N MET A 149 -30.32 5.28 -26.74
CA MET A 149 -30.32 6.76 -26.73
C MET A 149 -31.71 7.30 -27.04
N PRO A 150 -32.51 6.70 -27.96
CA PRO A 150 -33.88 7.19 -28.18
C PRO A 150 -34.73 7.15 -26.90
N ILE A 151 -34.50 6.15 -26.06
CA ILE A 151 -35.25 6.03 -24.78
C ILE A 151 -34.80 7.16 -23.84
N ILE A 152 -33.48 7.34 -23.70
CA ILE A 152 -32.90 8.42 -22.84
C ILE A 152 -33.42 9.76 -23.35
N SER A 153 -33.42 9.98 -24.67
CA SER A 153 -33.88 11.25 -25.29
C SER A 153 -35.33 11.54 -24.91
N LYS A 154 -36.19 10.53 -24.97
CA LYS A 154 -37.66 10.66 -24.76
C LYS A 154 -37.91 11.04 -23.30
N HIS A 155 -37.02 10.66 -22.39
CA HIS A 155 -37.24 10.78 -20.93
C HIS A 155 -36.37 11.88 -20.31
N GLN A 156 -35.84 12.76 -21.15
CA GLN A 156 -35.11 13.97 -20.66
C GLN A 156 -36.08 14.87 -19.91
N LYS A 157 -35.52 15.65 -18.98
CA LYS A 157 -36.22 16.76 -18.26
C LYS A 157 -36.98 17.65 -19.27
N GLU A 158 -36.38 18.02 -20.40
CA GLU A 158 -36.99 19.05 -21.30
C GLU A 158 -38.25 18.45 -21.95
N HIS A 159 -38.42 17.12 -21.92
CA HIS A 159 -39.68 16.45 -22.35
C HIS A 159 -40.46 15.96 -21.12
N TYR A 160 -40.29 16.59 -19.95
CA TYR A 160 -41.00 16.27 -18.67
C TYR A 160 -40.65 14.88 -18.14
N GLY A 161 -39.56 14.25 -18.61
CA GLY A 161 -39.07 13.01 -17.97
C GLY A 161 -38.13 13.37 -16.82
N PRO A 162 -37.61 12.38 -16.07
CA PRO A 162 -36.71 12.66 -14.95
C PRO A 162 -35.21 12.84 -15.29
N ILE A 163 -34.80 12.58 -16.54
CA ILE A 163 -33.36 12.45 -16.87
C ILE A 163 -32.73 13.84 -16.99
N THR A 164 -31.77 14.14 -16.12
CA THR A 164 -31.07 15.45 -16.07
C THR A 164 -29.59 15.36 -16.50
N MET A 165 -28.96 14.19 -16.45
CA MET A 165 -27.52 14.06 -16.76
C MET A 165 -27.27 12.68 -17.36
N MET A 166 -26.26 12.58 -18.21
CA MET A 166 -25.81 11.27 -18.71
C MET A 166 -24.28 11.24 -18.69
N GLN A 167 -23.74 10.15 -18.17
CA GLN A 167 -22.28 9.88 -18.19
C GLN A 167 -21.91 9.20 -19.51
N LEU A 168 -20.82 9.66 -20.12
CA LEU A 168 -20.25 9.05 -21.37
C LEU A 168 -19.24 7.98 -20.95
N CYS A 169 -19.52 6.70 -21.29
CA CYS A 169 -18.63 5.56 -20.97
C CYS A 169 -18.34 5.59 -19.46
N ASN A 170 -17.17 5.15 -19.03
CA ASN A 170 -16.87 5.09 -17.58
C ASN A 170 -15.35 5.11 -17.36
N GLU A 171 -14.86 6.10 -16.62
CA GLU A 171 -13.42 6.20 -16.20
C GLU A 171 -12.48 5.84 -17.36
N ILE A 172 -12.51 6.65 -18.41
CA ILE A 172 -11.67 6.40 -19.61
C ILE A 172 -10.21 6.21 -19.13
N GLY A 173 -9.61 5.11 -19.55
CA GLY A 173 -8.21 4.79 -19.23
C GLY A 173 -8.02 3.96 -17.98
N VAL A 174 -9.04 3.80 -17.12
CA VAL A 174 -8.84 3.14 -15.78
C VAL A 174 -8.46 1.68 -16.01
N PHE A 175 -9.12 1.04 -16.95
CA PHE A 175 -8.90 -0.38 -17.31
C PHE A 175 -7.46 -0.52 -17.84
N GLN A 176 -7.06 0.32 -18.79
CA GLN A 176 -5.66 0.30 -19.31
C GLN A 176 -4.65 0.47 -18.15
N TRP A 177 -4.90 1.44 -17.28
CA TRP A 177 -4.02 1.72 -16.12
C TRP A 177 -3.88 0.48 -15.23
N LEU A 178 -5.00 -0.09 -14.78
CA LEU A 178 -4.98 -1.24 -13.86
C LEU A 178 -4.36 -2.46 -14.58
N SER A 179 -4.46 -2.57 -15.91
CA SER A 179 -3.87 -3.74 -16.62
C SER A 179 -2.33 -3.70 -16.53
N GLY A 180 -1.75 -2.51 -16.34
CA GLY A 180 -0.31 -2.31 -16.18
C GLY A 180 0.44 -2.25 -17.50
N LYS A 181 -0.30 -2.17 -18.61
CA LYS A 181 0.23 -2.16 -20.01
C LYS A 181 -0.54 -1.11 -20.81
N SER A 182 0.14 -0.36 -21.67
CA SER A 182 -0.50 0.65 -22.56
C SER A 182 -0.86 -0.02 -23.89
N ASP A 183 -1.75 0.61 -24.66
CA ASP A 183 -2.35 0.01 -25.87
C ASP A 183 -1.44 0.28 -27.06
N TYR A 184 -0.96 -0.77 -27.71
CA TYR A 184 -0.15 -0.70 -28.97
C TYR A 184 -0.95 -1.29 -30.15
N ASN A 185 -2.29 -1.36 -30.06
CA ASN A 185 -3.21 -1.69 -31.19
C ASN A 185 -2.74 -0.93 -32.43
N PRO A 186 -2.86 -1.49 -33.66
CA PRO A 186 -2.41 -0.80 -34.87
C PRO A 186 -3.18 0.50 -35.18
N LYS A 187 -4.45 0.64 -34.79
CA LYS A 187 -5.18 1.94 -34.90
C LYS A 187 -4.44 3.02 -34.10
N VAL A 188 -3.99 2.67 -32.89
CA VAL A 188 -3.21 3.59 -32.04
C VAL A 188 -1.93 3.95 -32.81
N ILE A 189 -1.19 2.95 -33.31
CA ILE A 189 0.13 3.16 -33.99
C ILE A 189 -0.10 4.12 -35.17
N ASN A 190 -1.11 3.87 -36.00
CA ASN A 190 -1.36 4.67 -37.23
C ASN A 190 -1.81 6.08 -36.86
N LEU A 191 -2.66 6.22 -35.85
CA LEU A 191 -3.12 7.56 -35.42
C LEU A 191 -1.93 8.32 -34.84
N TYR A 192 -1.04 7.66 -34.08
CA TYR A 192 0.17 8.30 -33.53
C TYR A 192 1.03 8.83 -34.68
N LYS A 193 1.18 8.05 -35.75
CA LYS A 193 2.05 8.48 -36.88
C LYS A 193 1.46 9.73 -37.52
N GLU A 194 0.14 9.77 -37.71
CA GLU A 194 -0.55 10.96 -38.26
C GLU A 194 -0.32 12.15 -37.33
N PHE A 195 -0.46 11.95 -36.02
CA PHE A 195 -0.25 12.99 -35.00
C PHE A 195 1.16 13.58 -35.15
N ILE A 196 2.17 12.72 -35.25
CA ILE A 196 3.60 13.14 -35.31
C ILE A 196 3.86 13.92 -36.61
N ILE A 197 3.34 13.46 -37.75
CA ILE A 197 3.51 14.15 -39.08
C ILE A 197 2.87 15.54 -38.98
N GLN A 198 1.67 15.61 -38.42
CA GLN A 198 0.88 16.87 -38.25
C GLN A 198 1.66 17.83 -37.34
N ARG A 199 2.33 17.28 -36.33
CA ARG A 199 3.01 18.09 -35.29
C ARG A 199 4.31 18.67 -35.86
N TYR A 200 5.10 17.87 -36.58
CA TYR A 200 6.51 18.22 -36.95
C TYR A 200 6.63 18.62 -38.41
N LYS A 201 5.75 18.13 -39.28
CA LYS A 201 5.62 18.55 -40.71
C LYS A 201 6.75 17.92 -41.51
N THR A 202 7.98 17.99 -41.01
CA THR A 202 9.14 17.42 -41.73
C THR A 202 9.97 16.59 -40.76
N ILE A 203 10.59 15.56 -41.30
CA ILE A 203 11.43 14.69 -40.47
C ILE A 203 12.63 15.50 -39.95
N GLU A 204 13.10 16.50 -40.69
CA GLU A 204 14.23 17.37 -40.25
C GLU A 204 13.85 18.11 -38.95
N LYS A 205 12.63 18.65 -38.89
CA LYS A 205 12.14 19.38 -37.69
C LYS A 205 12.07 18.40 -36.51
N LEU A 206 11.58 17.16 -36.71
CA LEU A 206 11.47 16.18 -35.60
C LEU A 206 12.90 15.80 -35.18
N ASN A 207 13.78 15.54 -36.14
CA ASN A 207 15.21 15.20 -35.87
C ASN A 207 15.86 16.31 -35.01
N SER A 208 15.56 17.58 -35.26
CA SER A 208 16.21 18.72 -34.56
C SER A 208 15.69 18.80 -33.12
N VAL A 209 14.44 18.46 -32.86
CA VAL A 209 13.90 18.44 -31.47
C VAL A 209 14.42 17.20 -30.75
N TYR A 210 14.32 16.02 -31.36
CA TYR A 210 14.66 14.74 -30.66
C TYR A 210 16.17 14.47 -30.64
N SER A 211 16.96 15.14 -31.48
CA SER A 211 18.37 14.78 -31.83
C SER A 211 18.44 13.36 -32.42
N THR A 212 17.61 13.07 -33.42
CA THR A 212 17.62 11.76 -34.09
C THR A 212 18.09 11.99 -35.51
N ASN A 213 18.23 10.92 -36.28
CA ASN A 213 18.80 10.98 -37.65
C ASN A 213 17.89 10.17 -38.60
N TYR A 214 16.59 10.16 -38.37
CA TYR A 214 15.64 9.44 -39.26
C TYR A 214 15.76 10.03 -40.68
N ASN A 215 15.65 9.17 -41.69
CA ASN A 215 15.66 9.61 -43.11
C ASN A 215 14.25 10.06 -43.48
N SER A 216 13.21 9.47 -42.89
CA SER A 216 11.80 9.83 -43.19
C SER A 216 10.90 9.47 -42.02
N PHE A 217 9.67 9.98 -42.05
CA PHE A 217 8.60 9.64 -41.07
C PHE A 217 8.36 8.13 -41.07
N ASP A 218 8.58 7.44 -42.20
CA ASP A 218 8.37 5.96 -42.28
C ASP A 218 9.36 5.23 -41.37
N ASP A 219 10.46 5.84 -40.94
CA ASP A 219 11.50 5.15 -40.11
C ASP A 219 11.11 5.19 -38.62
N LEU A 220 10.22 6.11 -38.25
CA LEU A 220 9.78 6.39 -36.87
C LEU A 220 8.63 5.45 -36.53
N LYS A 221 8.76 4.75 -35.41
CA LYS A 221 7.75 3.82 -34.85
C LYS A 221 7.23 4.44 -33.55
N ALA A 222 6.04 4.05 -33.09
CA ALA A 222 5.55 4.47 -31.75
C ALA A 222 6.57 3.91 -30.77
N PRO A 223 7.01 4.69 -29.76
CA PRO A 223 8.06 4.23 -28.86
C PRO A 223 7.59 3.03 -28.03
N SER A 224 8.49 2.08 -27.85
CA SER A 224 8.34 0.85 -27.04
C SER A 224 9.63 0.60 -26.26
N GLY A 225 9.56 -0.21 -25.22
CA GLY A 225 10.75 -0.51 -24.40
C GLY A 225 11.17 0.68 -23.55
N LYS A 226 12.21 0.46 -22.76
CA LYS A 226 12.69 1.44 -21.76
C LYS A 226 13.27 2.67 -22.47
N ILE A 227 13.24 3.82 -21.79
CA ILE A 227 13.89 5.10 -22.21
C ILE A 227 15.36 4.98 -21.81
N LYS A 228 16.26 5.04 -22.80
CA LYS A 228 17.73 4.98 -22.58
C LYS A 228 18.40 6.27 -23.06
N LEU A 229 17.75 7.00 -23.98
CA LEU A 229 18.29 8.24 -24.61
C LEU A 229 17.27 9.36 -24.42
N ARG A 230 17.69 10.63 -24.46
CA ARG A 230 16.76 11.79 -24.38
C ARG A 230 15.80 11.74 -25.58
N SER A 231 16.26 11.24 -26.72
CA SER A 231 15.41 11.04 -27.93
C SER A 231 14.26 10.05 -27.65
N ASP A 232 14.49 9.01 -26.84
CA ASP A 232 13.41 8.09 -26.43
C ASP A 232 12.42 8.85 -25.53
N TYR A 233 12.92 9.66 -24.60
CA TYR A 233 12.08 10.48 -23.69
C TYR A 233 11.17 11.37 -24.56
N CYS A 234 11.73 12.06 -25.56
CA CYS A 234 10.98 12.99 -26.46
C CYS A 234 9.86 12.22 -27.14
N ALA A 235 10.16 11.03 -27.66
CA ALA A 235 9.18 10.19 -28.39
C ALA A 235 8.04 9.85 -27.42
N TYR A 236 8.37 9.45 -26.20
CA TYR A 236 7.34 9.07 -25.19
C TYR A 236 6.54 10.30 -24.82
N PHE A 237 7.18 11.47 -24.72
CA PHE A 237 6.48 12.72 -24.37
C PHE A 237 5.39 13.03 -25.40
N ASP A 238 5.75 12.99 -26.69
CA ASP A 238 4.77 13.17 -27.78
C ASP A 238 3.72 12.06 -27.73
N PHE A 239 4.06 10.84 -27.33
CA PHE A 239 3.12 9.71 -27.24
C PHE A 239 2.07 10.01 -26.15
N HIS A 240 2.53 10.60 -25.04
CA HIS A 240 1.62 11.08 -23.96
C HIS A 240 0.72 12.18 -24.54
N LEU A 241 1.27 13.15 -25.24
CA LEU A 241 0.43 14.23 -25.84
C LEU A 241 -0.57 13.54 -26.77
N PHE A 242 -0.12 12.56 -27.54
CA PHE A 242 -1.00 11.86 -28.49
C PHE A 242 -2.18 11.21 -27.72
N PHE A 243 -1.92 10.57 -26.58
CA PHE A 243 -2.97 9.80 -25.84
C PHE A 243 -4.04 10.76 -25.31
N ARG A 244 -3.67 11.98 -24.94
CA ARG A 244 -4.67 12.98 -24.47
C ARG A 244 -5.58 13.38 -25.65
N GLU A 245 -5.02 13.47 -26.86
CA GLU A 245 -5.81 13.77 -28.08
C GLU A 245 -6.65 12.54 -28.41
N TYR A 246 -6.12 11.34 -28.19
CA TYR A 246 -6.82 10.06 -28.48
C TYR A 246 -8.08 9.92 -27.59
N TYR A 247 -7.97 10.20 -26.29
CA TYR A 247 -9.13 10.17 -25.35
C TYR A 247 -10.15 11.28 -25.69
N ASN A 248 -9.65 12.45 -26.06
CA ASN A 248 -10.53 13.51 -26.59
C ASN A 248 -11.30 13.02 -27.84
N LYS A 249 -10.65 12.34 -28.77
CA LYS A 249 -11.32 11.79 -29.98
C LYS A 249 -12.41 10.79 -29.57
N TYR A 250 -12.12 9.86 -28.67
CA TYR A 250 -13.09 8.86 -28.17
C TYR A 250 -14.33 9.58 -27.64
N ILE A 251 -14.14 10.51 -26.72
CA ILE A 251 -15.30 11.10 -26.03
C ILE A 251 -16.04 12.06 -26.99
N SER A 252 -15.37 12.67 -27.96
CA SER A 252 -15.98 13.54 -29.02
C SER A 252 -16.91 12.71 -29.90
N ILE A 253 -16.43 11.53 -30.31
CA ILE A 253 -17.16 10.55 -31.17
C ILE A 253 -18.43 10.10 -30.42
N LEU A 254 -18.29 9.72 -29.15
CA LEU A 254 -19.47 9.35 -28.31
C LEU A 254 -20.41 10.55 -28.18
N LYS A 255 -19.89 11.75 -27.97
CA LYS A 255 -20.70 12.97 -27.70
C LYS A 255 -21.47 13.37 -28.96
N ASN A 256 -20.79 13.45 -30.09
CA ASN A 256 -21.44 13.77 -31.39
C ASN A 256 -22.57 12.76 -31.66
N LYS A 257 -22.33 11.47 -31.43
CA LYS A 257 -23.34 10.39 -31.65
C LYS A 257 -24.55 10.66 -30.75
N ILE A 258 -24.32 10.90 -29.47
CA ILE A 258 -25.38 11.19 -28.46
C ILE A 258 -26.23 12.39 -28.88
N ARG A 259 -25.58 13.49 -29.25
CA ARG A 259 -26.24 14.77 -29.60
C ARG A 259 -27.23 14.53 -30.76
N SER A 260 -26.93 13.60 -31.68
CA SER A 260 -27.73 13.34 -32.90
C SER A 260 -29.11 12.81 -32.53
N PHE A 261 -29.32 12.35 -31.29
CA PHE A 261 -30.62 11.81 -30.80
C PHE A 261 -31.46 12.90 -30.15
N GLY A 262 -31.02 14.16 -30.20
CA GLY A 262 -31.76 15.26 -29.58
C GLY A 262 -31.56 15.29 -28.08
N ILE A 263 -30.51 14.63 -27.57
CA ILE A 263 -30.16 14.62 -26.13
C ILE A 263 -29.40 15.91 -25.85
N ASN A 264 -29.96 16.77 -24.99
CA ASN A 264 -29.38 18.12 -24.72
C ASN A 264 -29.01 18.28 -23.25
N ILE A 265 -29.25 17.26 -22.43
CA ILE A 265 -28.91 17.24 -20.98
C ILE A 265 -27.40 17.37 -20.81
N LYS A 266 -27.01 17.73 -19.61
CA LYS A 266 -25.61 17.83 -19.15
C LYS A 266 -24.95 16.46 -19.31
N LEU A 267 -23.77 16.43 -19.92
CA LEU A 267 -22.98 15.19 -20.09
C LEU A 267 -21.89 15.17 -19.03
N THR A 268 -21.58 14.00 -18.50
CA THR A 268 -20.61 13.88 -17.40
C THR A 268 -19.51 12.89 -17.80
N HIS A 269 -18.39 12.98 -17.09
CA HIS A 269 -17.40 11.89 -17.02
C HIS A 269 -16.91 11.78 -15.59
N ASN A 270 -16.36 10.61 -15.25
CA ASN A 270 -16.01 10.26 -13.85
C ASN A 270 -14.53 9.90 -13.78
N ILE A 271 -13.84 10.53 -12.83
CA ILE A 271 -12.36 10.47 -12.66
C ILE A 271 -11.99 9.36 -11.69
N PRO A 272 -11.19 8.38 -12.15
CA PRO A 272 -10.68 7.31 -11.29
C PRO A 272 -9.36 7.74 -10.63
N GLY A 273 -8.88 6.92 -9.67
CA GLY A 273 -7.50 7.09 -9.21
C GLY A 273 -7.27 6.69 -7.78
N TRP A 274 -8.32 6.54 -6.99
CA TRP A 274 -8.17 6.03 -5.61
C TRP A 274 -7.86 4.54 -5.69
N ILE A 275 -6.93 4.07 -4.85
CA ILE A 275 -6.61 2.63 -4.75
C ILE A 275 -6.02 2.44 -3.35
N TYR A 276 -6.52 1.44 -2.63
CA TYR A 276 -6.12 1.14 -1.23
C TYR A 276 -6.37 2.35 -0.33
N GLY A 277 -7.31 3.22 -0.68
CA GLY A 277 -7.74 4.31 0.21
C GLY A 277 -6.86 5.54 0.10
N ASN A 278 -5.97 5.63 -0.88
CA ASN A 278 -5.32 6.92 -1.24
C ASN A 278 -5.40 7.20 -2.75
N ALA A 279 -5.14 8.45 -3.10
CA ALA A 279 -5.42 8.98 -4.45
C ALA A 279 -4.17 9.67 -5.01
N SER A 280 -2.95 9.28 -4.59
CA SER A 280 -1.71 9.98 -5.01
C SER A 280 -1.46 9.83 -6.52
N GLU A 281 -2.07 8.86 -7.20
CA GLU A 281 -1.97 8.67 -8.68
C GLU A 281 -3.17 9.28 -9.41
N LEU A 282 -4.21 9.73 -8.70
CA LEU A 282 -5.40 10.33 -9.38
C LEU A 282 -4.97 11.52 -10.24
N PRO A 283 -4.06 12.40 -9.77
CA PRO A 283 -3.55 13.51 -10.58
C PRO A 283 -2.98 13.07 -11.95
N MET A 284 -2.33 11.92 -12.01
CA MET A 284 -1.81 11.37 -13.30
C MET A 284 -3.00 11.03 -14.20
N LEU A 285 -4.03 10.38 -13.65
CA LEU A 285 -5.17 9.95 -14.49
C LEU A 285 -5.97 11.18 -14.91
N ILE A 286 -6.21 12.15 -14.03
CA ILE A 286 -7.00 13.36 -14.40
C ILE A 286 -6.23 14.05 -15.52
N SER A 287 -4.91 13.99 -15.50
CA SER A 287 -4.04 14.66 -16.50
C SER A 287 -4.27 14.04 -17.87
N THR A 288 -4.70 12.77 -17.97
CA THR A 288 -4.97 12.12 -19.28
C THR A 288 -6.20 12.76 -19.94
N TYR A 289 -6.97 13.54 -19.17
CA TYR A 289 -8.22 14.19 -19.63
C TYR A 289 -7.98 15.65 -20.02
N SER A 290 -6.74 16.14 -20.01
CA SER A 290 -6.44 17.58 -20.22
C SER A 290 -7.06 18.10 -21.55
N GLU A 291 -7.01 17.32 -22.63
CA GLU A 291 -7.51 17.77 -23.97
C GLU A 291 -9.04 17.69 -23.97
N ILE A 292 -9.63 16.70 -23.30
CA ILE A 292 -11.12 16.65 -23.16
C ILE A 292 -11.61 17.94 -22.49
N MET A 293 -10.98 18.30 -21.38
CA MET A 293 -11.44 19.45 -20.55
C MET A 293 -11.19 20.79 -21.28
N LYS A 294 -10.21 20.88 -22.18
CA LYS A 294 -9.99 22.11 -22.99
C LYS A 294 -11.02 22.18 -24.14
N ASN A 295 -11.45 21.05 -24.71
CA ASN A 295 -12.28 21.08 -25.95
C ASN A 295 -13.77 20.92 -25.63
N HIS A 296 -14.16 20.54 -24.41
CA HIS A 296 -15.56 20.21 -24.08
C HIS A 296 -15.95 20.93 -22.79
N PRO A 297 -16.30 22.23 -22.87
CA PRO A 297 -16.78 22.94 -21.69
C PRO A 297 -18.14 22.37 -21.21
N ASP A 298 -18.88 21.66 -22.06
CA ASP A 298 -20.24 21.12 -21.72
C ASP A 298 -20.15 19.70 -21.12
N ILE A 299 -18.96 19.13 -20.93
CA ILE A 299 -18.81 17.85 -20.18
C ILE A 299 -18.29 18.16 -18.78
N ILE A 300 -19.07 17.84 -17.75
CA ILE A 300 -18.66 18.06 -16.34
C ILE A 300 -18.03 16.76 -15.83
N PHE A 301 -16.77 16.86 -15.45
CA PHE A 301 -16.01 15.77 -14.77
C PHE A 301 -16.31 15.87 -13.29
N GLY A 302 -16.58 14.71 -12.68
CA GLY A 302 -16.69 14.56 -11.22
C GLY A 302 -15.74 13.49 -10.70
N LEU A 303 -15.42 13.56 -9.41
CA LEU A 303 -14.44 12.60 -8.82
C LEU A 303 -15.13 11.30 -8.39
N ASP A 304 -14.38 10.20 -8.47
CA ASP A 304 -14.78 8.90 -7.90
C ASP A 304 -13.97 8.69 -6.62
N HIS A 305 -14.52 9.04 -5.45
CA HIS A 305 -13.77 9.02 -4.16
C HIS A 305 -14.00 7.68 -3.49
N ILE A 306 -12.93 6.92 -3.28
CA ILE A 306 -12.95 5.64 -2.53
C ILE A 306 -11.91 5.71 -1.42
N PRO A 307 -12.18 6.46 -0.34
CA PRO A 307 -11.25 6.54 0.78
C PRO A 307 -11.05 5.25 1.59
N GLU A 308 -12.08 4.38 1.69
CA GLU A 308 -12.04 3.07 2.40
C GLU A 308 -11.91 3.22 3.94
N PHE A 309 -11.26 4.26 4.45
CA PHE A 309 -11.14 4.58 5.89
C PHE A 309 -10.98 6.11 5.95
N VAL A 310 -11.02 6.72 7.13
CA VAL A 310 -10.83 8.20 7.25
C VAL A 310 -9.91 8.44 8.43
N SER A 311 -8.63 8.66 8.10
CA SER A 311 -7.59 8.82 9.15
C SER A 311 -6.50 9.70 8.58
N PHE A 312 -5.49 9.98 9.40
CA PHE A 312 -4.36 10.81 8.95
C PHE A 312 -3.66 10.14 7.76
N ARG A 313 -3.74 8.82 7.67
CA ARG A 313 -3.06 8.06 6.58
C ARG A 313 -3.56 8.52 5.20
N ASN A 314 -4.80 9.01 5.09
CA ASN A 314 -5.37 9.39 3.77
C ASN A 314 -6.10 10.73 3.81
N ALA A 315 -5.95 11.56 4.86
CA ALA A 315 -6.78 12.76 5.12
C ALA A 315 -6.62 13.74 3.95
N HIS A 316 -5.44 13.74 3.36
CA HIS A 316 -5.00 14.78 2.39
C HIS A 316 -5.47 14.43 0.97
N SER A 317 -5.87 13.18 0.71
CA SER A 317 -6.15 12.71 -0.67
C SER A 317 -7.37 13.44 -1.23
N ASP A 318 -8.47 13.56 -0.46
CA ASP A 318 -9.74 14.13 -1.00
C ASP A 318 -9.54 15.63 -1.24
N LEU A 319 -8.86 16.36 -0.35
CA LEU A 319 -8.70 17.82 -0.56
C LEU A 319 -7.84 18.09 -1.81
N ALA A 320 -6.69 17.43 -1.92
CA ALA A 320 -5.76 17.58 -3.06
C ALA A 320 -6.50 17.24 -4.36
N CYS A 321 -7.29 16.15 -4.39
CA CYS A 321 -8.05 15.75 -5.60
C CYS A 321 -9.13 16.80 -5.90
N ASN A 322 -9.82 17.32 -4.89
CA ASN A 322 -10.86 18.35 -5.12
C ASN A 322 -10.20 19.59 -5.70
N LYS A 323 -9.02 19.92 -5.17
CA LYS A 323 -8.28 21.15 -5.56
C LYS A 323 -7.75 20.96 -6.99
N ILE A 324 -7.30 19.78 -7.34
CA ILE A 324 -6.75 19.50 -8.70
C ILE A 324 -7.88 19.50 -9.72
N LEU A 325 -9.05 18.93 -9.40
CA LEU A 325 -10.21 19.01 -10.33
C LEU A 325 -10.55 20.48 -10.55
N GLU A 326 -10.63 21.27 -9.47
CA GLU A 326 -10.93 22.71 -9.57
C GLU A 326 -9.91 23.38 -10.52
N ALA A 327 -8.63 23.09 -10.37
CA ALA A 327 -7.56 23.68 -11.20
C ALA A 327 -7.84 23.36 -12.69
N MET A 328 -8.30 22.16 -13.00
CA MET A 328 -8.45 21.73 -14.40
C MET A 328 -9.86 22.05 -14.92
N GLN A 329 -10.81 22.30 -14.03
CA GLN A 329 -12.24 22.55 -14.39
C GLN A 329 -12.75 23.71 -13.54
N PRO A 330 -12.14 24.91 -13.70
CA PRO A 330 -12.43 26.04 -12.82
C PRO A 330 -13.84 26.64 -12.97
N GLU A 331 -14.52 26.42 -14.10
CA GLU A 331 -15.86 26.99 -14.41
C GLU A 331 -17.01 26.04 -14.01
N ALA A 332 -16.76 24.84 -13.50
CA ALA A 332 -17.83 23.94 -13.01
C ALA A 332 -17.62 23.64 -11.53
N PRO A 333 -18.70 23.27 -10.83
CA PRO A 333 -18.58 22.88 -9.45
C PRO A 333 -17.76 21.59 -9.29
N VAL A 334 -17.01 21.51 -8.20
CA VAL A 334 -16.35 20.26 -7.73
C VAL A 334 -17.43 19.33 -7.19
N TRP A 335 -17.52 18.14 -7.74
CA TRP A 335 -18.52 17.17 -7.25
C TRP A 335 -17.98 15.75 -7.43
N ALA A 336 -18.58 14.81 -6.72
CA ALA A 336 -18.16 13.41 -6.71
C ALA A 336 -19.22 12.61 -7.45
N ALA A 337 -18.90 12.19 -8.67
CA ALA A 337 -19.75 11.30 -9.49
C ALA A 337 -20.00 9.99 -8.75
N GLU A 338 -18.98 9.48 -8.04
CA GLU A 338 -19.04 8.28 -7.17
C GLU A 338 -18.43 8.69 -5.83
N PHE A 339 -19.24 8.58 -4.79
CA PHE A 339 -18.94 9.09 -3.44
C PHE A 339 -19.17 7.95 -2.47
N GLN A 340 -18.08 7.37 -1.98
CA GLN A 340 -18.14 6.03 -1.34
C GLN A 340 -19.27 5.95 -0.29
N ALA A 341 -20.10 4.93 -0.50
CA ALA A 341 -21.15 4.47 0.41
C ALA A 341 -21.05 2.94 0.43
N GLY A 342 -20.76 2.36 1.59
CA GLY A 342 -20.44 0.92 1.71
C GLY A 342 -19.17 0.62 0.95
N THR A 343 -18.94 -0.66 0.64
CA THR A 343 -17.67 -1.15 0.07
C THR A 343 -17.96 -2.05 -1.13
N ARG A 344 -17.16 -1.89 -2.16
CA ARG A 344 -17.21 -2.72 -3.40
C ARG A 344 -16.71 -4.15 -3.12
N GLU A 345 -16.01 -4.38 -2.01
CA GLU A 345 -15.34 -5.70 -1.81
C GLU A 345 -15.40 -6.09 -0.33
N HIS A 346 -15.89 -7.31 -0.09
CA HIS A 346 -16.27 -7.80 1.26
C HIS A 346 -15.11 -7.68 2.27
N HIS A 347 -13.86 -7.87 1.84
CA HIS A 347 -12.65 -7.94 2.72
C HIS A 347 -12.08 -6.55 3.06
N VAL A 348 -12.66 -5.51 2.51
CA VAL A 348 -12.30 -4.09 2.76
C VAL A 348 -13.55 -3.37 3.31
N LYS A 349 -13.57 -3.18 4.61
CA LYS A 349 -14.76 -2.72 5.35
C LYS A 349 -14.90 -1.22 5.11
N ALA A 350 -16.14 -0.77 5.13
CA ALA A 350 -16.54 0.65 5.04
C ALA A 350 -17.46 0.89 6.23
N TYR A 351 -16.94 1.55 7.26
CA TYR A 351 -17.72 1.81 8.50
C TYR A 351 -18.50 3.13 8.34
N ALA A 352 -19.77 3.09 8.75
CA ALA A 352 -20.64 4.27 8.79
C ALA A 352 -19.90 5.39 9.53
N LYS A 353 -19.23 5.09 10.64
CA LYS A 353 -18.58 6.14 11.49
C LYS A 353 -17.39 6.75 10.74
N ASP A 354 -16.73 6.03 9.82
CA ASP A 354 -15.69 6.63 8.95
C ASP A 354 -16.37 7.50 7.89
N LEU A 355 -17.29 6.92 7.14
CA LEU A 355 -17.84 7.58 5.94
C LEU A 355 -18.60 8.84 6.35
N GLU A 356 -19.28 8.87 7.51
CA GLU A 356 -19.99 10.09 7.96
C GLU A 356 -18.98 11.23 8.08
N THR A 357 -17.81 10.96 8.64
CA THR A 357 -16.71 11.93 8.79
C THR A 357 -16.20 12.31 7.39
N PHE A 358 -16.01 11.35 6.50
CA PHE A 358 -15.57 11.66 5.12
C PHE A 358 -16.55 12.65 4.45
N TYR A 359 -17.85 12.44 4.68
CA TYR A 359 -18.88 13.29 4.04
C TYR A 359 -18.73 14.75 4.51
N ILE A 360 -18.59 14.94 5.81
CA ILE A 360 -18.44 16.28 6.44
C ILE A 360 -17.12 16.89 5.96
N ALA A 361 -16.02 16.14 6.02
CA ALA A 361 -14.70 16.59 5.53
C ALA A 361 -14.82 17.06 4.08
N SER A 362 -15.58 16.35 3.26
CA SER A 362 -15.78 16.68 1.82
C SER A 362 -16.45 18.05 1.73
N LEU A 363 -17.41 18.35 2.62
CA LEU A 363 -18.06 19.67 2.64
C LEU A 363 -17.00 20.70 3.03
N ALA A 364 -16.20 20.41 4.07
CA ALA A 364 -15.13 21.30 4.54
C ALA A 364 -14.18 21.57 3.35
N HIS A 365 -13.94 20.55 2.53
CA HIS A 365 -12.92 20.53 1.46
C HIS A 365 -13.56 20.99 0.14
N GLY A 366 -14.78 21.51 0.18
CA GLY A 366 -15.35 22.33 -0.90
C GLY A 366 -16.20 21.54 -1.89
N ILE A 367 -16.56 20.31 -1.60
CA ILE A 367 -17.45 19.54 -2.51
C ILE A 367 -18.81 20.27 -2.58
N LYS A 368 -19.42 20.27 -3.77
CA LYS A 368 -20.67 21.03 -4.06
C LYS A 368 -21.81 20.09 -4.45
N GLY A 369 -21.52 18.80 -4.55
CA GLY A 369 -22.47 17.79 -5.02
C GLY A 369 -21.86 16.42 -4.94
N PHE A 370 -22.66 15.38 -4.82
CA PHE A 370 -22.15 14.01 -4.80
C PHE A 370 -23.29 13.02 -5.02
N ASN A 371 -22.84 11.87 -5.42
CA ASN A 371 -23.67 10.69 -5.72
C ASN A 371 -23.12 9.56 -4.87
N TYR A 372 -23.86 9.22 -3.82
CA TYR A 372 -23.53 8.13 -2.88
C TYR A 372 -23.50 6.84 -3.70
N TYR A 373 -22.33 6.20 -3.72
CA TYR A 373 -22.02 5.01 -4.55
C TYR A 373 -21.43 3.94 -3.63
N MET A 374 -22.19 2.95 -3.14
CA MET A 374 -23.54 2.62 -3.56
C MET A 374 -24.53 3.03 -2.46
N PHE A 375 -25.60 3.73 -2.80
CA PHE A 375 -26.69 4.00 -1.84
C PHE A 375 -27.40 2.68 -1.54
N SER A 376 -27.74 1.94 -2.59
CA SER A 376 -28.42 0.63 -2.51
C SER A 376 -27.46 -0.47 -2.93
N GLN A 377 -27.38 -1.50 -2.08
CA GLN A 377 -26.74 -2.80 -2.43
C GLN A 377 -27.49 -3.42 -3.61
N GLY A 378 -26.83 -4.26 -4.40
CA GLY A 378 -27.48 -5.06 -5.43
C GLY A 378 -27.19 -6.53 -5.26
N ILE A 379 -28.01 -7.38 -5.88
CA ILE A 379 -27.69 -8.82 -6.09
C ILE A 379 -27.65 -9.04 -7.61
N ASN A 380 -26.53 -9.52 -8.09
CA ASN A 380 -26.33 -9.78 -9.53
C ASN A 380 -27.32 -10.84 -9.97
N PRO A 381 -28.15 -10.59 -11.01
CA PRO A 381 -29.00 -11.64 -11.55
C PRO A 381 -28.11 -12.50 -12.45
N GLU A 382 -28.53 -13.73 -12.75
CA GLU A 382 -28.09 -14.49 -13.97
C GLU A 382 -26.56 -14.54 -14.07
N GLY A 383 -25.83 -14.67 -12.95
CA GLY A 383 -24.35 -14.72 -12.91
C GLY A 383 -23.69 -13.46 -13.48
N LYS A 384 -24.35 -12.29 -13.49
CA LYS A 384 -23.77 -11.06 -14.09
C LYS A 384 -22.68 -10.45 -13.17
N GLY A 385 -22.46 -10.99 -11.96
CA GLY A 385 -21.46 -10.44 -11.03
C GLY A 385 -20.06 -10.87 -11.45
N PHE A 386 -19.12 -9.92 -11.58
CA PHE A 386 -17.77 -10.26 -12.08
C PHE A 386 -17.05 -11.13 -11.04
N TYR A 387 -17.16 -10.75 -9.75
CA TYR A 387 -16.37 -11.23 -8.60
C TYR A 387 -17.24 -12.01 -7.59
N GLY A 388 -18.56 -12.08 -7.78
CA GLY A 388 -19.48 -12.74 -6.84
C GLY A 388 -20.93 -12.30 -7.05
N LYS A 389 -21.85 -12.83 -6.25
CA LYS A 389 -23.33 -12.64 -6.38
C LYS A 389 -23.70 -11.26 -5.86
N THR A 390 -23.07 -10.79 -4.78
CA THR A 390 -23.52 -9.55 -4.11
C THR A 390 -22.72 -8.36 -4.64
N PHE A 391 -23.40 -7.27 -4.98
CA PHE A 391 -22.79 -5.99 -5.39
C PHE A 391 -22.85 -5.01 -4.22
N TYR A 392 -21.72 -4.82 -3.56
CA TYR A 392 -21.48 -3.85 -2.46
C TYR A 392 -22.02 -4.40 -1.14
N PHE A 393 -21.43 -3.88 -0.08
CA PHE A 393 -21.76 -4.25 1.30
C PHE A 393 -21.77 -2.96 2.13
N GLN A 394 -22.50 -2.99 3.25
CA GLN A 394 -22.47 -1.92 4.26
C GLN A 394 -22.92 -0.62 3.60
N THR A 395 -23.91 -0.73 2.74
CA THR A 395 -24.56 0.41 2.03
C THR A 395 -25.63 1.06 2.92
N ALA A 396 -26.38 2.04 2.40
CA ALA A 396 -27.51 2.72 3.09
C ALA A 396 -28.67 1.73 3.19
N LEU A 397 -28.94 1.03 2.08
CA LEU A 397 -30.00 0.01 1.95
C LEU A 397 -29.38 -1.31 1.52
N ASP A 398 -29.85 -2.43 2.07
CA ASP A 398 -29.48 -3.77 1.52
C ASP A 398 -30.30 -3.95 0.23
N ALA A 399 -30.01 -4.96 -0.56
CA ALA A 399 -30.70 -5.23 -1.86
C ALA A 399 -32.22 -5.31 -1.66
N ALA A 400 -32.66 -5.75 -0.48
CA ALA A 400 -34.09 -5.91 -0.14
C ALA A 400 -34.76 -4.59 0.28
N SER A 401 -34.00 -3.49 0.43
CA SER A 401 -34.47 -2.12 0.81
C SER A 401 -34.60 -1.95 2.32
N ASN A 402 -34.06 -2.88 3.13
CA ASN A 402 -33.86 -2.67 4.58
C ASN A 402 -32.85 -1.53 4.80
N LYS A 403 -33.14 -0.64 5.74
CA LYS A 403 -32.14 0.36 6.21
C LYS A 403 -31.01 -0.34 6.96
N LEU A 404 -29.77 -0.04 6.58
CA LEU A 404 -28.52 -0.42 7.28
C LEU A 404 -27.99 0.80 8.06
N ALA A 405 -26.95 0.61 8.87
CA ALA A 405 -26.37 1.68 9.74
C ALA A 405 -26.07 2.95 8.95
N LEU A 406 -25.57 2.85 7.71
CA LEU A 406 -25.11 4.03 6.96
C LEU A 406 -26.31 4.93 6.63
N TYR A 407 -27.54 4.38 6.56
CA TYR A 407 -28.75 5.17 6.17
C TYR A 407 -28.87 6.37 7.11
N ASP A 408 -28.71 6.15 8.42
CA ASP A 408 -28.81 7.23 9.43
C ASP A 408 -27.70 8.27 9.24
N SER A 409 -26.49 7.84 8.89
CA SER A 409 -25.37 8.79 8.67
C SER A 409 -25.70 9.71 7.50
N ILE A 410 -26.17 9.11 6.38
CA ILE A 410 -26.54 9.89 5.15
C ILE A 410 -27.70 10.86 5.47
N LYS A 411 -28.70 10.39 6.20
CA LYS A 411 -29.85 11.23 6.60
C LYS A 411 -29.37 12.41 7.43
N LYS A 412 -28.45 12.20 8.39
CA LYS A 412 -27.86 13.28 9.23
C LYS A 412 -27.11 14.29 8.36
N VAL A 413 -26.23 13.81 7.48
CA VAL A 413 -25.42 14.75 6.65
C VAL A 413 -26.36 15.54 5.73
N ASN A 414 -27.26 14.84 5.03
CA ASN A 414 -28.19 15.46 4.06
C ASN A 414 -29.05 16.52 4.79
N ARG A 415 -29.50 16.20 6.01
CA ARG A 415 -30.32 17.14 6.79
C ARG A 415 -29.53 18.44 7.01
N PHE A 416 -28.27 18.35 7.41
CA PHE A 416 -27.38 19.53 7.58
C PHE A 416 -27.27 20.26 6.23
N ILE A 417 -26.98 19.55 5.14
CA ILE A 417 -26.79 20.15 3.78
C ILE A 417 -28.07 20.87 3.36
N ARG A 418 -29.25 20.25 3.51
CA ARG A 418 -30.51 20.95 3.11
C ARG A 418 -30.74 22.18 3.98
N LYS A 419 -30.43 22.15 5.26
CA LYS A 419 -30.63 23.33 6.13
C LYS A 419 -29.69 24.47 5.68
N GLU A 420 -28.48 24.17 5.21
CA GLU A 420 -27.37 25.14 5.13
C GLU A 420 -26.99 25.47 3.69
N GLN A 421 -27.53 24.76 2.68
CA GLN A 421 -26.97 24.76 1.31
C GLN A 421 -26.94 26.18 0.75
N LYS A 422 -27.96 26.98 1.05
CA LYS A 422 -28.15 28.39 0.57
C LYS A 422 -26.91 29.23 0.90
N ASP A 423 -26.41 29.16 2.14
CA ASP A 423 -25.16 29.88 2.55
C ASP A 423 -23.94 29.02 2.17
N LEU A 424 -23.96 27.74 2.56
CA LEU A 424 -22.76 26.86 2.58
C LEU A 424 -22.20 26.81 1.15
N LEU A 425 -23.08 26.72 0.15
CA LEU A 425 -22.63 26.58 -1.25
C LEU A 425 -21.92 27.87 -1.71
N ARG A 426 -22.29 29.01 -1.11
CA ARG A 426 -21.70 30.32 -1.44
C ARG A 426 -20.46 30.60 -0.59
N THR A 427 -20.02 29.68 0.27
CA THR A 427 -18.88 29.98 1.15
C THR A 427 -17.57 29.63 0.42
N ASN A 428 -16.54 30.39 0.76
CA ASN A 428 -15.14 30.15 0.30
C ASN A 428 -14.27 30.04 1.55
N VAL A 429 -13.11 29.42 1.40
CA VAL A 429 -11.98 29.55 2.35
C VAL A 429 -11.10 30.71 1.86
N ASN A 430 -10.40 31.39 2.76
CA ASN A 430 -9.47 32.50 2.42
C ASN A 430 -8.07 31.89 2.13
N SER A 431 -7.78 31.56 0.88
CA SER A 431 -6.49 30.95 0.50
C SER A 431 -5.52 32.06 0.16
N GLU A 432 -4.41 32.18 0.88
CA GLU A 432 -3.35 33.16 0.54
C GLU A 432 -2.17 32.48 -0.18
N ILE A 433 -2.30 31.18 -0.36
CA ILE A 433 -1.23 30.31 -0.93
C ILE A 433 -1.79 29.70 -2.19
N CYS A 434 -1.06 29.82 -3.29
CA CYS A 434 -1.41 29.14 -4.55
C CYS A 434 -0.31 28.11 -4.80
N VAL A 435 -0.70 26.90 -5.16
CA VAL A 435 0.27 25.84 -5.56
C VAL A 435 0.09 25.57 -7.05
N GLY A 436 1.19 25.63 -7.78
CA GLY A 436 1.21 25.42 -9.23
C GLY A 436 1.02 23.96 -9.60
N PHE A 437 0.12 23.71 -10.55
CA PHE A 437 -0.12 22.40 -11.18
C PHE A 437 0.52 22.43 -12.58
N TYR A 438 1.65 21.75 -12.70
CA TYR A 438 2.44 21.69 -13.96
C TYR A 438 2.20 20.34 -14.61
N LYS A 439 1.25 20.31 -15.55
CA LYS A 439 0.62 19.05 -15.98
C LYS A 439 1.64 18.13 -16.62
N PRO A 440 2.62 18.63 -17.42
CA PRO A 440 3.60 17.74 -18.02
C PRO A 440 4.34 16.82 -17.05
N TYR A 441 4.47 17.22 -15.77
CA TYR A 441 5.12 16.29 -14.78
C TYR A 441 4.26 15.06 -14.56
N PHE A 442 2.96 15.13 -14.82
CA PHE A 442 1.97 14.04 -14.60
C PHE A 442 1.85 13.15 -15.85
N PHE A 443 2.47 13.57 -16.97
CA PHE A 443 2.31 12.86 -18.26
C PHE A 443 3.29 11.69 -18.30
N THR A 444 3.09 10.70 -17.43
CA THR A 444 4.00 9.53 -17.37
C THR A 444 3.26 8.19 -17.35
N GLU A 445 1.95 8.14 -17.60
CA GLU A 445 1.16 6.87 -17.46
C GLU A 445 1.67 5.77 -18.40
N LEU A 446 2.38 6.12 -19.48
CA LEU A 446 2.96 5.12 -20.45
C LEU A 446 4.31 4.59 -19.95
N ILE A 447 4.99 5.27 -19.03
CA ILE A 447 6.43 5.01 -18.73
C ILE A 447 6.74 4.88 -17.24
N SER A 448 5.94 5.47 -16.36
CA SER A 448 6.23 5.46 -14.91
C SER A 448 4.96 5.72 -14.11
N SER A 449 4.51 4.72 -13.35
CA SER A 449 3.33 4.83 -12.46
C SER A 449 3.38 3.72 -11.43
N GLN A 450 2.59 3.87 -10.35
CA GLN A 450 2.34 2.84 -9.32
C GLN A 450 1.80 1.57 -10.00
N LEU A 451 1.05 1.67 -11.09
CA LEU A 451 0.41 0.48 -11.69
C LEU A 451 1.13 -0.09 -12.91
N LEU A 452 2.02 0.65 -13.55
CA LEU A 452 2.64 0.18 -14.83
C LEU A 452 3.57 -1.00 -14.51
N LYS A 453 3.49 -2.11 -15.25
CA LYS A 453 4.26 -3.33 -14.90
C LYS A 453 5.74 -2.99 -15.04
N GLU A 454 6.06 -2.27 -16.09
CA GLU A 454 7.45 -2.00 -16.54
C GLU A 454 7.81 -0.59 -16.08
N LYS A 455 8.94 -0.41 -15.40
CA LYS A 455 9.50 0.95 -15.20
C LYS A 455 10.30 1.33 -16.46
N LYS A 456 9.75 2.17 -17.32
CA LYS A 456 10.40 2.61 -18.57
C LYS A 456 11.23 3.87 -18.34
N LEU A 457 10.98 4.65 -17.28
CA LEU A 457 11.66 5.95 -17.07
C LEU A 457 12.66 5.86 -15.90
N ASN A 458 13.95 6.01 -16.22
CA ASN A 458 15.06 6.11 -15.24
C ASN A 458 15.81 7.39 -15.59
N VAL A 459 15.54 8.48 -14.87
CA VAL A 459 16.01 9.83 -15.30
C VAL A 459 17.54 9.88 -15.21
N GLU A 460 18.15 9.09 -14.32
CA GLU A 460 19.62 9.02 -14.15
C GLU A 460 20.23 8.66 -15.51
N GLU A 461 19.58 7.81 -16.31
CA GLU A 461 20.09 7.42 -17.65
C GLU A 461 20.06 8.61 -18.60
N LEU A 462 19.33 9.68 -18.27
CA LEU A 462 19.21 10.88 -19.12
C LEU A 462 20.11 12.00 -18.59
N GLY A 463 20.92 11.74 -17.57
CA GLY A 463 21.74 12.77 -16.91
C GLY A 463 20.89 13.71 -16.08
N LEU A 464 19.75 13.22 -15.58
CA LEU A 464 18.86 13.99 -14.66
C LEU A 464 18.89 13.31 -13.28
N TYR A 465 18.40 13.96 -12.23
CA TYR A 465 18.26 13.29 -10.90
C TYR A 465 16.88 13.51 -10.28
N ILE A 466 16.04 14.40 -10.81
CA ILE A 466 14.69 14.65 -10.23
C ILE A 466 13.63 13.97 -11.09
N ASP A 467 13.19 12.81 -10.66
CA ASP A 467 12.09 12.04 -11.29
C ASP A 467 10.78 12.81 -11.12
N PRO A 468 10.04 13.07 -12.21
CA PRO A 468 8.82 13.89 -12.14
C PRO A 468 7.73 13.19 -11.34
N ARG A 469 7.67 11.86 -11.40
CA ARG A 469 6.67 11.10 -10.60
C ARG A 469 7.03 11.12 -9.10
N PHE A 470 8.29 10.89 -8.73
CA PHE A 470 8.78 11.09 -7.35
C PHE A 470 8.43 12.52 -6.89
N LEU A 471 8.73 13.55 -7.72
CA LEU A 471 8.39 14.95 -7.38
C LEU A 471 6.89 15.04 -7.07
N ARG A 472 6.03 14.67 -8.02
CA ARG A 472 4.59 15.02 -7.94
C ARG A 472 3.90 14.17 -6.85
N GLU A 473 4.40 12.96 -6.53
CA GLU A 473 3.84 12.08 -5.46
C GLU A 473 4.35 12.49 -4.06
N GLU A 474 5.66 12.53 -3.87
CA GLU A 474 6.30 12.67 -2.52
C GLU A 474 6.53 14.13 -2.20
N ILE A 475 6.98 14.93 -3.17
CA ILE A 475 7.34 16.33 -2.83
C ILE A 475 6.07 17.19 -2.85
N LEU A 476 5.17 16.97 -3.83
CA LEU A 476 3.88 17.72 -3.97
C LEU A 476 2.73 17.06 -3.18
N PHE A 477 2.21 15.89 -3.60
CA PHE A 477 0.91 15.33 -3.12
C PHE A 477 1.01 14.88 -1.65
N ASN A 478 1.99 14.03 -1.36
CA ASN A 478 2.18 13.49 0.01
C ASN A 478 3.05 14.45 0.82
N GLY A 479 3.60 15.50 0.20
CA GLY A 479 4.54 16.45 0.82
C GLY A 479 3.90 17.78 1.13
N LEU A 480 4.07 18.77 0.23
CA LEU A 480 3.57 20.14 0.36
C LEU A 480 2.05 20.15 0.63
N LEU A 481 1.23 19.48 -0.19
CA LEU A 481 -0.26 19.55 -0.05
C LEU A 481 -0.63 18.94 1.31
N ARG A 482 -0.04 17.80 1.67
CA ARG A 482 -0.31 17.15 2.96
C ARG A 482 0.12 18.08 4.12
N GLY A 483 1.27 18.71 4.01
CA GLY A 483 1.87 19.55 5.06
C GLY A 483 1.03 20.78 5.27
N LEU A 484 0.59 21.42 4.19
CA LEU A 484 -0.28 22.62 4.31
C LEU A 484 -1.60 22.23 5.01
N GLN A 485 -2.22 21.14 4.59
CA GLN A 485 -3.51 20.71 5.19
C GLN A 485 -3.30 20.38 6.67
N THR A 486 -2.22 19.69 7.01
CA THR A 486 -1.92 19.29 8.40
C THR A 486 -1.70 20.55 9.26
N LEU A 487 -1.02 21.56 8.69
CA LEU A 487 -0.73 22.85 9.38
C LEU A 487 -1.94 23.78 9.35
N ASN A 488 -3.02 23.41 8.65
CA ASN A 488 -4.27 24.20 8.60
C ASN A 488 -4.01 25.53 7.87
N TYR A 489 -3.18 25.50 6.83
CA TYR A 489 -3.03 26.62 5.87
C TYR A 489 -3.87 26.30 4.64
N ASN A 490 -4.85 27.16 4.35
CA ASN A 490 -5.66 27.08 3.12
C ASN A 490 -4.77 27.27 1.88
N TYR A 491 -4.98 26.45 0.86
CA TYR A 491 -4.27 26.63 -0.43
C TYR A 491 -5.26 26.39 -1.58
N ASP A 492 -4.98 27.07 -2.68
CA ASP A 492 -5.63 26.80 -4.00
C ASP A 492 -4.59 26.16 -4.89
N VAL A 493 -5.04 25.43 -5.91
CA VAL A 493 -4.18 24.87 -6.98
C VAL A 493 -4.57 25.58 -8.27
N VAL A 494 -3.60 26.02 -9.07
CA VAL A 494 -3.89 26.67 -10.39
C VAL A 494 -3.09 25.93 -11.48
N ASP A 495 -3.78 25.57 -12.57
CA ASP A 495 -3.15 24.96 -13.76
C ASP A 495 -2.24 26.03 -14.41
N LEU A 496 -0.94 25.75 -14.53
CA LEU A 496 0.01 26.75 -15.09
C LEU A 496 -0.16 26.88 -16.63
N GLU A 497 -0.87 25.98 -17.30
CA GLU A 497 -1.01 26.07 -18.78
C GLU A 497 -1.94 27.22 -19.15
N ASN A 498 -1.49 28.15 -20.02
CA ASN A 498 -2.29 29.31 -20.52
C ASN A 498 -2.84 30.07 -19.32
N CYS A 499 -2.07 30.14 -18.25
CA CYS A 499 -2.53 30.72 -16.97
C CYS A 499 -2.46 32.26 -17.07
N ASP A 500 -3.53 32.94 -16.67
CA ASP A 500 -3.60 34.43 -16.59
C ASP A 500 -2.71 34.88 -15.42
N LEU A 501 -1.72 35.77 -15.64
CA LEU A 501 -0.93 36.40 -14.55
C LEU A 501 -1.87 37.00 -13.50
N LYS A 502 -2.95 37.61 -13.98
CA LYS A 502 -4.02 38.23 -13.17
C LYS A 502 -4.53 37.23 -12.12
N SER A 503 -4.70 35.95 -12.46
CA SER A 503 -5.25 34.95 -11.51
C SER A 503 -4.17 34.32 -10.61
N LEU A 504 -2.93 34.85 -10.60
CA LEU A 504 -1.90 34.47 -9.58
C LEU A 504 -1.64 35.62 -8.61
N THR A 505 -1.87 36.88 -9.00
CA THR A 505 -1.46 38.09 -8.22
C THR A 505 -2.36 38.25 -6.99
N ALA A 506 -3.49 37.55 -6.94
CA ALA A 506 -4.40 37.51 -5.77
C ALA A 506 -3.67 36.96 -4.52
N TYR A 507 -2.70 36.06 -4.67
CA TYR A 507 -2.14 35.25 -3.55
C TYR A 507 -0.96 35.98 -2.91
N LYS A 508 -0.72 35.77 -1.63
CA LYS A 508 0.52 36.24 -0.95
C LYS A 508 1.73 35.43 -1.45
N GLN A 509 1.57 34.11 -1.66
CA GLN A 509 2.65 33.23 -2.15
C GLN A 509 2.16 32.26 -3.23
N LEU A 510 2.99 32.08 -4.26
CA LEU A 510 2.91 31.01 -5.28
C LEU A 510 4.03 29.99 -5.00
N TRP A 511 3.66 28.75 -4.79
CA TRP A 511 4.59 27.62 -4.56
C TRP A 511 4.68 26.78 -5.82
N ILE A 512 5.89 26.62 -6.36
CA ILE A 512 6.15 25.77 -7.55
C ILE A 512 7.10 24.65 -7.10
N THR A 513 6.67 23.40 -7.21
CA THR A 513 7.53 22.21 -7.04
C THR A 513 8.08 21.87 -8.42
N SER A 514 9.37 22.11 -8.63
CA SER A 514 9.96 22.11 -10.00
C SER A 514 10.97 20.95 -10.17
N ALA A 515 10.95 20.30 -11.33
CA ALA A 515 12.00 19.35 -11.77
C ALA A 515 13.08 20.14 -12.53
N GLU A 516 14.01 19.46 -13.19
CA GLU A 516 15.06 20.16 -13.98
C GLU A 516 14.49 20.66 -15.32
N PHE A 517 13.25 20.33 -15.66
CA PHE A 517 12.64 20.67 -16.97
C PHE A 517 11.33 21.40 -16.74
N MET A 518 11.02 22.34 -17.62
CA MET A 518 9.81 23.19 -17.57
C MET A 518 9.77 23.98 -18.88
N ASP A 519 8.60 24.08 -19.53
CA ASP A 519 8.50 24.67 -20.89
C ASP A 519 8.75 26.17 -20.79
N ALA A 520 9.15 26.75 -21.91
CA ALA A 520 9.45 28.20 -22.04
C ALA A 520 8.27 29.02 -21.51
N GLU A 521 7.03 28.64 -21.85
CA GLU A 521 5.81 29.42 -21.51
C GLU A 521 5.72 29.54 -19.99
N THR A 522 5.93 28.44 -19.27
CA THR A 522 5.79 28.42 -17.80
C THR A 522 6.97 29.19 -17.16
N GLN A 523 8.18 29.02 -17.71
CA GLN A 523 9.39 29.72 -17.21
C GLN A 523 9.15 31.22 -17.33
N ASN A 524 8.61 31.69 -18.46
CA ASN A 524 8.28 33.14 -18.69
C ASN A 524 7.20 33.60 -17.72
N LEU A 525 6.10 32.87 -17.62
CA LEU A 525 5.00 33.21 -16.68
C LEU A 525 5.54 33.39 -15.25
N LEU A 526 6.36 32.47 -14.75
CA LEU A 526 6.84 32.59 -13.34
C LEU A 526 7.80 33.78 -13.26
N SER A 527 8.57 34.06 -14.30
CA SER A 527 9.48 35.24 -14.38
C SER A 527 8.67 36.52 -14.24
N GLU A 528 7.64 36.67 -15.09
CA GLU A 528 6.75 37.86 -15.09
C GLU A 528 6.08 37.96 -13.71
N PHE A 529 5.65 36.83 -13.14
CA PHE A 529 4.93 36.84 -11.84
C PHE A 529 5.80 37.54 -10.78
N VAL A 530 7.07 37.18 -10.67
CA VAL A 530 7.97 37.78 -9.64
C VAL A 530 8.28 39.24 -10.00
N LEU A 531 8.69 39.49 -11.25
CA LEU A 531 9.12 40.85 -11.66
C LEU A 531 7.99 41.85 -11.37
N ASN A 532 6.72 41.47 -11.59
CA ASN A 532 5.56 42.38 -11.46
C ASN A 532 5.08 42.46 -10.01
N GLY A 533 5.65 41.69 -9.07
CA GLY A 533 5.40 41.84 -7.62
C GLY A 533 4.98 40.57 -6.89
N GLY A 534 5.00 39.40 -7.54
CA GLY A 534 4.64 38.12 -6.90
C GLY A 534 5.72 37.61 -5.96
N ASN A 535 5.33 36.80 -4.97
CA ASN A 535 6.23 36.12 -4.02
C ASN A 535 6.25 34.65 -4.41
N LEU A 536 7.38 34.20 -4.93
CA LEU A 536 7.54 32.82 -5.46
C LEU A 536 8.42 32.00 -4.51
N ILE A 537 7.94 30.80 -4.19
CA ILE A 537 8.73 29.74 -3.50
C ILE A 537 8.94 28.61 -4.50
N LEU A 538 10.18 28.30 -4.79
CA LEU A 538 10.53 27.35 -5.86
C LEU A 538 11.56 26.38 -5.30
N TYR A 539 11.30 25.09 -5.49
CA TYR A 539 12.17 23.97 -5.02
C TYR A 539 11.68 22.70 -5.71
N PRO A 540 12.48 21.62 -5.81
CA PRO A 540 13.89 21.61 -5.38
C PRO A 540 14.93 22.08 -6.43
N ALA A 541 14.46 22.55 -7.58
CA ALA A 541 15.38 22.87 -8.70
C ALA A 541 14.86 24.10 -9.46
N VAL A 542 15.76 25.06 -9.68
CA VAL A 542 15.69 25.95 -10.87
C VAL A 542 15.75 25.05 -12.10
N PRO A 543 14.72 25.00 -12.95
CA PRO A 543 14.80 24.18 -14.17
C PRO A 543 15.77 24.80 -15.19
N THR A 544 16.39 23.99 -16.06
CA THR A 544 17.35 24.46 -17.10
C THR A 544 17.03 23.80 -18.45
N LEU A 545 16.02 22.95 -18.51
CA LEU A 545 15.61 22.24 -19.74
C LEU A 545 14.12 22.52 -20.02
N ASP A 546 13.69 22.25 -21.24
CA ASP A 546 12.26 22.30 -21.64
C ASP A 546 11.70 20.87 -21.55
N ASN A 547 10.46 20.65 -22.01
CA ASN A 547 9.77 19.36 -21.84
C ASN A 547 10.41 18.27 -22.71
N TYR A 548 11.26 18.66 -23.68
CA TYR A 548 12.00 17.73 -24.59
C TYR A 548 13.45 17.60 -24.10
N LEU A 549 13.75 18.21 -22.96
CA LEU A 549 15.05 18.13 -22.28
C LEU A 549 16.11 18.83 -23.15
N ASN A 550 15.71 19.82 -23.93
CA ASN A 550 16.66 20.75 -24.61
C ASN A 550 16.84 21.96 -23.69
N ARG A 551 17.95 22.66 -23.87
CA ARG A 551 18.35 23.85 -23.06
C ARG A 551 17.16 24.81 -22.99
N CYS A 552 16.78 25.24 -21.80
CA CYS A 552 15.87 26.40 -21.58
C CYS A 552 16.17 27.02 -20.21
N GLU A 553 16.90 28.14 -20.22
CA GLU A 553 17.46 28.77 -19.00
C GLU A 553 16.79 30.13 -18.75
N ILE A 554 15.58 30.27 -19.27
CA ILE A 554 14.81 31.55 -19.21
C ILE A 554 14.64 31.99 -17.74
N LEU A 555 14.12 31.12 -16.89
CA LEU A 555 13.83 31.49 -15.48
C LEU A 555 15.15 31.69 -14.74
N LYS A 556 16.10 30.79 -14.89
CA LYS A 556 17.43 30.95 -14.27
C LYS A 556 18.00 32.33 -14.62
N ASN A 557 17.99 32.69 -15.90
CA ASN A 557 18.59 33.98 -16.36
C ASN A 557 17.76 35.14 -15.85
N ASN A 558 16.42 35.05 -15.92
CA ASN A 558 15.53 36.17 -15.53
C ASN A 558 15.71 36.44 -14.05
N PHE A 559 16.05 35.42 -13.24
CA PHE A 559 16.16 35.55 -11.76
C PHE A 559 17.60 35.78 -11.31
N GLY A 560 18.54 35.80 -12.26
CA GLY A 560 19.97 36.07 -12.04
C GLY A 560 20.55 35.10 -11.06
N ILE A 561 20.22 33.83 -11.26
CA ILE A 561 20.69 32.67 -10.45
C ILE A 561 21.87 32.02 -11.16
N GLU A 562 22.97 31.80 -10.44
CA GLU A 562 24.06 30.88 -10.83
C GLU A 562 24.06 29.72 -9.86
N PHE A 563 24.24 28.50 -10.33
CA PHE A 563 24.31 27.33 -9.42
C PHE A 563 25.21 26.26 -10.03
N ILE A 564 25.79 25.45 -9.16
CA ILE A 564 26.47 24.20 -9.54
C ILE A 564 25.71 23.08 -8.83
N THR A 565 25.56 21.92 -9.44
CA THR A 565 24.93 20.75 -8.78
C THR A 565 26.05 19.98 -8.08
N LYS A 566 26.02 19.82 -6.75
CA LYS A 566 27.08 19.07 -6.01
C LYS A 566 26.42 18.02 -5.11
N ASP A 567 27.15 16.93 -4.85
CA ASP A 567 26.79 15.84 -3.91
C ASP A 567 27.08 16.30 -2.48
N SER A 568 26.16 16.03 -1.55
CA SER A 568 26.37 16.19 -0.09
C SER A 568 25.46 15.24 0.66
N SER A 569 25.67 15.18 1.95
CA SER A 569 24.73 14.59 2.93
C SER A 569 23.28 14.96 2.55
N HIS A 570 22.35 14.03 2.76
CA HIS A 570 20.87 14.26 2.62
C HIS A 570 20.41 15.38 3.55
N LYS A 571 21.08 15.59 4.67
CA LYS A 571 20.65 16.59 5.67
C LYS A 571 21.21 17.97 5.32
N VAL A 572 20.34 18.97 5.41
CA VAL A 572 20.66 20.42 5.28
C VAL A 572 20.14 21.13 6.53
N SER A 573 20.60 22.36 6.73
CA SER A 573 19.94 23.33 7.62
C SER A 573 19.21 24.34 6.73
N ALA A 574 17.98 24.71 7.11
CA ALA A 574 17.18 25.73 6.41
C ALA A 574 16.51 26.60 7.47
N PHE A 575 16.67 27.92 7.36
CA PHE A 575 16.01 28.92 8.24
C PHE A 575 16.29 28.59 9.71
N GLY A 576 17.47 28.05 10.04
CA GLY A 576 17.85 27.72 11.42
C GLY A 576 17.36 26.34 11.86
N ILE A 577 16.57 25.65 11.04
CA ILE A 577 16.14 24.25 11.34
C ILE A 577 17.28 23.35 10.89
N GLU A 578 17.87 22.61 11.83
CA GLU A 578 19.00 21.67 11.56
C GLU A 578 18.46 20.31 11.16
N ASP A 579 19.24 19.54 10.42
CA ASP A 579 18.96 18.10 10.18
C ASP A 579 17.62 17.98 9.46
N VAL A 580 17.39 18.89 8.51
CA VAL A 580 16.27 18.71 7.55
C VAL A 580 16.69 17.63 6.56
N PHE A 581 16.05 16.46 6.60
CA PHE A 581 16.40 15.34 5.70
C PHE A 581 15.85 15.68 4.30
N THR A 582 16.69 15.65 3.27
CA THR A 582 16.29 15.92 1.87
C THR A 582 16.45 14.65 1.03
N ALA A 583 15.71 14.56 -0.07
CA ALA A 583 15.55 13.33 -0.86
C ALA A 583 16.83 12.99 -1.64
N PHE A 584 17.63 13.97 -2.07
CA PHE A 584 18.76 13.73 -3.01
C PHE A 584 20.09 14.16 -2.39
N SER A 585 21.11 13.37 -2.64
CA SER A 585 22.52 13.74 -2.35
C SER A 585 22.87 14.99 -3.18
N LYS A 586 22.50 15.00 -4.46
CA LYS A 586 22.73 16.15 -5.36
C LYS A 586 21.84 17.31 -4.95
N LYS A 587 22.41 18.51 -4.89
CA LYS A 587 21.66 19.74 -4.57
C LYS A 587 22.15 20.86 -5.46
N GLN A 588 21.35 21.91 -5.58
CA GLN A 588 21.75 23.16 -6.27
C GLN A 588 22.46 24.03 -5.25
N ILE A 589 23.70 24.39 -5.56
CA ILE A 589 24.54 25.33 -4.75
C ILE A 589 24.54 26.70 -5.43
N TYR A 590 23.98 27.69 -4.77
CA TYR A 590 23.79 29.04 -5.33
C TYR A 590 24.92 29.92 -4.84
N ASN A 591 25.36 30.87 -5.64
CA ASN A 591 26.23 31.89 -5.02
C ASN A 591 25.30 32.98 -4.49
N ASP A 592 25.93 33.75 -3.61
CA ASP A 592 25.42 34.65 -2.57
C ASP A 592 25.06 36.02 -3.17
N THR A 593 25.14 36.17 -4.49
CA THR A 593 25.06 37.49 -5.19
C THR A 593 23.66 38.08 -5.00
N ASN A 594 23.57 39.27 -4.41
CA ASN A 594 22.30 40.04 -4.29
C ASN A 594 21.22 39.16 -3.68
N SER A 595 21.56 38.38 -2.65
CA SER A 595 20.66 37.36 -2.07
C SER A 595 20.99 37.14 -0.59
N LYS A 596 20.04 36.62 0.16
CA LYS A 596 20.25 36.22 1.57
C LYS A 596 20.27 34.70 1.60
N PRO A 597 21.41 34.06 1.92
CA PRO A 597 21.49 32.61 2.04
C PRO A 597 20.75 32.15 3.30
N ILE A 598 19.90 31.14 3.17
CA ILE A 598 18.95 30.74 4.24
C ILE A 598 18.97 29.22 4.37
N ALA A 599 19.81 28.54 3.61
CA ALA A 599 19.97 27.07 3.71
C ALA A 599 21.39 26.67 3.31
N PHE A 600 21.93 25.66 4.01
CA PHE A 600 23.37 25.28 4.00
C PHE A 600 23.46 23.75 4.07
N THR A 601 24.34 23.20 3.24
CA THR A 601 24.68 21.75 3.23
C THR A 601 25.55 21.45 4.46
N GLN A 602 25.82 20.18 4.72
CA GLN A 602 26.69 19.77 5.84
C GLN A 602 28.08 20.39 5.70
N GLU A 603 28.50 20.81 4.49
CA GLU A 603 29.82 21.50 4.28
C GLU A 603 29.63 23.03 4.25
N ASN A 604 28.45 23.49 4.62
CA ASN A 604 28.08 24.93 4.73
C ASN A 604 28.04 25.62 3.36
N GLU A 605 27.86 24.86 2.27
CA GLU A 605 27.58 25.44 0.92
C GLU A 605 26.12 25.87 0.87
N ILE A 606 25.83 26.92 0.11
CA ILE A 606 24.51 27.60 0.06
C ILE A 606 23.60 26.79 -0.86
N CYS A 607 22.55 26.18 -0.30
CA CYS A 607 21.56 25.40 -1.06
C CYS A 607 20.15 26.03 -0.93
N GLY A 608 20.07 27.30 -0.59
CA GLY A 608 18.82 28.07 -0.61
C GLY A 608 19.07 29.53 -0.36
N ILE A 609 18.32 30.40 -1.05
CA ILE A 609 18.52 31.87 -1.01
C ILE A 609 17.18 32.55 -1.16
N ARG A 610 17.12 33.77 -0.66
CA ARG A 610 15.98 34.69 -0.79
C ARG A 610 16.50 35.94 -1.50
N LYS A 611 15.72 36.50 -2.41
CA LYS A 611 16.12 37.75 -3.09
C LYS A 611 14.89 38.49 -3.56
N LYS A 612 15.10 39.78 -3.76
CA LYS A 612 14.14 40.72 -4.34
C LYS A 612 14.54 40.86 -5.80
N ILE A 613 13.53 40.73 -6.66
CA ILE A 613 13.67 40.82 -8.13
C ILE A 613 12.53 41.68 -8.65
N GLY A 614 12.86 42.83 -9.24
CA GLY A 614 11.85 43.85 -9.56
C GLY A 614 11.01 44.11 -8.33
N LYS A 615 9.69 43.99 -8.43
CA LYS A 615 8.77 44.30 -7.31
C LYS A 615 8.49 43.07 -6.44
N GLY A 616 8.97 41.88 -6.83
CA GLY A 616 8.62 40.58 -6.22
C GLY A 616 9.74 40.03 -5.35
N GLU A 617 9.48 38.85 -4.79
CA GLU A 617 10.37 38.13 -3.86
C GLU A 617 10.51 36.72 -4.39
N LEU A 618 11.72 36.19 -4.29
CA LEU A 618 12.00 34.79 -4.71
C LEU A 618 12.66 34.06 -3.56
N THR A 619 12.16 32.87 -3.23
CA THR A 619 12.81 31.93 -2.29
C THR A 619 13.09 30.65 -3.08
N ILE A 620 14.36 30.29 -3.29
CA ILE A 620 14.73 29.03 -3.98
C ILE A 620 15.41 28.15 -2.94
N LEU A 621 15.00 26.88 -2.92
CA LEU A 621 15.66 25.81 -2.13
C LEU A 621 16.17 24.76 -3.13
N GLY A 622 17.49 24.53 -3.12
CA GLY A 622 18.17 23.59 -4.03
C GLY A 622 18.16 22.17 -3.49
N PHE A 623 17.09 21.77 -2.80
CA PHE A 623 16.96 20.43 -2.17
C PHE A 623 15.48 20.06 -2.11
N ALA A 624 15.22 18.76 -1.98
CA ALA A 624 13.89 18.16 -2.10
C ALA A 624 13.44 17.68 -0.71
N PHE A 625 12.28 18.14 -0.25
CA PHE A 625 11.68 17.67 1.02
C PHE A 625 10.19 17.56 0.78
N GLY A 626 9.62 16.49 1.30
CA GLY A 626 8.17 16.28 1.35
C GLY A 626 7.67 16.46 2.77
N TYR A 627 6.97 15.46 3.29
CA TYR A 627 6.58 15.43 4.71
C TYR A 627 6.83 14.01 5.22
N THR A 628 8.06 13.77 5.65
CA THR A 628 8.53 12.48 6.18
C THR A 628 9.21 12.71 7.53
N SER A 629 9.11 13.91 8.10
CA SER A 629 9.69 14.23 9.43
C SER A 629 9.06 15.49 10.03
N ASP A 630 9.27 15.75 11.31
CA ASP A 630 8.74 16.95 11.99
C ASP A 630 9.46 18.17 11.39
N GLU A 631 10.73 18.03 10.98
CA GLU A 631 11.47 19.21 10.46
C GLU A 631 10.73 19.72 9.22
N HIS A 632 10.12 18.84 8.45
CA HIS A 632 9.49 19.22 7.17
C HIS A 632 8.31 20.16 7.42
N LEU A 633 7.48 19.82 8.43
CA LEU A 633 6.37 20.70 8.84
C LEU A 633 6.92 22.04 9.36
N GLU A 634 8.00 22.01 10.15
CA GLU A 634 8.62 23.28 10.67
C GLU A 634 9.06 24.13 9.48
N LEU A 635 9.65 23.50 8.48
CA LEU A 635 10.18 24.21 7.29
C LEU A 635 9.00 24.80 6.50
N ILE A 636 7.96 24.02 6.24
CA ILE A 636 6.77 24.56 5.52
C ILE A 636 6.21 25.76 6.30
N ASP A 637 6.12 25.65 7.62
CA ASP A 637 5.52 26.71 8.48
C ASP A 637 6.41 27.96 8.35
N LYS A 638 7.71 27.80 8.44
CA LYS A 638 8.70 28.91 8.31
C LYS A 638 8.50 29.64 6.98
N LEU A 639 8.36 28.88 5.90
CA LEU A 639 8.24 29.43 4.52
C LEU A 639 6.93 30.21 4.41
N VAL A 640 5.81 29.63 4.85
CA VAL A 640 4.48 30.31 4.84
C VAL A 640 4.60 31.62 5.63
N LYS A 641 5.26 31.59 6.80
CA LYS A 641 5.38 32.77 7.71
C LYS A 641 6.28 33.86 7.11
N LEU A 642 7.04 33.58 6.05
CA LEU A 642 7.89 34.58 5.37
C LEU A 642 7.02 35.74 4.89
N ASN A 643 5.75 35.51 4.56
CA ASN A 643 4.82 36.55 4.04
C ASN A 643 3.67 36.75 5.05
N LYS A 644 3.88 36.38 6.30
CA LYS A 644 3.05 36.82 7.45
C LYS A 644 1.65 36.23 7.29
N ILE A 645 1.53 35.19 6.47
CA ILE A 645 0.27 34.40 6.33
C ILE A 645 -0.04 33.74 7.67
N LYS A 646 -1.29 33.82 8.10
CA LYS A 646 -1.74 33.35 9.43
C LYS A 646 -2.90 32.38 9.28
N ARG A 647 -2.95 31.39 10.17
CA ARG A 647 -4.10 30.46 10.28
C ARG A 647 -5.33 31.25 10.73
N GLU A 648 -6.53 30.82 10.34
CA GLU A 648 -7.85 31.42 10.72
C GLU A 648 -8.08 31.34 12.24
N LEU A 649 -7.61 30.28 12.89
CA LEU A 649 -7.91 29.96 14.30
C LEU A 649 -6.60 29.63 15.02
N PHE A 650 -6.53 29.97 16.31
CA PHE A 650 -5.58 29.36 17.28
C PHE A 650 -6.30 28.16 17.86
N VAL A 651 -5.74 26.97 17.69
CA VAL A 651 -6.30 25.70 18.18
C VAL A 651 -5.21 25.08 19.05
N SER A 652 -5.56 24.59 20.24
CA SER A 652 -4.56 24.22 21.28
C SER A 652 -3.94 22.86 20.95
N ASP A 653 -4.54 22.09 20.06
CA ASP A 653 -4.04 20.75 19.68
C ASP A 653 -3.68 20.82 18.20
N LYS A 654 -2.40 20.71 17.88
CA LYS A 654 -1.91 20.90 16.49
C LYS A 654 -2.41 19.79 15.58
N ASP A 655 -2.91 18.69 16.14
CA ASP A 655 -3.33 17.49 15.37
C ASP A 655 -4.82 17.59 14.99
N ILE A 656 -5.50 18.65 15.43
CA ILE A 656 -6.89 18.94 14.98
C ILE A 656 -6.81 19.69 13.64
N GLN A 657 -7.47 19.16 12.63
CA GLN A 657 -7.64 19.88 11.36
C GLN A 657 -8.89 20.73 11.45
N PHE A 658 -8.82 21.91 10.87
CA PHE A 658 -10.02 22.76 10.72
C PHE A 658 -10.02 23.42 9.36
N VAL A 659 -11.22 23.80 8.94
CA VAL A 659 -11.45 24.64 7.75
C VAL A 659 -12.47 25.70 8.17
N VAL A 660 -12.18 26.96 7.90
CA VAL A 660 -13.17 28.07 8.06
C VAL A 660 -13.71 28.41 6.67
N ARG A 661 -15.01 28.23 6.46
CA ARG A 661 -15.67 28.68 5.20
C ARG A 661 -16.59 29.85 5.56
N GLU A 662 -16.53 30.94 4.80
CA GLU A 662 -17.43 32.08 5.03
C GLU A 662 -17.88 32.75 3.73
N ASN A 663 -19.00 33.46 3.86
CA ASN A 663 -19.47 34.49 2.90
C ASN A 663 -19.73 35.75 3.74
N ASN A 664 -20.41 36.74 3.16
CA ASN A 664 -21.04 37.92 3.79
C ASN A 664 -21.75 37.58 5.11
N LYS A 665 -22.60 36.55 5.12
CA LYS A 665 -23.64 36.30 6.16
C LYS A 665 -23.13 35.31 7.20
N SER A 666 -22.48 34.24 6.75
CA SER A 666 -22.30 32.96 7.49
C SER A 666 -20.83 32.55 7.58
N ARG A 667 -20.41 32.02 8.72
CA ARG A 667 -19.11 31.34 8.92
C ARG A 667 -19.41 29.91 9.38
N TYR A 668 -18.83 28.92 8.74
CA TYR A 668 -18.88 27.51 9.18
C TYR A 668 -17.47 27.15 9.65
N ILE A 669 -17.32 26.71 10.89
CA ILE A 669 -16.04 26.13 11.36
C ILE A 669 -16.19 24.61 11.34
N PHE A 670 -15.45 23.95 10.47
CA PHE A 670 -15.32 22.47 10.45
C PHE A 670 -14.09 22.04 11.27
N PHE A 671 -14.28 21.18 12.26
CA PHE A 671 -13.19 20.53 12.99
C PHE A 671 -13.20 19.06 12.61
N LEU A 672 -12.01 18.54 12.27
CA LEU A 672 -11.86 17.14 11.82
C LEU A 672 -10.76 16.52 12.68
N ASN A 673 -11.08 15.40 13.30
CA ASN A 673 -10.13 14.59 14.08
C ASN A 673 -9.88 13.31 13.30
N TYR A 674 -8.76 13.26 12.60
CA TYR A 674 -8.37 12.12 11.75
C TYR A 674 -7.56 11.13 12.58
N HIS A 675 -7.68 11.17 13.92
CA HIS A 675 -6.80 10.39 14.81
C HIS A 675 -7.61 9.49 15.71
N ASN A 676 -7.03 8.38 16.17
CA ASN A 676 -7.73 7.46 17.12
C ASN A 676 -7.41 7.89 18.55
N GLU A 677 -7.91 9.05 18.92
CA GLU A 677 -7.79 9.63 20.27
C GLU A 677 -8.99 10.55 20.46
N ARG A 678 -9.67 10.47 21.60
CA ARG A 678 -10.66 11.50 22.02
C ARG A 678 -9.84 12.75 22.30
N LYS A 679 -10.14 13.87 21.66
CA LYS A 679 -9.31 15.08 21.86
C LYS A 679 -10.18 16.16 22.50
N THR A 680 -9.71 16.75 23.58
CA THR A 680 -10.33 17.96 24.18
C THR A 680 -9.38 19.13 23.96
N PHE A 681 -9.85 20.17 23.30
CA PHE A 681 -8.97 21.27 22.90
C PHE A 681 -9.75 22.57 23.05
N ASN A 682 -9.07 23.70 22.96
CA ASN A 682 -9.74 25.01 22.93
C ASN A 682 -9.36 25.68 21.62
N TYR A 683 -10.16 26.64 21.16
CA TYR A 683 -9.80 27.43 19.97
C TYR A 683 -10.29 28.86 20.13
N ARG A 684 -9.73 29.75 19.32
CA ARG A 684 -10.21 31.14 19.17
C ARG A 684 -9.92 31.60 17.75
N LYS A 685 -10.70 32.52 17.18
CA LYS A 685 -10.34 33.12 15.86
C LYS A 685 -9.09 33.97 16.11
N SER A 686 -8.15 34.07 15.18
CA SER A 686 -6.97 34.94 15.40
C SER A 686 -7.41 36.42 15.30
N SER A 687 -8.25 36.91 16.24
CA SER A 687 -8.84 38.28 16.33
C SER A 687 -8.81 38.78 17.78
N LYS A 693 -12.82 32.92 27.24
CA LYS A 693 -12.75 33.60 25.92
C LYS A 693 -12.61 32.51 24.83
N SER A 694 -11.58 31.66 24.90
CA SER A 694 -11.41 30.46 24.04
C SER A 694 -12.54 29.44 24.29
N GLU A 695 -13.09 28.84 23.24
CA GLU A 695 -14.15 27.78 23.34
C GLU A 695 -13.49 26.41 23.52
N GLU A 696 -14.08 25.55 24.36
CA GLU A 696 -13.60 24.15 24.61
C GLU A 696 -14.43 23.20 23.76
N ILE A 697 -13.79 22.23 23.14
CA ILE A 697 -14.44 21.22 22.28
C ILE A 697 -13.90 19.86 22.69
N SER A 698 -14.78 18.88 22.77
CA SER A 698 -14.40 17.46 22.85
C SER A 698 -14.81 16.79 21.55
N ILE A 699 -13.87 16.09 20.91
CA ILE A 699 -14.16 15.40 19.62
C ILE A 699 -13.73 13.94 19.73
N ALA A 700 -14.63 13.03 19.35
CA ALA A 700 -14.39 11.58 19.40
C ALA A 700 -13.31 11.21 18.37
N PRO A 701 -12.75 9.98 18.44
CA PRO A 701 -11.86 9.49 17.39
C PRO A 701 -12.57 9.58 16.03
N PHE A 702 -11.81 9.94 14.98
CA PHE A 702 -12.23 9.78 13.57
C PHE A 702 -13.56 10.52 13.36
N SER A 703 -13.69 11.67 14.00
CA SER A 703 -14.98 12.40 14.09
C SER A 703 -14.83 13.85 13.64
N TYR A 704 -15.90 14.61 13.82
CA TYR A 704 -16.06 15.98 13.29
C TYR A 704 -16.97 16.80 14.22
N LYS A 705 -16.76 18.10 14.20
CA LYS A 705 -17.73 19.10 14.70
C LYS A 705 -17.88 20.17 13.62
N VAL A 706 -19.11 20.67 13.46
CA VAL A 706 -19.39 21.88 12.66
C VAL A 706 -20.05 22.92 13.54
N ILE A 707 -19.47 24.12 13.55
CA ILE A 707 -20.04 25.31 14.24
C ILE A 707 -20.51 26.29 13.17
N LYS A 708 -21.75 26.74 13.22
CA LYS A 708 -22.22 27.85 12.34
C LYS A 708 -22.26 29.14 13.16
N GLU A 709 -21.75 30.24 12.61
CA GLU A 709 -21.86 31.59 13.21
C GLU A 709 -22.57 32.52 12.23
N ASN A 710 -23.48 33.32 12.78
CA ASN A 710 -24.23 34.38 12.07
C ASN A 710 -23.38 35.67 12.16
N LYS A 711 -22.89 36.24 11.05
CA LYS A 711 -22.01 37.45 11.08
C LYS A 711 -22.84 38.74 10.96
N SER B 1 4.30 -28.49 27.36
CA SER B 1 3.59 -28.23 26.07
C SER B 1 4.07 -26.89 25.44
N GLU B 2 3.69 -25.75 26.04
CA GLU B 2 4.01 -24.38 25.52
C GLU B 2 5.49 -24.02 25.76
N LYS B 3 6.04 -23.15 24.92
CA LYS B 3 7.39 -22.57 25.09
C LYS B 3 7.25 -21.14 25.61
N TYR B 4 7.96 -20.80 26.68
CA TYR B 4 7.82 -19.49 27.35
C TYR B 4 9.10 -19.21 28.12
N PHE B 5 9.39 -17.94 28.31
CA PHE B 5 10.58 -17.51 29.06
C PHE B 5 10.31 -17.90 30.50
N VAL B 6 11.37 -18.07 31.29
CA VAL B 6 11.21 -18.46 32.71
C VAL B 6 12.01 -17.47 33.56
N LYS B 7 11.49 -17.13 34.72
CA LYS B 7 12.17 -16.27 35.70
C LYS B 7 11.79 -16.83 37.07
N ASN B 8 12.78 -17.00 37.96
CA ASN B 8 12.59 -17.54 39.33
C ASN B 8 11.82 -18.87 39.19
N GLY B 9 12.20 -19.66 38.20
CA GLY B 9 11.64 -20.99 37.87
C GLY B 9 10.13 -20.98 37.67
N GLN B 10 9.54 -19.83 37.32
CA GLN B 10 8.10 -19.69 37.00
C GLN B 10 8.00 -19.22 35.55
N PRO B 11 6.87 -19.43 34.87
CA PRO B 11 6.66 -18.85 33.55
C PRO B 11 6.76 -17.33 33.68
N HIS B 12 7.54 -16.71 32.81
CA HIS B 12 7.80 -15.25 32.82
C HIS B 12 7.44 -14.67 31.45
N PHE B 13 6.57 -13.66 31.42
CA PHE B 13 6.33 -12.91 30.18
C PHE B 13 7.48 -11.91 30.07
N LEU B 14 8.29 -12.03 29.03
CA LEU B 14 9.39 -11.06 28.83
C LEU B 14 8.79 -9.70 28.45
N ILE B 15 8.86 -8.70 29.31
CA ILE B 15 8.45 -7.30 29.03
C ILE B 15 9.69 -6.41 29.03
N SER B 16 10.19 -6.13 27.82
CA SER B 16 11.38 -5.31 27.53
C SER B 16 10.94 -4.00 26.88
N GLY B 17 11.68 -2.95 27.19
CA GLY B 17 11.49 -1.62 26.58
C GLY B 17 12.79 -1.19 25.96
N GLU B 18 12.75 -0.74 24.71
CA GLU B 18 13.97 -0.28 23.99
C GLU B 18 14.26 1.16 24.45
N VAL B 19 15.47 1.39 24.93
CA VAL B 19 15.96 2.71 25.45
C VAL B 19 17.39 2.89 24.95
N HIS B 20 17.58 3.77 23.97
CA HIS B 20 18.90 3.99 23.34
C HIS B 20 19.65 5.01 24.18
N TYR B 21 20.49 4.52 25.07
CA TYR B 21 21.35 5.36 25.93
C TYR B 21 22.08 6.40 25.06
N PHE B 22 22.53 6.03 23.86
CA PHE B 22 23.42 6.88 23.03
C PHE B 22 22.62 8.04 22.43
N ARG B 23 21.31 8.02 22.58
CA ARG B 23 20.40 9.07 22.05
C ARG B 23 19.66 9.76 23.19
N ILE B 24 20.10 9.58 24.43
CA ILE B 24 19.40 10.17 25.60
C ILE B 24 20.43 10.88 26.46
N ASN B 25 20.05 12.08 26.84
CA ASN B 25 20.70 12.89 27.89
C ASN B 25 21.11 11.99 29.06
N PRO B 26 22.41 11.75 29.26
CA PRO B 26 22.82 10.84 30.32
C PRO B 26 22.38 11.25 31.74
N LYS B 27 22.12 12.54 32.00
CA LYS B 27 21.57 12.98 33.31
C LYS B 27 20.20 12.33 33.51
N LEU B 28 19.53 11.92 32.43
CA LEU B 28 18.14 11.37 32.51
C LEU B 28 18.12 9.85 32.30
N TRP B 29 19.27 9.19 32.16
CA TRP B 29 19.31 7.71 32.00
C TRP B 29 18.57 7.00 33.13
N ARG B 30 18.81 7.39 34.40
CA ARG B 30 18.18 6.76 35.59
C ARG B 30 16.67 6.99 35.51
N ASN B 31 16.24 8.21 35.19
CA ASN B 31 14.81 8.56 35.11
C ASN B 31 14.07 7.68 34.09
N HIS B 32 14.65 7.45 32.90
CA HIS B 32 14.09 6.57 31.84
C HIS B 32 13.94 5.15 32.39
N LEU B 33 15.00 4.62 32.99
CA LEU B 33 15.05 3.23 33.51
C LEU B 33 14.02 3.11 34.63
N GLN B 34 13.88 4.12 35.47
CA GLN B 34 12.90 4.06 36.58
C GLN B 34 11.50 4.08 35.99
N LEU B 35 11.22 4.99 35.06
CA LEU B 35 9.86 5.06 34.47
C LEU B 35 9.55 3.76 33.73
N LEU B 36 10.54 3.11 33.12
CA LEU B 36 10.33 1.83 32.40
C LEU B 36 10.00 0.74 33.43
N LYS B 37 10.84 0.62 34.45
CA LYS B 37 10.60 -0.35 35.55
C LYS B 37 9.20 -0.10 36.13
N GLN B 38 8.76 1.15 36.26
CA GLN B 38 7.47 1.46 36.94
C GLN B 38 6.27 1.01 36.09
N THR B 39 6.45 0.65 34.81
CA THR B 39 5.34 0.06 34.01
C THR B 39 5.18 -1.45 34.29
N GLY B 40 6.07 -2.06 35.09
CA GLY B 40 6.17 -3.52 35.27
C GLY B 40 7.05 -4.21 34.24
N ALA B 41 7.71 -3.48 33.32
CA ALA B 41 8.79 -4.01 32.45
C ALA B 41 9.91 -4.60 33.34
N ASP B 42 10.53 -5.67 32.88
CA ASP B 42 11.59 -6.38 33.67
C ASP B 42 12.94 -6.22 32.99
N THR B 43 12.96 -5.81 31.72
CA THR B 43 14.16 -5.80 30.84
C THR B 43 14.17 -4.47 30.07
N VAL B 44 15.37 -3.99 29.76
CA VAL B 44 15.64 -2.85 28.85
C VAL B 44 16.56 -3.36 27.75
N SER B 45 16.39 -2.83 26.55
CA SER B 45 17.03 -3.29 25.31
C SER B 45 17.69 -2.11 24.59
N THR B 46 18.92 -2.28 24.10
CA THR B 46 19.61 -1.21 23.38
C THR B 46 20.63 -1.79 22.40
N TYR B 47 20.85 -1.07 21.31
CA TYR B 47 22.05 -1.20 20.45
C TYR B 47 23.26 -0.65 21.21
N ILE B 48 24.42 -1.21 20.89
CA ILE B 48 25.74 -0.62 21.26
C ILE B 48 26.40 -0.29 19.93
N PRO B 49 26.23 0.96 19.41
CA PRO B 49 26.61 1.25 18.04
C PRO B 49 28.14 1.28 17.90
N TRP B 50 28.67 0.45 17.05
CA TRP B 50 30.10 0.42 16.74
C TRP B 50 30.63 1.84 16.45
N ASP B 51 29.94 2.60 15.61
CA ASP B 51 30.35 3.98 15.21
C ASP B 51 30.49 4.87 16.46
N TRP B 52 29.56 4.77 17.39
CA TRP B 52 29.50 5.60 18.60
C TRP B 52 30.70 5.31 19.53
N HIS B 53 31.26 4.09 19.57
CA HIS B 53 32.24 3.70 20.62
C HIS B 53 33.67 3.59 20.06
N GLU B 54 33.88 3.14 18.82
CA GLU B 54 35.18 3.24 18.11
C GLU B 54 35.17 4.56 17.32
N ILE B 55 35.43 5.66 18.04
CA ILE B 55 35.27 7.08 17.59
C ILE B 55 36.28 7.41 16.48
N GLU B 56 37.44 6.76 16.51
CA GLU B 56 38.42 6.68 15.40
C GLU B 56 38.99 5.27 15.42
N GLU B 57 39.72 4.88 14.38
CA GLU B 57 40.30 3.52 14.27
C GLU B 57 41.13 3.26 15.52
N ASP B 58 40.82 2.18 16.24
CA ASP B 58 41.53 1.71 17.45
C ASP B 58 41.52 2.73 18.61
N ASP B 59 40.53 3.62 18.67
CA ASP B 59 40.26 4.57 19.78
C ASP B 59 38.86 4.27 20.31
N PHE B 60 38.77 3.56 21.44
CA PHE B 60 37.49 3.08 22.00
C PHE B 60 37.15 3.94 23.22
N ASP B 61 35.87 4.30 23.36
CA ASP B 61 35.34 5.04 24.52
C ASP B 61 34.03 4.37 24.95
N PHE B 62 34.05 3.57 26.01
CA PHE B 62 32.85 2.93 26.61
C PHE B 62 32.54 3.57 27.98
N GLU B 63 33.23 4.67 28.29
CA GLU B 63 33.30 5.22 29.68
C GLU B 63 32.88 6.69 29.71
N GLY B 64 32.41 7.24 28.59
CA GLY B 64 32.02 8.64 28.49
C GLY B 64 33.21 9.59 28.52
N LYS B 65 34.42 9.18 28.12
CA LYS B 65 35.59 10.10 28.19
C LYS B 65 35.40 11.24 27.18
N THR B 66 34.80 11.01 26.02
CA THR B 66 34.81 11.97 24.90
C THR B 66 33.41 12.58 24.73
N HIS B 67 32.40 11.99 25.35
CA HIS B 67 31.00 12.43 25.30
C HIS B 67 30.27 11.64 26.38
N PRO B 68 29.47 12.28 27.24
CA PRO B 68 28.87 11.56 28.37
C PRO B 68 28.05 10.34 27.92
N ALA B 69 27.43 10.41 26.75
CA ALA B 69 26.50 9.36 26.27
C ALA B 69 27.27 8.20 25.65
N ARG B 70 28.61 8.24 25.64
CA ARG B 70 29.45 7.07 25.29
C ARG B 70 29.74 6.23 26.54
N ASN B 71 29.18 6.61 27.68
CA ASN B 71 29.39 5.88 28.96
C ASN B 71 28.47 4.65 29.05
N LEU B 72 28.70 3.65 28.19
CA LEU B 72 28.00 2.33 28.23
C LEU B 72 28.16 1.69 29.61
N ILE B 73 29.37 1.75 30.20
CA ILE B 73 29.65 1.14 31.52
C ILE B 73 28.66 1.69 32.54
N ARG B 74 28.47 3.01 32.58
CA ARG B 74 27.54 3.58 33.58
C ARG B 74 26.10 3.18 33.25
N PHE B 75 25.73 3.02 31.98
CA PHE B 75 24.33 2.63 31.62
C PHE B 75 24.06 1.23 32.16
N ILE B 76 25.02 0.33 31.95
CA ILE B 76 24.94 -1.05 32.50
C ILE B 76 24.80 -0.97 34.02
N LYS B 77 25.61 -0.14 34.68
CA LYS B 77 25.55 0.02 36.16
C LYS B 77 24.14 0.51 36.53
N LEU B 78 23.58 1.46 35.79
CA LEU B 78 22.23 2.01 36.08
C LEU B 78 21.18 0.89 35.93
N CYS B 79 21.27 0.05 34.91
CA CYS B 79 20.34 -1.10 34.71
C CYS B 79 20.34 -1.98 35.97
N LYS B 80 21.51 -2.29 36.50
CA LYS B 80 21.66 -3.11 37.73
C LYS B 80 21.00 -2.37 38.90
N GLU B 81 21.34 -1.09 39.12
CA GLU B 81 20.81 -0.29 40.25
C GLU B 81 19.28 -0.21 40.15
N GLU B 82 18.72 -0.14 38.94
CA GLU B 82 17.25 -0.01 38.78
C GLU B 82 16.61 -1.38 38.54
N ASN B 83 17.35 -2.47 38.74
CA ASN B 83 16.86 -3.87 38.71
C ASN B 83 16.12 -4.13 37.40
N LEU B 84 16.73 -3.77 36.29
CA LEU B 84 16.27 -4.16 34.94
C LEU B 84 17.34 -5.08 34.38
N ASP B 85 16.91 -6.19 33.82
CA ASP B 85 17.75 -7.04 32.94
C ASP B 85 18.03 -6.22 31.68
N LEU B 86 19.06 -6.60 30.92
CA LEU B 86 19.57 -5.85 29.75
C LEU B 86 19.71 -6.76 28.51
N ILE B 87 19.12 -6.35 27.39
CA ILE B 87 19.38 -6.97 26.06
C ILE B 87 20.35 -6.04 25.31
N VAL B 88 21.50 -6.54 24.85
CA VAL B 88 22.51 -5.68 24.17
C VAL B 88 22.64 -6.18 22.73
N LYS B 89 22.86 -5.25 21.82
CA LYS B 89 22.84 -5.52 20.35
C LYS B 89 24.01 -4.74 19.73
N PRO B 90 25.25 -5.29 19.73
CA PRO B 90 26.42 -4.55 19.26
C PRO B 90 26.69 -4.61 17.74
N GLY B 91 25.77 -5.15 16.95
CA GLY B 91 25.94 -5.14 15.50
C GLY B 91 26.78 -6.31 14.98
N PRO B 92 27.60 -6.12 13.93
CA PRO B 92 28.10 -4.81 13.50
C PRO B 92 27.05 -3.82 12.95
N TYR B 93 26.08 -4.30 12.17
CA TYR B 93 24.95 -3.47 11.68
C TYR B 93 23.93 -3.33 12.79
N ILE B 94 23.40 -2.12 13.02
CA ILE B 94 22.24 -1.90 13.94
C ILE B 94 21.04 -1.33 13.17
N LEU B 95 21.26 -0.78 11.99
CA LEU B 95 20.26 0.02 11.22
C LEU B 95 19.80 1.17 12.12
N ALA B 96 18.61 1.07 12.69
CA ALA B 96 18.09 1.95 13.75
C ALA B 96 18.19 3.43 13.36
N GLU B 97 18.11 3.75 12.05
CA GLU B 97 18.21 5.13 11.53
C GLU B 97 19.48 5.82 12.05
N TYR B 98 20.54 5.04 12.27
CA TYR B 98 21.84 5.57 12.69
C TYR B 98 22.66 5.76 11.40
N GLU B 99 23.42 6.84 11.28
CA GLU B 99 24.20 7.11 10.03
C GLU B 99 25.07 5.88 9.74
N ASN B 100 25.13 5.49 8.48
CA ASN B 100 25.96 4.35 8.00
C ASN B 100 25.41 3.03 8.55
N GLN B 101 24.18 3.05 9.08
CA GLN B 101 23.50 1.87 9.68
C GLN B 101 24.32 1.33 10.85
N GLY B 102 25.09 2.20 11.52
CA GLY B 102 25.85 1.83 12.73
C GLY B 102 27.33 1.61 12.45
N LEU B 103 27.73 1.45 11.20
CA LEU B 103 29.17 1.27 10.86
C LEU B 103 29.91 2.60 10.99
N PRO B 104 31.16 2.59 11.51
CA PRO B 104 31.96 3.82 11.59
C PRO B 104 32.24 4.46 10.22
N SER B 105 32.22 5.79 10.20
CA SER B 105 32.58 6.60 9.00
C SER B 105 34.03 6.30 8.61
N TRP B 106 34.93 6.23 9.58
CA TRP B 106 36.38 5.99 9.30
C TRP B 106 36.54 4.63 8.59
N LEU B 107 35.76 3.62 8.99
CA LEU B 107 35.79 2.26 8.39
C LEU B 107 35.32 2.34 6.93
N LEU B 108 34.16 2.96 6.67
CA LEU B 108 33.58 3.00 5.30
C LEU B 108 34.50 3.79 4.36
N LYS B 109 35.22 4.79 4.86
CA LYS B 109 36.15 5.62 4.07
C LYS B 109 37.36 4.78 3.65
N LYS B 110 37.75 3.82 4.48
CA LYS B 110 39.05 3.09 4.44
C LYS B 110 38.95 1.73 3.74
N LEU B 111 37.75 1.11 3.67
CA LEU B 111 37.53 -0.23 3.05
C LEU B 111 37.80 -0.16 1.54
N SER B 112 38.38 -1.22 0.98
CA SER B 112 38.59 -1.48 -0.47
C SER B 112 37.24 -1.53 -1.20
N LYS B 113 37.27 -1.37 -2.51
CA LYS B 113 36.14 -1.66 -3.43
C LYS B 113 35.54 -3.02 -3.03
N ASN B 114 36.39 -4.04 -2.90
CA ASN B 114 35.96 -5.47 -2.89
C ASN B 114 35.34 -5.84 -1.53
N ALA B 115 35.25 -4.88 -0.60
CA ALA B 115 34.62 -5.07 0.72
C ALA B 115 33.12 -4.80 0.61
N PHE B 116 32.66 -4.15 -0.47
CA PHE B 116 31.28 -3.67 -0.63
C PHE B 116 30.50 -4.69 -1.46
N ALA B 117 29.20 -4.78 -1.20
CA ALA B 117 28.22 -5.45 -2.07
C ALA B 117 28.28 -4.78 -3.44
N LEU B 118 28.26 -5.58 -4.52
CA LEU B 118 28.40 -5.11 -5.95
C LEU B 118 27.21 -5.62 -6.76
N ASP B 119 26.72 -4.84 -7.74
CA ASP B 119 25.66 -5.28 -8.70
C ASP B 119 26.30 -6.16 -9.79
N GLU B 120 25.51 -6.70 -10.73
CA GLU B 120 26.04 -7.64 -11.77
C GLU B 120 27.22 -7.02 -12.55
N ASN B 121 27.43 -5.70 -12.43
CA ASN B 121 28.41 -4.92 -13.23
C ASN B 121 29.68 -4.61 -12.41
N GLY B 122 29.69 -4.93 -11.11
CA GLY B 122 30.84 -4.64 -10.23
C GLY B 122 30.82 -3.22 -9.68
N ASN B 123 29.67 -2.53 -9.76
CA ASN B 123 29.45 -1.19 -9.15
C ASN B 123 28.97 -1.35 -7.70
N VAL B 124 29.38 -0.45 -6.81
CA VAL B 124 28.98 -0.45 -5.36
C VAL B 124 27.48 -0.18 -5.26
N ILE B 125 26.72 -1.06 -4.62
CA ILE B 125 25.23 -0.94 -4.45
C ILE B 125 24.92 0.26 -3.55
N SER B 126 25.75 0.52 -2.52
CA SER B 126 25.50 1.56 -1.48
C SER B 126 26.77 1.82 -0.69
N PRO B 127 27.15 3.09 -0.45
CA PRO B 127 28.37 3.40 0.29
C PRO B 127 28.31 2.93 1.76
N ASP B 128 27.11 2.52 2.22
CA ASP B 128 26.82 1.94 3.57
C ASP B 128 26.85 0.39 3.57
N LEU B 129 26.86 -0.26 2.41
CA LEU B 129 26.54 -1.71 2.28
C LEU B 129 27.81 -2.50 1.98
N VAL B 130 28.37 -3.12 3.02
CA VAL B 130 29.49 -4.09 2.90
C VAL B 130 28.90 -5.45 2.50
N SER B 131 29.70 -6.32 1.88
CA SER B 131 29.31 -7.74 1.74
C SER B 131 29.69 -8.42 3.05
N TYR B 132 28.76 -9.17 3.60
CA TYR B 132 28.81 -9.75 4.97
C TYR B 132 30.14 -10.50 5.17
N LEU B 133 30.60 -11.24 4.15
CA LEU B 133 31.78 -12.11 4.29
C LEU B 133 33.01 -11.44 3.68
N SER B 134 33.01 -10.11 3.49
CA SER B 134 34.26 -9.38 3.16
C SER B 134 35.30 -9.66 4.26
N ASP B 135 36.51 -10.08 3.89
CA ASP B 135 37.63 -10.33 4.86
C ASP B 135 37.96 -9.04 5.63
N GLU B 136 37.92 -7.89 4.95
CA GLU B 136 38.24 -6.58 5.58
C GLU B 136 37.19 -6.29 6.65
N PHE B 137 35.93 -6.44 6.28
CA PHE B 137 34.75 -6.15 7.12
C PHE B 137 34.77 -7.07 8.35
N LEU B 138 35.03 -8.37 8.15
CA LEU B 138 35.12 -9.31 9.31
C LEU B 138 36.36 -8.99 10.17
N GLU B 139 37.46 -8.55 9.55
CA GLU B 139 38.67 -8.15 10.31
C GLU B 139 38.30 -7.04 11.31
N TYR B 140 37.67 -5.97 10.82
CA TYR B 140 37.31 -4.78 11.63
C TYR B 140 36.17 -5.12 12.61
N THR B 141 35.19 -5.93 12.18
CA THR B 141 34.11 -6.44 13.04
C THR B 141 34.73 -7.13 14.26
N PHE B 142 35.70 -8.03 14.01
CA PHE B 142 36.39 -8.81 15.06
C PHE B 142 37.12 -7.87 16.03
N LYS B 143 37.77 -6.82 15.52
CA LYS B 143 38.50 -5.85 16.37
C LYS B 143 37.50 -5.06 17.23
N TRP B 144 36.29 -4.80 16.72
CA TRP B 144 35.15 -4.20 17.47
C TRP B 144 34.68 -5.17 18.55
N TYR B 145 34.39 -6.43 18.18
CA TYR B 145 34.04 -7.50 19.14
C TYR B 145 35.12 -7.63 20.22
N ASP B 146 36.39 -7.53 19.81
CA ASP B 146 37.55 -7.64 20.75
C ASP B 146 37.43 -6.62 21.91
N LYS B 147 36.80 -5.45 21.70
CA LYS B 147 36.65 -4.44 22.78
C LYS B 147 35.28 -4.50 23.48
N VAL B 148 34.20 -4.70 22.73
CA VAL B 148 32.85 -4.66 23.36
C VAL B 148 32.55 -6.01 24.01
N MET B 149 33.01 -7.12 23.43
CA MET B 149 32.58 -8.44 23.94
C MET B 149 33.09 -8.68 25.36
N PRO B 150 34.30 -8.23 25.78
CA PRO B 150 34.72 -8.42 27.18
C PRO B 150 33.83 -7.70 28.19
N ILE B 151 33.32 -6.54 27.78
CA ILE B 151 32.36 -5.75 28.61
C ILE B 151 31.09 -6.59 28.74
N ILE B 152 30.60 -7.15 27.63
CA ILE B 152 29.32 -7.92 27.63
C ILE B 152 29.54 -9.21 28.43
N SER B 153 30.67 -9.88 28.24
CA SER B 153 31.03 -11.12 28.97
C SER B 153 30.97 -10.87 30.47
N LYS B 154 31.59 -9.78 30.92
CA LYS B 154 31.70 -9.43 32.36
C LYS B 154 30.31 -9.29 32.98
N HIS B 155 29.34 -8.73 32.24
CA HIS B 155 28.00 -8.34 32.77
C HIS B 155 26.90 -9.32 32.32
N GLN B 156 27.25 -10.49 31.80
CA GLN B 156 26.25 -11.49 31.34
C GLN B 156 25.61 -12.17 32.55
N LYS B 157 24.37 -12.67 32.39
CA LYS B 157 23.54 -13.35 33.43
C LYS B 157 24.31 -14.58 33.93
N GLU B 158 25.09 -15.23 33.07
CA GLU B 158 25.95 -16.38 33.43
C GLU B 158 27.07 -16.00 34.44
N HIS B 159 27.44 -14.71 34.57
CA HIS B 159 28.29 -14.14 35.65
C HIS B 159 27.42 -13.38 36.67
N TYR B 160 26.11 -13.68 36.72
CA TYR B 160 25.10 -13.06 37.62
C TYR B 160 24.92 -11.57 37.32
N GLY B 161 25.29 -11.12 36.13
CA GLY B 161 25.07 -9.72 35.70
C GLY B 161 23.67 -9.53 35.10
N PRO B 162 23.34 -8.31 34.63
CA PRO B 162 22.02 -8.01 34.05
C PRO B 162 21.79 -8.44 32.59
N ILE B 163 22.85 -8.73 31.80
CA ILE B 163 22.68 -9.00 30.34
C ILE B 163 22.21 -10.43 30.14
N THR B 164 20.96 -10.60 29.75
CA THR B 164 20.30 -11.91 29.59
C THR B 164 20.33 -12.33 28.12
N MET B 165 20.35 -11.41 27.16
CA MET B 165 20.38 -11.81 25.73
C MET B 165 21.26 -10.86 24.91
N MET B 166 21.82 -11.38 23.81
CA MET B 166 22.52 -10.50 22.84
C MET B 166 22.05 -10.80 21.43
N GLN B 167 21.69 -9.76 20.69
CA GLN B 167 21.38 -9.89 19.26
C GLN B 167 22.67 -9.83 18.44
N LEU B 168 22.79 -10.74 17.49
CA LEU B 168 23.89 -10.77 16.49
C LEU B 168 23.48 -9.95 15.27
N CYS B 169 24.22 -8.87 14.98
CA CYS B 169 23.97 -7.97 13.84
C CYS B 169 22.52 -7.49 13.96
N ASN B 170 21.84 -7.35 12.82
CA ASN B 170 20.48 -6.77 12.75
C ASN B 170 19.85 -7.13 11.39
N GLU B 171 18.73 -7.84 11.44
CA GLU B 171 17.87 -8.14 10.26
C GLU B 171 18.77 -8.49 9.06
N ILE B 172 19.52 -9.58 9.16
CA ILE B 172 20.40 -10.05 8.06
C ILE B 172 19.57 -10.15 6.77
N GLY B 173 20.09 -9.55 5.69
CA GLY B 173 19.53 -9.60 4.33
C GLY B 173 18.57 -8.47 4.04
N VAL B 174 18.21 -7.66 5.04
CA VAL B 174 17.20 -6.58 4.91
C VAL B 174 17.60 -5.59 3.81
N PHE B 175 18.90 -5.46 3.49
CA PHE B 175 19.38 -4.55 2.41
C PHE B 175 19.24 -5.22 1.05
N GLN B 176 19.69 -6.46 0.88
CA GLN B 176 19.38 -7.26 -0.35
C GLN B 176 17.86 -7.15 -0.65
N TRP B 177 17.02 -7.07 0.39
CA TRP B 177 15.55 -7.04 0.24
C TRP B 177 15.10 -5.64 -0.18
N LEU B 178 15.30 -4.62 0.67
CA LEU B 178 14.80 -3.24 0.46
C LEU B 178 15.39 -2.66 -0.83
N SER B 179 16.71 -2.67 -1.02
CA SER B 179 17.33 -2.46 -2.35
C SER B 179 16.76 -3.50 -3.32
N GLY B 180 16.65 -3.19 -4.61
CA GLY B 180 16.26 -4.21 -5.60
C GLY B 180 17.10 -5.47 -5.45
N LYS B 181 18.35 -5.28 -5.01
CA LYS B 181 19.55 -5.86 -5.63
C LYS B 181 20.22 -6.90 -4.73
N SER B 182 20.73 -7.96 -5.35
CA SER B 182 21.54 -9.04 -4.74
C SER B 182 23.03 -8.71 -4.88
N ASP B 183 23.86 -9.25 -3.99
CA ASP B 183 25.32 -8.96 -3.94
C ASP B 183 26.06 -9.91 -4.87
N TYR B 184 26.82 -9.36 -5.83
CA TYR B 184 27.63 -10.04 -6.86
C TYR B 184 29.12 -9.76 -6.59
N ASN B 185 29.45 -9.31 -5.38
CA ASN B 185 30.86 -9.26 -4.89
C ASN B 185 31.57 -10.53 -5.33
N PRO B 186 32.80 -10.45 -5.88
CA PRO B 186 33.50 -11.63 -6.39
C PRO B 186 33.72 -12.70 -5.31
N LYS B 187 33.84 -12.30 -4.04
CA LYS B 187 34.00 -13.29 -2.93
C LYS B 187 32.70 -14.08 -2.75
N VAL B 188 31.55 -13.42 -2.86
CA VAL B 188 30.22 -14.06 -2.69
C VAL B 188 30.03 -15.06 -3.84
N ILE B 189 30.40 -14.66 -5.06
CA ILE B 189 30.23 -15.44 -6.31
C ILE B 189 31.14 -16.67 -6.26
N ASN B 190 32.37 -16.54 -5.74
CA ASN B 190 33.30 -17.67 -5.47
C ASN B 190 32.64 -18.65 -4.48
N LEU B 191 32.03 -18.15 -3.38
CA LEU B 191 31.36 -19.04 -2.38
C LEU B 191 30.17 -19.74 -3.06
N TYR B 192 29.46 -19.04 -3.94
CA TYR B 192 28.31 -19.62 -4.67
C TYR B 192 28.79 -20.82 -5.51
N LYS B 193 29.93 -20.65 -6.18
CA LYS B 193 30.64 -21.70 -6.97
C LYS B 193 31.01 -22.88 -6.06
N GLU B 194 31.64 -22.66 -4.91
CA GLU B 194 31.96 -23.77 -3.97
C GLU B 194 30.65 -24.49 -3.60
N PHE B 195 29.61 -23.72 -3.27
CA PHE B 195 28.28 -24.27 -2.90
C PHE B 195 27.74 -25.17 -4.02
N ILE B 196 27.80 -24.73 -5.29
CA ILE B 196 27.23 -25.50 -6.43
C ILE B 196 28.01 -26.80 -6.61
N ILE B 197 29.34 -26.73 -6.61
CA ILE B 197 30.24 -27.90 -6.81
C ILE B 197 29.96 -28.91 -5.70
N GLN B 198 29.97 -28.45 -4.46
CA GLN B 198 29.69 -29.27 -3.25
C GLN B 198 28.32 -29.93 -3.41
N ARG B 199 27.33 -29.23 -3.99
CA ARG B 199 25.94 -29.73 -4.08
C ARG B 199 25.81 -30.79 -5.18
N TYR B 200 26.42 -30.59 -6.34
CA TYR B 200 26.20 -31.41 -7.56
C TYR B 200 27.38 -32.35 -7.85
N LYS B 201 28.56 -32.05 -7.31
CA LYS B 201 29.82 -32.84 -7.41
C LYS B 201 30.37 -32.80 -8.84
N THR B 202 29.60 -33.14 -9.85
CA THR B 202 30.09 -33.11 -11.26
C THR B 202 29.20 -32.19 -12.08
N ILE B 203 29.75 -31.62 -13.15
CA ILE B 203 29.00 -30.75 -14.09
C ILE B 203 27.92 -31.58 -14.81
N GLU B 204 28.14 -32.87 -15.06
CA GLU B 204 27.11 -33.73 -15.70
C GLU B 204 25.89 -33.81 -14.76
N LYS B 205 26.10 -33.92 -13.45
CA LYS B 205 24.96 -33.98 -12.47
C LYS B 205 24.20 -32.65 -12.55
N LEU B 206 24.88 -31.51 -12.45
CA LEU B 206 24.23 -30.19 -12.59
C LEU B 206 23.48 -30.13 -13.93
N ASN B 207 24.15 -30.49 -15.04
CA ASN B 207 23.57 -30.45 -16.40
C ASN B 207 22.25 -31.25 -16.46
N SER B 208 22.16 -32.41 -15.82
CA SER B 208 20.92 -33.26 -15.92
C SER B 208 19.79 -32.61 -15.14
N VAL B 209 20.09 -31.85 -14.09
CA VAL B 209 19.05 -31.14 -13.29
C VAL B 209 18.65 -29.84 -14.03
N TYR B 210 19.61 -29.07 -14.54
CA TYR B 210 19.37 -27.71 -15.08
C TYR B 210 18.98 -27.79 -16.57
N SER B 211 19.27 -28.92 -17.23
CA SER B 211 19.35 -29.06 -18.71
C SER B 211 20.30 -28.02 -19.29
N THR B 212 21.49 -27.87 -18.71
CA THR B 212 22.58 -26.99 -19.20
C THR B 212 23.55 -27.81 -20.08
N ASN B 213 24.68 -27.22 -20.49
CA ASN B 213 25.61 -27.83 -21.48
C ASN B 213 27.03 -27.34 -21.20
N TYR B 214 27.33 -27.10 -19.94
CA TYR B 214 28.68 -26.73 -19.46
C TYR B 214 29.62 -27.92 -19.70
N ASN B 215 30.89 -27.65 -20.00
CA ASN B 215 31.95 -28.69 -20.03
C ASN B 215 32.61 -28.81 -18.66
N SER B 216 32.52 -27.77 -17.82
CA SER B 216 33.06 -27.79 -16.44
C SER B 216 32.30 -26.80 -15.54
N PHE B 217 32.62 -26.82 -14.25
CA PHE B 217 32.16 -25.79 -13.25
C PHE B 217 32.78 -24.42 -13.57
N ASP B 218 33.89 -24.38 -14.33
CA ASP B 218 34.59 -23.14 -14.75
C ASP B 218 33.68 -22.36 -15.73
N ASP B 219 32.76 -23.03 -16.45
CA ASP B 219 31.80 -22.35 -17.36
C ASP B 219 30.58 -21.82 -16.59
N LEU B 220 30.50 -22.08 -15.28
CA LEU B 220 29.29 -21.72 -14.49
C LEU B 220 29.43 -20.25 -14.09
N LYS B 221 28.43 -19.40 -14.39
CA LYS B 221 28.37 -17.97 -13.96
C LYS B 221 27.18 -17.80 -12.99
N ALA B 222 27.30 -16.90 -12.01
CA ALA B 222 26.18 -16.55 -11.09
C ALA B 222 25.00 -16.11 -11.93
N PRO B 223 23.74 -16.50 -11.64
CA PRO B 223 22.64 -16.08 -12.49
C PRO B 223 22.36 -14.56 -12.33
N SER B 224 21.88 -13.92 -13.39
CA SER B 224 21.47 -12.50 -13.39
C SER B 224 20.56 -12.23 -14.60
N GLY B 225 19.95 -11.05 -14.64
CA GLY B 225 18.90 -10.73 -15.62
C GLY B 225 17.62 -11.49 -15.35
N LYS B 226 16.60 -11.23 -16.16
CA LYS B 226 15.26 -11.86 -16.07
C LYS B 226 15.39 -13.37 -16.33
N ILE B 227 14.55 -14.17 -15.73
CA ILE B 227 14.51 -15.64 -16.01
C ILE B 227 13.73 -15.81 -17.32
N LYS B 228 14.34 -16.45 -18.32
CA LYS B 228 13.69 -16.70 -19.64
C LYS B 228 13.56 -18.20 -19.89
N LEU B 229 14.44 -18.99 -19.27
CA LEU B 229 14.51 -20.45 -19.50
C LEU B 229 14.33 -21.14 -18.16
N ARG B 230 13.86 -22.39 -18.19
CA ARG B 230 13.82 -23.27 -16.99
C ARG B 230 15.24 -23.39 -16.43
N SER B 231 16.28 -23.44 -17.27
CA SER B 231 17.68 -23.49 -16.77
C SER B 231 18.00 -22.25 -15.90
N ASP B 232 17.47 -21.06 -16.25
CA ASP B 232 17.71 -19.82 -15.49
C ASP B 232 16.93 -19.88 -14.15
N TYR B 233 15.73 -20.45 -14.14
CA TYR B 233 14.93 -20.63 -12.91
C TYR B 233 15.71 -21.53 -11.94
N CYS B 234 16.24 -22.64 -12.45
CA CYS B 234 17.09 -23.60 -11.69
C CYS B 234 18.31 -22.88 -11.12
N ALA B 235 19.06 -22.14 -11.94
CA ALA B 235 20.27 -21.39 -11.48
C ALA B 235 19.85 -20.45 -10.32
N TYR B 236 18.75 -19.74 -10.49
CA TYR B 236 18.31 -18.74 -9.48
C TYR B 236 17.82 -19.44 -8.21
N PHE B 237 17.20 -20.62 -8.33
CA PHE B 237 16.70 -21.39 -7.16
C PHE B 237 17.89 -21.76 -6.28
N ASP B 238 18.94 -22.33 -6.86
CA ASP B 238 20.18 -22.66 -6.11
C ASP B 238 20.87 -21.38 -5.60
N PHE B 239 20.73 -20.24 -6.27
CA PHE B 239 21.30 -18.94 -5.84
C PHE B 239 20.57 -18.54 -4.55
N HIS B 240 19.27 -18.81 -4.49
CA HIS B 240 18.46 -18.66 -3.26
C HIS B 240 18.96 -19.64 -2.17
N LEU B 241 19.15 -20.92 -2.47
CA LEU B 241 19.65 -21.88 -1.44
C LEU B 241 21.01 -21.38 -0.96
N PHE B 242 21.90 -20.98 -1.87
CA PHE B 242 23.25 -20.48 -1.51
C PHE B 242 23.16 -19.32 -0.51
N PHE B 243 22.28 -18.34 -0.74
CA PHE B 243 22.20 -17.16 0.17
C PHE B 243 21.73 -17.58 1.56
N ARG B 244 20.91 -18.62 1.69
CA ARG B 244 20.52 -19.11 3.03
C ARG B 244 21.75 -19.70 3.74
N GLU B 245 22.60 -20.43 3.01
CA GLU B 245 23.88 -20.98 3.56
C GLU B 245 24.80 -19.81 3.89
N TYR B 246 24.86 -18.85 2.99
CA TYR B 246 25.72 -17.63 3.13
C TYR B 246 25.41 -16.91 4.46
N TYR B 247 24.15 -16.63 4.74
CA TYR B 247 23.72 -15.93 5.99
C TYR B 247 24.04 -16.80 7.22
N ASN B 248 23.89 -18.12 7.09
CA ASN B 248 24.27 -19.08 8.17
C ASN B 248 25.77 -19.02 8.44
N LYS B 249 26.60 -18.98 7.41
CA LYS B 249 28.07 -18.85 7.56
C LYS B 249 28.37 -17.53 8.29
N TYR B 250 27.78 -16.42 7.83
CA TYR B 250 28.00 -15.09 8.45
C TYR B 250 27.64 -15.18 9.94
N ILE B 251 26.45 -15.66 10.25
CA ILE B 251 26.02 -15.65 11.66
C ILE B 251 26.85 -16.66 12.47
N SER B 252 27.28 -17.78 11.88
CA SER B 252 28.16 -18.80 12.53
C SER B 252 29.51 -18.17 12.90
N ILE B 253 30.13 -17.41 12.00
CA ILE B 253 31.37 -16.65 12.24
C ILE B 253 31.17 -15.68 13.42
N LEU B 254 30.09 -14.88 13.43
CA LEU B 254 29.84 -13.94 14.55
C LEU B 254 29.70 -14.75 15.84
N LYS B 255 28.93 -15.84 15.82
CA LYS B 255 28.61 -16.65 17.03
C LYS B 255 29.89 -17.23 17.59
N ASN B 256 30.68 -17.88 16.76
CA ASN B 256 31.94 -18.53 17.22
C ASN B 256 32.82 -17.47 17.89
N LYS B 257 32.95 -16.30 17.27
CA LYS B 257 33.75 -15.20 17.83
C LYS B 257 33.18 -14.78 19.19
N ILE B 258 31.86 -14.57 19.28
CA ILE B 258 31.16 -14.24 20.56
C ILE B 258 31.46 -15.32 21.61
N ARG B 259 31.30 -16.59 21.26
CA ARG B 259 31.45 -17.71 22.23
C ARG B 259 32.90 -17.74 22.75
N SER B 260 33.88 -17.35 21.93
CA SER B 260 35.31 -17.33 22.30
C SER B 260 35.58 -16.40 23.50
N PHE B 261 34.67 -15.48 23.85
CA PHE B 261 34.82 -14.54 25.00
C PHE B 261 34.18 -15.08 26.28
N GLY B 262 33.70 -16.31 26.26
CA GLY B 262 32.97 -16.92 27.38
C GLY B 262 31.55 -16.40 27.49
N ILE B 263 30.99 -15.80 26.44
CA ILE B 263 29.57 -15.33 26.47
C ILE B 263 28.63 -16.52 26.19
N ASN B 264 27.88 -16.92 27.21
CA ASN B 264 27.04 -18.16 27.16
C ASN B 264 25.57 -17.79 27.35
N ILE B 265 25.22 -16.51 27.40
CA ILE B 265 23.80 -16.05 27.36
C ILE B 265 23.15 -16.42 26.03
N LYS B 266 21.82 -16.30 26.04
CA LYS B 266 20.92 -16.48 24.89
C LYS B 266 21.31 -15.50 23.77
N LEU B 267 21.60 -16.00 22.58
CA LEU B 267 21.86 -15.16 21.38
C LEU B 267 20.55 -15.02 20.60
N THR B 268 20.35 -13.87 19.94
CA THR B 268 19.07 -13.58 19.25
C THR B 268 19.31 -13.06 17.84
N HIS B 269 18.25 -13.10 17.04
CA HIS B 269 18.20 -12.35 15.78
C HIS B 269 16.77 -11.87 15.58
N ASN B 270 16.59 -10.90 14.70
CA ASN B 270 15.30 -10.17 14.57
C ASN B 270 14.83 -10.26 13.12
N ILE B 271 13.54 -10.53 12.93
CA ILE B 271 12.96 -10.80 11.58
C ILE B 271 12.28 -9.53 11.04
N PRO B 272 12.75 -8.99 9.91
CA PRO B 272 12.04 -7.91 9.22
C PRO B 272 10.86 -8.42 8.37
N GLY B 273 10.09 -7.49 7.81
CA GLY B 273 9.16 -7.84 6.72
C GLY B 273 7.88 -7.03 6.73
N TRP B 274 7.54 -6.38 7.83
CA TRP B 274 6.40 -5.43 7.84
C TRP B 274 6.75 -4.19 6.99
N ILE B 275 5.76 -3.69 6.24
CA ILE B 275 5.87 -2.38 5.55
C ILE B 275 4.45 -1.90 5.26
N TYR B 276 4.19 -0.61 5.44
CA TYR B 276 2.87 0.02 5.25
C TYR B 276 1.82 -0.66 6.13
N GLY B 277 2.25 -1.34 7.20
CA GLY B 277 1.31 -1.85 8.23
C GLY B 277 0.78 -3.22 7.88
N ASN B 278 1.36 -3.92 6.91
CA ASN B 278 1.03 -5.36 6.70
C ASN B 278 2.35 -6.16 6.55
N ALA B 279 2.25 -7.49 6.66
CA ALA B 279 3.46 -8.34 6.81
C ALA B 279 3.43 -9.49 5.79
N SER B 280 2.70 -9.32 4.67
CA SER B 280 2.51 -10.40 3.66
C SER B 280 3.85 -10.84 3.06
N GLU B 281 4.88 -10.02 3.13
CA GLU B 281 6.24 -10.36 2.63
C GLU B 281 7.13 -10.90 3.74
N LEU B 282 6.76 -10.77 5.02
CA LEU B 282 7.62 -11.25 6.12
C LEU B 282 7.88 -12.75 5.96
N PRO B 283 6.94 -13.59 5.48
CA PRO B 283 7.27 -15.00 5.28
C PRO B 283 8.45 -15.22 4.33
N MET B 284 8.58 -14.40 3.30
CA MET B 284 9.76 -14.47 2.40
C MET B 284 11.03 -14.20 3.22
N LEU B 285 11.04 -13.17 4.08
CA LEU B 285 12.26 -12.78 4.84
C LEU B 285 12.62 -13.90 5.82
N ILE B 286 11.64 -14.43 6.52
CA ILE B 286 11.91 -15.51 7.51
C ILE B 286 12.44 -16.74 6.79
N SER B 287 12.01 -16.99 5.55
CA SER B 287 12.53 -18.11 4.73
C SER B 287 14.05 -17.94 4.47
N THR B 288 14.63 -16.73 4.53
CA THR B 288 16.08 -16.51 4.26
C THR B 288 16.92 -17.05 5.42
N TYR B 289 16.27 -17.28 6.56
CA TYR B 289 16.93 -17.72 7.81
C TYR B 289 16.75 -19.24 7.98
N SER B 290 16.25 -19.94 6.96
CA SER B 290 15.91 -21.39 7.08
C SER B 290 17.15 -22.19 7.53
N GLU B 291 18.34 -21.91 7.01
CA GLU B 291 19.56 -22.69 7.36
C GLU B 291 20.08 -22.28 8.74
N ILE B 292 19.97 -21.00 9.08
CA ILE B 292 20.40 -20.55 10.42
C ILE B 292 19.59 -21.34 11.45
N MET B 293 18.28 -21.39 11.28
CA MET B 293 17.36 -22.01 12.25
C MET B 293 17.57 -23.53 12.30
N LYS B 294 17.92 -24.18 11.19
CA LYS B 294 18.23 -25.63 11.24
C LYS B 294 19.51 -25.86 12.04
N ASN B 295 20.50 -24.97 11.92
CA ASN B 295 21.88 -25.24 12.37
C ASN B 295 22.17 -24.63 13.75
N HIS B 296 21.33 -23.74 14.25
CA HIS B 296 21.62 -23.00 15.50
C HIS B 296 20.40 -23.07 16.39
N PRO B 297 20.22 -24.18 17.14
CA PRO B 297 19.10 -24.30 18.05
C PRO B 297 19.19 -23.30 19.21
N ASP B 298 20.33 -22.65 19.39
CA ASP B 298 20.61 -21.79 20.55
C ASP B 298 20.44 -20.29 20.20
N ILE B 299 20.12 -19.98 18.92
CA ILE B 299 19.79 -18.59 18.50
C ILE B 299 18.27 -18.47 18.42
N ILE B 300 17.71 -17.58 19.24
CA ILE B 300 16.24 -17.36 19.25
C ILE B 300 15.92 -16.18 18.32
N PHE B 301 15.19 -16.48 17.26
CA PHE B 301 14.61 -15.46 16.35
C PHE B 301 13.39 -14.84 17.01
N GLY B 302 13.33 -13.51 16.98
CA GLY B 302 12.14 -12.74 17.38
C GLY B 302 11.60 -11.94 16.20
N LEU B 303 10.31 -11.59 16.25
CA LEU B 303 9.64 -10.83 15.17
C LEU B 303 9.79 -9.32 15.38
N ASP B 304 9.86 -8.55 14.27
CA ASP B 304 9.88 -7.07 14.27
C ASP B 304 8.52 -6.63 13.74
N HIS B 305 7.53 -6.54 14.65
CA HIS B 305 6.12 -6.21 14.32
C HIS B 305 5.95 -4.69 14.18
N ILE B 306 5.50 -4.24 12.99
CA ILE B 306 5.24 -2.80 12.72
C ILE B 306 3.86 -2.65 12.10
N PRO B 307 2.79 -2.82 12.89
CA PRO B 307 1.41 -2.74 12.39
C PRO B 307 0.92 -1.35 11.98
N GLU B 308 1.45 -0.27 12.60
CA GLU B 308 1.15 1.16 12.28
C GLU B 308 -0.29 1.51 12.66
N PHE B 309 -1.21 0.57 12.53
CA PHE B 309 -2.62 0.75 12.92
C PHE B 309 -3.17 -0.63 13.25
N VAL B 310 -4.41 -0.70 13.75
CA VAL B 310 -5.01 -1.98 14.18
C VAL B 310 -6.45 -2.06 13.69
N SER B 311 -6.66 -2.76 12.57
CA SER B 311 -8.01 -2.83 11.94
C SER B 311 -8.14 -4.13 11.18
N PHE B 312 -9.32 -4.36 10.65
CA PHE B 312 -9.55 -5.52 9.77
C PHE B 312 -8.57 -5.48 8.58
N ARG B 313 -8.08 -4.30 8.21
CA ARG B 313 -7.13 -4.18 7.06
C ARG B 313 -5.83 -4.95 7.34
N ASN B 314 -5.39 -5.07 8.61
CA ASN B 314 -4.11 -5.77 8.89
C ASN B 314 -4.22 -6.78 10.03
N ALA B 315 -5.43 -7.15 10.46
CA ALA B 315 -5.67 -8.01 11.65
C ALA B 315 -4.95 -9.35 11.50
N HIS B 316 -4.83 -9.88 10.30
CA HIS B 316 -4.33 -11.26 10.07
C HIS B 316 -2.79 -11.31 10.03
N SER B 317 -2.15 -10.16 9.83
CA SER B 317 -0.68 -10.12 9.61
C SER B 317 0.03 -10.72 10.82
N ASP B 318 -0.27 -10.25 12.05
CA ASP B 318 0.55 -10.61 13.23
C ASP B 318 0.30 -12.09 13.58
N LEU B 319 -0.93 -12.57 13.44
CA LEU B 319 -1.21 -14.00 13.73
C LEU B 319 -0.45 -14.87 12.72
N ALA B 320 -0.59 -14.62 11.41
CA ALA B 320 0.08 -15.43 10.37
C ALA B 320 1.60 -15.44 10.62
N CYS B 321 2.22 -14.29 10.91
CA CYS B 321 3.66 -14.22 11.26
C CYS B 321 3.98 -15.01 12.54
N ASN B 322 3.19 -14.87 13.60
CA ASN B 322 3.44 -15.62 14.85
C ASN B 322 3.39 -17.12 14.56
N LYS B 323 2.41 -17.54 13.80
CA LYS B 323 2.21 -18.97 13.47
C LYS B 323 3.36 -19.48 12.59
N ILE B 324 3.84 -18.68 11.63
CA ILE B 324 4.95 -19.12 10.75
C ILE B 324 6.23 -19.19 11.59
N LEU B 325 6.44 -18.25 12.54
CA LEU B 325 7.66 -18.34 13.37
C LEU B 325 7.56 -19.61 14.21
N GLU B 326 6.40 -19.93 14.76
CA GLU B 326 6.18 -21.19 15.52
C GLU B 326 6.51 -22.42 14.63
N ALA B 327 6.10 -22.44 13.37
CA ALA B 327 6.45 -23.50 12.38
C ALA B 327 7.96 -23.66 12.24
N MET B 328 8.69 -22.57 12.06
CA MET B 328 10.15 -22.61 11.78
C MET B 328 10.97 -22.74 13.08
N GLN B 329 10.40 -22.44 14.25
CA GLN B 329 11.12 -22.41 15.56
C GLN B 329 10.20 -22.96 16.66
N PRO B 330 9.83 -24.26 16.63
CA PRO B 330 8.86 -24.81 17.59
C PRO B 330 9.42 -24.97 19.00
N GLU B 331 10.73 -24.88 19.17
CA GLU B 331 11.36 -25.27 20.46
C GLU B 331 11.64 -24.01 21.27
N ALA B 332 11.24 -22.84 20.78
CA ALA B 332 11.52 -21.55 21.47
C ALA B 332 10.24 -20.74 21.52
N PRO B 333 10.09 -19.87 22.53
CA PRO B 333 8.93 -18.97 22.61
C PRO B 333 8.85 -18.04 21.39
N VAL B 334 7.63 -17.81 20.93
CA VAL B 334 7.34 -16.78 19.90
C VAL B 334 7.36 -15.44 20.63
N TRP B 335 8.18 -14.52 20.15
CA TRP B 335 8.38 -13.22 20.83
C TRP B 335 8.72 -12.15 19.79
N ALA B 336 8.46 -10.90 20.13
CA ALA B 336 8.76 -9.75 19.26
C ALA B 336 10.04 -9.09 19.76
N ALA B 337 11.15 -9.19 19.01
CA ALA B 337 12.42 -8.49 19.29
C ALA B 337 12.18 -6.98 19.22
N GLU B 338 11.26 -6.58 18.33
CA GLU B 338 10.85 -5.16 18.11
C GLU B 338 9.32 -5.16 18.00
N PHE B 339 8.68 -4.51 18.94
CA PHE B 339 7.22 -4.59 19.12
C PHE B 339 6.73 -3.15 19.14
N GLN B 340 6.05 -2.72 18.08
CA GLN B 340 5.85 -1.28 17.83
C GLN B 340 5.35 -0.54 19.08
N ALA B 341 6.05 0.52 19.44
CA ALA B 341 5.67 1.51 20.46
C ALA B 341 6.04 2.87 19.86
N GLY B 342 5.07 3.77 19.70
CA GLY B 342 5.27 4.93 18.83
C GLY B 342 5.53 4.52 17.39
N THR B 343 6.10 5.44 16.64
CA THR B 343 6.27 5.34 15.18
C THR B 343 7.66 5.85 14.82
N ARG B 344 8.31 5.14 13.91
CA ARG B 344 9.58 5.58 13.28
C ARG B 344 9.36 6.82 12.41
N GLU B 345 8.13 7.09 11.99
CA GLU B 345 7.81 8.08 10.94
C GLU B 345 6.76 9.06 11.46
N HIS B 346 7.10 10.36 11.56
CA HIS B 346 6.22 11.40 12.14
C HIS B 346 4.86 11.40 11.46
N HIS B 347 4.83 11.18 10.15
CA HIS B 347 3.63 11.30 9.29
C HIS B 347 2.82 10.00 9.30
N VAL B 348 3.34 8.98 9.96
CA VAL B 348 2.65 7.66 10.10
C VAL B 348 2.31 7.50 11.57
N LYS B 349 1.10 7.89 11.94
CA LYS B 349 0.71 8.02 13.37
C LYS B 349 0.57 6.66 14.02
N ALA B 350 0.98 6.59 15.28
CA ALA B 350 0.84 5.41 16.14
C ALA B 350 0.01 5.77 17.37
N TYR B 351 -1.26 5.40 17.35
CA TYR B 351 -2.20 5.77 18.42
C TYR B 351 -2.07 4.77 19.55
N ALA B 352 -1.93 5.31 20.77
CA ALA B 352 -1.97 4.54 22.02
C ALA B 352 -3.15 3.57 21.99
N LYS B 353 -4.32 4.03 21.56
CA LYS B 353 -5.56 3.20 21.64
C LYS B 353 -5.50 2.12 20.57
N ASP B 354 -4.78 2.36 19.47
CA ASP B 354 -4.50 1.33 18.46
C ASP B 354 -3.54 0.31 19.08
N LEU B 355 -2.41 0.78 19.60
CA LEU B 355 -1.32 -0.15 20.01
C LEU B 355 -1.77 -1.00 21.20
N GLU B 356 -2.53 -0.43 22.14
CA GLU B 356 -3.06 -1.17 23.31
C GLU B 356 -3.83 -2.42 22.84
N THR B 357 -4.68 -2.25 21.85
CA THR B 357 -5.43 -3.36 21.20
C THR B 357 -4.44 -4.34 20.56
N PHE B 358 -3.45 -3.85 19.81
CA PHE B 358 -2.42 -4.71 19.16
C PHE B 358 -1.74 -5.57 20.22
N TYR B 359 -1.44 -4.99 21.39
CA TYR B 359 -0.71 -5.70 22.48
C TYR B 359 -1.58 -6.87 22.98
N ILE B 360 -2.85 -6.60 23.25
CA ILE B 360 -3.81 -7.64 23.73
C ILE B 360 -4.01 -8.69 22.62
N ALA B 361 -4.23 -8.28 21.38
CA ALA B 361 -4.39 -9.20 20.23
C ALA B 361 -3.15 -10.08 20.11
N SER B 362 -1.95 -9.53 20.31
CA SER B 362 -0.67 -10.27 20.25
C SER B 362 -0.68 -11.41 21.28
N LEU B 363 -1.19 -11.14 22.50
CA LEU B 363 -1.39 -12.20 23.54
C LEU B 363 -2.36 -13.30 23.02
N ALA B 364 -3.51 -12.92 22.45
CA ALA B 364 -4.52 -13.84 21.87
C ALA B 364 -3.85 -14.70 20.80
N HIS B 365 -3.00 -14.07 20.00
CA HIS B 365 -2.24 -14.65 18.84
C HIS B 365 -0.94 -15.32 19.29
N GLY B 366 -0.72 -15.53 20.59
CA GLY B 366 0.26 -16.52 21.10
C GLY B 366 1.63 -15.97 21.39
N ILE B 367 1.79 -14.66 21.45
CA ILE B 367 3.10 -14.05 21.76
C ILE B 367 3.40 -14.32 23.25
N LYS B 368 4.68 -14.56 23.57
CA LYS B 368 5.16 -14.99 24.92
C LYS B 368 6.14 -13.96 25.49
N GLY B 369 6.41 -12.91 24.75
CA GLY B 369 7.36 -11.87 25.16
C GLY B 369 7.50 -10.82 24.08
N PHE B 370 7.85 -9.62 24.49
CA PHE B 370 8.13 -8.55 23.50
C PHE B 370 9.01 -7.47 24.12
N ASN B 371 9.56 -6.69 23.20
CA ASN B 371 10.40 -5.51 23.47
C ASN B 371 9.75 -4.32 22.75
N TYR B 372 9.14 -3.46 23.53
CA TYR B 372 8.53 -2.19 23.07
C TYR B 372 9.60 -1.37 22.36
N TYR B 373 9.42 -1.22 21.05
CA TYR B 373 10.37 -0.52 20.14
C TYR B 373 9.55 0.59 19.46
N MET B 374 9.64 1.87 19.90
CA MET B 374 10.57 2.38 20.90
C MET B 374 9.81 2.74 22.17
N PHE B 375 10.23 2.20 23.31
CA PHE B 375 9.71 2.63 24.63
C PHE B 375 10.04 4.11 24.81
N SER B 376 11.31 4.45 24.62
CA SER B 376 11.82 5.83 24.79
C SER B 376 12.24 6.37 23.44
N GLN B 377 11.69 7.50 23.05
CA GLN B 377 12.20 8.36 21.96
C GLN B 377 13.69 8.66 22.21
N GLY B 378 14.40 8.92 21.13
CA GLY B 378 15.81 9.34 21.18
C GLY B 378 15.99 10.65 20.46
N ILE B 379 17.06 11.36 20.81
CA ILE B 379 17.59 12.50 20.03
C ILE B 379 18.95 12.08 19.52
N ASN B 380 19.08 12.00 18.20
CA ASN B 380 20.34 11.68 17.49
C ASN B 380 21.37 12.72 17.93
N PRO B 381 22.52 12.27 18.47
CA PRO B 381 23.60 13.18 18.81
C PRO B 381 24.27 13.64 17.52
N GLU B 382 24.88 14.82 17.52
CA GLU B 382 25.95 15.25 16.57
C GLU B 382 25.67 14.79 15.14
N GLY B 383 24.48 15.08 14.60
CA GLY B 383 24.00 14.72 13.25
C GLY B 383 24.20 13.24 12.88
N LYS B 384 24.31 12.31 13.84
CA LYS B 384 24.56 10.84 13.62
C LYS B 384 23.25 10.12 13.25
N GLY B 385 22.16 10.85 13.16
CA GLY B 385 20.86 10.39 12.64
C GLY B 385 20.94 10.29 11.12
N PHE B 386 20.48 9.18 10.57
CA PHE B 386 20.31 8.96 9.11
C PHE B 386 19.37 10.04 8.57
N TYR B 387 18.29 10.32 9.32
CA TYR B 387 17.19 11.27 8.98
C TYR B 387 17.36 12.51 9.88
N GLY B 388 16.27 13.02 10.43
CA GLY B 388 16.25 14.20 11.32
C GLY B 388 16.95 14.04 12.66
N LYS B 389 16.71 15.01 13.53
CA LYS B 389 17.25 15.09 14.90
C LYS B 389 16.56 14.05 15.80
N THR B 390 15.29 13.72 15.55
CA THR B 390 14.46 12.96 16.51
C THR B 390 14.30 11.52 16.04
N PHE B 391 14.48 10.56 16.95
CA PHE B 391 14.35 9.10 16.69
C PHE B 391 13.05 8.66 17.37
N TYR B 392 12.03 8.41 16.54
CA TYR B 392 10.68 7.94 16.93
C TYR B 392 9.84 9.06 17.55
N PHE B 393 8.52 8.81 17.52
CA PHE B 393 7.46 9.75 17.94
C PHE B 393 6.33 8.96 18.59
N GLN B 394 5.56 9.63 19.46
CA GLN B 394 4.38 9.03 20.14
C GLN B 394 4.78 7.75 20.87
N THR B 395 5.98 7.74 21.41
CA THR B 395 6.51 6.65 22.28
C THR B 395 5.86 6.70 23.67
N ALA B 396 6.33 5.86 24.60
CA ALA B 396 5.87 5.81 26.00
C ALA B 396 6.46 7.00 26.74
N LEU B 397 7.75 7.28 26.48
CA LEU B 397 8.48 8.44 27.03
C LEU B 397 9.11 9.20 25.88
N ASP B 398 9.14 10.53 25.93
CA ASP B 398 9.92 11.31 24.96
C ASP B 398 11.39 11.23 25.39
N ALA B 399 12.29 11.83 24.60
CA ALA B 399 13.74 11.68 24.78
C ALA B 399 14.14 12.30 26.12
N ALA B 400 13.35 13.23 26.65
CA ALA B 400 13.60 13.87 27.96
C ALA B 400 12.86 13.16 29.12
N SER B 401 12.27 11.98 28.87
CA SER B 401 11.58 11.08 29.83
C SER B 401 10.20 11.61 30.24
N ASN B 402 9.65 12.57 29.49
CA ASN B 402 8.22 12.96 29.67
C ASN B 402 7.36 11.75 29.33
N LYS B 403 6.40 11.43 30.18
CA LYS B 403 5.35 10.42 29.89
C LYS B 403 4.44 10.97 28.79
N LEU B 404 4.19 10.14 27.77
CA LEU B 404 3.22 10.40 26.69
C LEU B 404 2.05 9.42 26.85
N ALA B 405 0.99 9.58 26.05
CA ALA B 405 -0.28 8.80 26.17
C ALA B 405 0.01 7.28 26.20
N LEU B 406 0.96 6.78 25.41
CA LEU B 406 1.22 5.32 25.33
C LEU B 406 1.68 4.75 26.69
N TYR B 407 2.34 5.56 27.53
CA TYR B 407 2.86 5.12 28.85
C TYR B 407 1.77 4.39 29.64
N ASP B 408 0.60 5.02 29.80
CA ASP B 408 -0.55 4.50 30.60
C ASP B 408 -1.12 3.24 29.95
N SER B 409 -1.14 3.16 28.60
CA SER B 409 -1.60 1.95 27.86
C SER B 409 -0.63 0.81 28.16
N ILE B 410 0.66 1.07 28.18
CA ILE B 410 1.68 0.01 28.40
C ILE B 410 1.60 -0.46 29.85
N LYS B 411 1.52 0.47 30.81
CA LYS B 411 1.29 0.15 32.24
C LYS B 411 0.03 -0.73 32.40
N LYS B 412 -1.06 -0.41 31.71
CA LYS B 412 -2.33 -1.18 31.82
C LYS B 412 -2.11 -2.61 31.29
N VAL B 413 -1.53 -2.76 30.10
CA VAL B 413 -1.33 -4.09 29.46
C VAL B 413 -0.33 -4.90 30.30
N ASN B 414 0.75 -4.28 30.77
CA ASN B 414 1.77 -4.98 31.60
C ASN B 414 1.14 -5.50 32.90
N ARG B 415 0.28 -4.70 33.53
CA ARG B 415 -0.41 -5.08 34.80
C ARG B 415 -1.29 -6.32 34.50
N PHE B 416 -2.02 -6.33 33.39
CA PHE B 416 -2.80 -7.53 32.99
C PHE B 416 -1.84 -8.71 32.82
N ILE B 417 -0.74 -8.55 32.08
CA ILE B 417 0.18 -9.67 31.76
C ILE B 417 0.79 -10.23 33.05
N ARG B 418 1.24 -9.37 33.96
CA ARG B 418 1.84 -9.81 35.25
C ARG B 418 0.84 -10.60 36.08
N LYS B 419 -0.42 -10.17 36.12
CA LYS B 419 -1.51 -10.82 36.88
C LYS B 419 -1.79 -12.23 36.31
N GLU B 420 -1.56 -12.47 35.01
CA GLU B 420 -2.09 -13.67 34.29
C GLU B 420 -0.98 -14.59 33.78
N GLN B 421 0.28 -14.13 33.74
CA GLN B 421 1.35 -14.77 32.95
C GLN B 421 1.53 -16.25 33.35
N LYS B 422 1.41 -16.55 34.64
CA LYS B 422 1.59 -17.91 35.21
C LYS B 422 0.67 -18.88 34.44
N ASP B 423 -0.59 -18.52 34.20
CA ASP B 423 -1.59 -19.38 33.53
C ASP B 423 -1.55 -19.09 32.03
N LEU B 424 -1.54 -17.82 31.62
CA LEU B 424 -1.69 -17.43 30.19
C LEU B 424 -0.55 -18.02 29.35
N LEU B 425 0.67 -18.01 29.86
CA LEU B 425 1.86 -18.50 29.13
C LEU B 425 1.78 -20.00 28.86
N ARG B 426 1.04 -20.72 29.69
CA ARG B 426 0.89 -22.20 29.59
C ARG B 426 -0.40 -22.55 28.83
N THR B 427 -1.05 -21.60 28.15
CA THR B 427 -2.30 -21.89 27.38
C THR B 427 -1.96 -22.07 25.90
N ASN B 428 -2.73 -22.90 25.21
CA ASN B 428 -2.68 -22.91 23.73
C ASN B 428 -4.10 -22.91 23.17
N VAL B 429 -4.25 -22.66 21.88
CA VAL B 429 -5.54 -22.82 21.15
C VAL B 429 -5.62 -24.29 20.74
N ASN B 430 -6.81 -24.83 20.55
CA ASN B 430 -7.02 -26.21 20.09
C ASN B 430 -7.13 -26.15 18.56
N SER B 431 -6.04 -26.35 17.85
CA SER B 431 -6.05 -26.35 16.36
C SER B 431 -6.32 -27.76 15.82
N GLU B 432 -7.38 -27.93 15.03
CA GLU B 432 -7.70 -29.19 14.31
C GLU B 432 -7.35 -29.01 12.83
N ILE B 433 -6.97 -27.78 12.44
CA ILE B 433 -6.56 -27.42 11.07
C ILE B 433 -5.06 -27.19 11.10
N CYS B 434 -4.34 -27.85 10.21
CA CYS B 434 -2.92 -27.58 9.96
C CYS B 434 -2.77 -27.00 8.56
N VAL B 435 -1.99 -25.93 8.43
CA VAL B 435 -1.68 -25.32 7.12
C VAL B 435 -0.20 -25.50 6.80
N GLY B 436 0.07 -26.11 5.64
CA GLY B 436 1.43 -26.43 5.22
C GLY B 436 2.22 -25.20 4.84
N PHE B 437 3.45 -25.11 5.33
CA PHE B 437 4.45 -24.07 4.97
C PHE B 437 5.46 -24.72 4.06
N TYR B 438 5.34 -24.45 2.75
CA TYR B 438 6.24 -25.05 1.75
C TYR B 438 7.27 -23.98 1.39
N LYS B 439 8.45 -24.06 2.01
CA LYS B 439 9.47 -22.97 2.06
C LYS B 439 9.94 -22.60 0.66
N PRO B 440 10.12 -23.54 -0.31
CA PRO B 440 10.62 -23.14 -1.62
C PRO B 440 9.76 -22.13 -2.38
N TYR B 441 8.46 -22.03 -2.08
CA TYR B 441 7.58 -21.03 -2.73
C TYR B 441 8.00 -19.61 -2.32
N PHE B 442 8.69 -19.50 -1.19
CA PHE B 442 9.04 -18.19 -0.54
C PHE B 442 10.45 -17.79 -0.95
N PHE B 443 11.17 -18.64 -1.65
CA PHE B 443 12.61 -18.43 -1.95
C PHE B 443 12.74 -17.58 -3.21
N THR B 444 12.28 -16.32 -3.19
CA THR B 444 12.21 -15.50 -4.44
C THR B 444 12.69 -14.06 -4.21
N GLU B 445 13.38 -13.76 -3.09
CA GLU B 445 13.73 -12.37 -2.72
C GLU B 445 14.64 -11.76 -3.79
N LEU B 446 15.33 -12.56 -4.59
CA LEU B 446 16.23 -12.12 -5.68
C LEU B 446 15.46 -11.88 -6.97
N ILE B 447 14.27 -12.49 -7.15
CA ILE B 447 13.59 -12.53 -8.47
C ILE B 447 12.14 -12.03 -8.45
N SER B 448 11.48 -11.97 -7.29
CA SER B 448 10.04 -11.61 -7.20
C SER B 448 9.67 -11.28 -5.77
N SER B 449 9.38 -10.01 -5.51
CA SER B 449 8.96 -9.48 -4.20
C SER B 449 8.24 -8.15 -4.39
N GLN B 450 7.59 -7.68 -3.32
CA GLN B 450 6.91 -6.37 -3.26
C GLN B 450 7.96 -5.26 -3.35
N LEU B 451 9.20 -5.51 -2.95
CA LEU B 451 10.27 -4.48 -2.86
C LEU B 451 11.16 -4.50 -4.12
N LEU B 452 11.17 -5.62 -4.85
CA LEU B 452 11.97 -5.73 -6.10
C LEU B 452 11.25 -4.89 -7.17
N LYS B 453 11.98 -3.99 -7.84
CA LYS B 453 11.39 -2.98 -8.79
C LYS B 453 10.94 -3.73 -10.05
N GLU B 454 11.90 -4.30 -10.77
CA GLU B 454 11.66 -5.11 -12.00
C GLU B 454 11.72 -6.60 -11.62
N LYS B 455 10.60 -7.31 -11.84
CA LYS B 455 10.39 -8.79 -11.68
C LYS B 455 11.34 -9.57 -12.60
N LYS B 456 12.15 -10.47 -12.05
CA LYS B 456 12.97 -11.40 -12.85
C LYS B 456 12.18 -12.68 -13.13
N LEU B 457 11.08 -12.93 -12.42
CA LEU B 457 10.30 -14.18 -12.54
C LEU B 457 8.96 -13.87 -13.20
N ASN B 458 8.74 -14.40 -14.42
CA ASN B 458 7.44 -14.39 -15.14
C ASN B 458 7.17 -15.83 -15.55
N VAL B 459 6.30 -16.52 -14.82
CA VAL B 459 6.25 -18.01 -14.87
C VAL B 459 5.68 -18.44 -16.22
N GLU B 460 4.92 -17.55 -16.85
CA GLU B 460 4.33 -17.78 -18.20
C GLU B 460 5.46 -18.09 -19.19
N GLU B 461 6.62 -17.44 -19.05
CA GLU B 461 7.78 -17.68 -19.95
C GLU B 461 8.33 -19.09 -19.72
N LEU B 462 7.98 -19.75 -18.62
CA LEU B 462 8.49 -21.11 -18.28
C LEU B 462 7.43 -22.19 -18.59
N GLY B 463 6.30 -21.84 -19.20
CA GLY B 463 5.18 -22.78 -19.44
C GLY B 463 4.33 -23.03 -18.20
N LEU B 464 4.34 -22.12 -17.22
CA LEU B 464 3.62 -22.26 -15.93
C LEU B 464 2.59 -21.14 -15.85
N TYR B 465 1.58 -21.28 -14.99
CA TYR B 465 0.57 -20.22 -14.79
C TYR B 465 0.39 -19.85 -13.31
N ILE B 466 0.90 -20.63 -12.35
CA ILE B 466 0.73 -20.32 -10.90
C ILE B 466 2.04 -19.75 -10.36
N ASP B 467 2.04 -18.46 -10.12
CA ASP B 467 3.27 -17.77 -9.65
C ASP B 467 3.35 -18.04 -8.15
N PRO B 468 4.51 -18.49 -7.63
CA PRO B 468 4.60 -18.84 -6.22
C PRO B 468 4.40 -17.68 -5.25
N ARG B 469 4.76 -16.46 -5.64
CA ARG B 469 4.56 -15.28 -4.75
C ARG B 469 3.08 -14.89 -4.76
N PHE B 470 2.42 -14.91 -5.90
CA PHE B 470 0.96 -14.66 -5.91
C PHE B 470 0.27 -15.72 -5.05
N LEU B 471 0.64 -17.00 -5.21
CA LEU B 471 0.06 -18.10 -4.39
C LEU B 471 0.27 -17.77 -2.91
N ARG B 472 1.51 -17.50 -2.49
CA ARG B 472 1.81 -17.44 -1.04
C ARG B 472 1.28 -16.13 -0.43
N GLU B 473 1.09 -15.07 -1.24
CA GLU B 473 0.56 -13.76 -0.75
C GLU B 473 -0.97 -13.72 -0.80
N GLU B 474 -1.57 -14.03 -1.95
CA GLU B 474 -3.02 -13.80 -2.16
C GLU B 474 -3.84 -15.03 -1.77
N ILE B 475 -3.36 -16.25 -2.06
CA ILE B 475 -4.15 -17.50 -1.86
C ILE B 475 -3.92 -17.96 -0.41
N LEU B 476 -2.66 -17.91 0.06
CA LEU B 476 -2.28 -18.32 1.43
C LEU B 476 -2.45 -17.16 2.41
N PHE B 477 -1.59 -16.13 2.37
CA PHE B 477 -1.48 -15.15 3.47
C PHE B 477 -2.77 -14.32 3.60
N ASN B 478 -3.17 -13.64 2.54
CA ASN B 478 -4.34 -12.71 2.55
C ASN B 478 -5.61 -13.50 2.25
N GLY B 479 -5.48 -14.77 1.88
CA GLY B 479 -6.62 -15.63 1.54
C GLY B 479 -6.95 -16.57 2.65
N LEU B 480 -6.37 -17.77 2.62
CA LEU B 480 -6.76 -18.83 3.56
C LEU B 480 -6.47 -18.41 5.02
N LEU B 481 -5.28 -17.91 5.31
CA LEU B 481 -4.95 -17.57 6.73
C LEU B 481 -5.90 -16.45 7.20
N ARG B 482 -6.13 -15.43 6.35
CA ARG B 482 -7.02 -14.31 6.71
C ARG B 482 -8.44 -14.84 6.88
N GLY B 483 -8.87 -15.70 5.99
CA GLY B 483 -10.23 -16.29 6.09
C GLY B 483 -10.47 -17.10 7.37
N LEU B 484 -9.56 -18.02 7.70
CA LEU B 484 -9.70 -18.86 8.93
C LEU B 484 -9.74 -17.92 10.14
N GLN B 485 -8.88 -16.91 10.19
CA GLN B 485 -8.84 -15.99 11.35
C GLN B 485 -10.17 -15.26 11.43
N THR B 486 -10.69 -14.79 10.29
CA THR B 486 -11.97 -14.03 10.25
C THR B 486 -13.11 -14.93 10.70
N LEU B 487 -13.05 -16.21 10.34
CA LEU B 487 -14.13 -17.17 10.65
C LEU B 487 -13.95 -17.71 12.07
N ASN B 488 -12.89 -17.28 12.76
CA ASN B 488 -12.55 -17.74 14.14
C ASN B 488 -12.34 -19.26 14.16
N TYR B 489 -11.68 -19.81 13.14
CA TYR B 489 -11.16 -21.21 13.17
C TYR B 489 -9.67 -21.20 13.51
N ASN B 490 -9.27 -21.93 14.56
CA ASN B 490 -7.84 -22.11 14.91
C ASN B 490 -7.13 -22.88 13.81
N TYR B 491 -6.01 -22.37 13.35
CA TYR B 491 -5.02 -23.15 12.55
C TYR B 491 -3.64 -23.16 13.22
N ASP B 492 -2.90 -24.22 12.98
CA ASP B 492 -1.44 -24.24 13.19
C ASP B 492 -0.79 -24.27 11.80
N VAL B 493 0.42 -23.74 11.70
CA VAL B 493 1.25 -23.86 10.47
C VAL B 493 2.32 -24.88 10.77
N VAL B 494 2.61 -25.78 9.83
CA VAL B 494 3.76 -26.74 9.96
C VAL B 494 4.69 -26.61 8.76
N ASP B 495 5.98 -26.49 9.04
CA ASP B 495 7.06 -26.52 8.02
C ASP B 495 7.12 -27.93 7.42
N LEU B 496 6.95 -28.05 6.11
CA LEU B 496 6.86 -29.39 5.46
C LEU B 496 8.26 -30.01 5.29
N GLU B 497 9.34 -29.22 5.42
CA GLU B 497 10.73 -29.76 5.21
C GLU B 497 11.12 -30.67 6.38
N ASN B 498 11.58 -31.89 6.07
CA ASN B 498 11.98 -32.94 7.04
C ASN B 498 10.88 -33.10 8.09
N CYS B 499 9.61 -32.96 7.70
CA CYS B 499 8.44 -32.92 8.62
C CYS B 499 8.09 -34.34 9.05
N ASP B 500 7.88 -34.53 10.35
CA ASP B 500 7.49 -35.83 10.96
C ASP B 500 6.05 -36.15 10.54
N LEU B 501 5.79 -37.32 9.94
CA LEU B 501 4.41 -37.76 9.60
C LEU B 501 3.55 -37.69 10.87
N LYS B 502 4.11 -38.13 12.01
CA LYS B 502 3.38 -38.21 13.31
C LYS B 502 2.87 -36.83 13.71
N SER B 503 3.54 -35.75 13.31
CA SER B 503 3.16 -34.37 13.69
C SER B 503 2.05 -33.78 12.79
N LEU B 504 1.66 -34.48 11.71
CA LEU B 504 0.47 -34.09 10.89
C LEU B 504 -0.76 -34.86 11.37
N THR B 505 -0.59 -36.05 11.95
CA THR B 505 -1.71 -36.99 12.25
C THR B 505 -2.56 -36.48 13.42
N ALA B 506 -2.10 -35.52 14.22
CA ALA B 506 -2.93 -34.93 15.30
C ALA B 506 -4.11 -34.09 14.74
N TYR B 507 -3.99 -33.56 13.52
CA TYR B 507 -4.95 -32.60 12.93
C TYR B 507 -6.02 -33.34 12.12
N LYS B 508 -7.26 -32.85 12.19
CA LYS B 508 -8.40 -33.40 11.39
C LYS B 508 -8.27 -33.00 9.92
N GLN B 509 -7.53 -31.93 9.59
CA GLN B 509 -7.34 -31.51 8.19
C GLN B 509 -5.98 -30.86 8.03
N LEU B 510 -5.37 -31.19 6.91
CA LEU B 510 -4.16 -30.52 6.44
C LEU B 510 -4.52 -29.81 5.16
N TRP B 511 -4.26 -28.51 5.11
CA TRP B 511 -4.49 -27.64 3.94
C TRP B 511 -3.16 -27.35 3.25
N ILE B 512 -3.07 -27.68 1.97
CA ILE B 512 -1.85 -27.40 1.15
C ILE B 512 -2.25 -26.48 -0.01
N THR B 513 -1.71 -25.27 -0.03
CA THR B 513 -1.75 -24.35 -1.17
C THR B 513 -0.56 -24.71 -2.06
N SER B 514 -0.83 -25.31 -3.21
CA SER B 514 0.18 -25.93 -4.10
C SER B 514 0.24 -25.18 -5.43
N ALA B 515 1.46 -24.89 -5.92
CA ALA B 515 1.71 -24.46 -7.31
C ALA B 515 1.89 -25.74 -8.16
N GLU B 516 2.39 -25.60 -9.38
CA GLU B 516 2.53 -26.78 -10.28
C GLU B 516 3.81 -27.54 -9.94
N PHE B 517 4.62 -27.06 -8.99
CA PHE B 517 5.91 -27.71 -8.63
C PHE B 517 5.98 -27.94 -7.13
N MET B 518 6.63 -29.04 -6.75
CA MET B 518 6.72 -29.52 -5.34
C MET B 518 7.70 -30.67 -5.33
N ASP B 519 8.68 -30.63 -4.41
CA ASP B 519 9.78 -31.63 -4.36
C ASP B 519 9.21 -33.02 -4.01
N ALA B 520 9.95 -34.04 -4.40
CA ALA B 520 9.57 -35.46 -4.22
C ALA B 520 9.35 -35.73 -2.73
N GLU B 521 10.20 -35.20 -1.84
CA GLU B 521 10.09 -35.43 -0.36
C GLU B 521 8.68 -35.00 0.10
N THR B 522 8.22 -33.82 -0.32
CA THR B 522 6.92 -33.25 0.11
C THR B 522 5.80 -34.04 -0.57
N GLN B 523 5.95 -34.41 -1.82
CA GLN B 523 4.87 -35.17 -2.52
C GLN B 523 4.69 -36.52 -1.83
N ASN B 524 5.82 -37.14 -1.44
CA ASN B 524 5.86 -38.42 -0.70
C ASN B 524 5.20 -38.24 0.67
N LEU B 525 5.54 -37.16 1.40
CA LEU B 525 4.99 -36.91 2.76
C LEU B 525 3.46 -36.83 2.69
N LEU B 526 2.95 -36.07 1.73
CA LEU B 526 1.50 -35.82 1.61
C LEU B 526 0.81 -37.10 1.17
N SER B 527 1.41 -37.88 0.26
CA SER B 527 0.89 -39.21 -0.16
C SER B 527 0.70 -40.07 1.07
N GLU B 528 1.77 -40.25 1.87
CA GLU B 528 1.75 -41.09 3.09
C GLU B 528 0.68 -40.57 4.06
N PHE B 529 0.56 -39.25 4.19
CA PHE B 529 -0.40 -38.59 5.11
C PHE B 529 -1.82 -39.08 4.81
N VAL B 530 -2.25 -39.01 3.55
CA VAL B 530 -3.64 -39.41 3.16
C VAL B 530 -3.76 -40.95 3.28
N LEU B 531 -2.83 -41.71 2.70
CA LEU B 531 -2.87 -43.21 2.73
C LEU B 531 -3.07 -43.70 4.18
N ASN B 532 -2.41 -43.07 5.15
CA ASN B 532 -2.46 -43.48 6.58
C ASN B 532 -3.72 -42.96 7.31
N GLY B 533 -4.60 -42.20 6.68
CA GLY B 533 -5.85 -41.71 7.31
C GLY B 533 -5.94 -40.19 7.40
N GLY B 534 -5.04 -39.41 6.81
CA GLY B 534 -5.14 -37.94 6.83
C GLY B 534 -6.22 -37.42 5.88
N ASN B 535 -6.84 -36.30 6.25
CA ASN B 535 -7.78 -35.53 5.39
C ASN B 535 -7.03 -34.36 4.82
N LEU B 536 -6.78 -34.40 3.51
CA LEU B 536 -5.96 -33.37 2.83
C LEU B 536 -6.90 -32.50 2.00
N ILE B 537 -6.69 -31.19 2.06
CA ILE B 537 -7.33 -30.22 1.15
C ILE B 537 -6.22 -29.58 0.35
N LEU B 538 -6.26 -29.73 -0.98
CA LEU B 538 -5.16 -29.29 -1.87
C LEU B 538 -5.75 -28.46 -3.03
N TYR B 539 -5.18 -27.29 -3.24
CA TYR B 539 -5.55 -26.34 -4.31
C TYR B 539 -4.44 -25.29 -4.44
N PRO B 540 -4.33 -24.54 -5.54
CA PRO B 540 -5.15 -24.73 -6.75
C PRO B 540 -4.75 -25.76 -7.82
N ALA B 541 -3.64 -26.48 -7.61
CA ALA B 541 -3.07 -27.41 -8.60
C ALA B 541 -2.50 -28.63 -7.87
N VAL B 542 -2.80 -29.82 -8.37
CA VAL B 542 -1.94 -31.01 -8.20
C VAL B 542 -0.61 -30.71 -8.88
N PRO B 543 0.50 -30.78 -8.15
CA PRO B 543 1.81 -30.46 -8.72
C PRO B 543 2.24 -31.59 -9.67
N THR B 544 3.03 -31.27 -10.68
CA THR B 544 3.52 -32.26 -11.67
C THR B 544 5.03 -32.07 -11.91
N LEU B 545 5.67 -31.12 -11.22
CA LEU B 545 7.11 -30.82 -11.33
C LEU B 545 7.75 -30.76 -9.95
N ASP B 546 9.07 -30.88 -9.92
CA ASP B 546 9.86 -30.72 -8.67
C ASP B 546 10.33 -29.28 -8.62
N ASN B 547 11.18 -28.94 -7.67
CA ASN B 547 11.66 -27.55 -7.49
C ASN B 547 12.52 -27.10 -8.66
N TYR B 548 12.99 -28.04 -9.49
CA TYR B 548 13.87 -27.74 -10.64
C TYR B 548 13.01 -27.79 -11.90
N LEU B 549 11.69 -27.93 -11.70
CA LEU B 549 10.70 -27.96 -12.80
C LEU B 549 11.00 -29.15 -13.72
N ASN B 550 11.59 -30.22 -13.18
CA ASN B 550 11.65 -31.57 -13.79
C ASN B 550 10.43 -32.38 -13.40
N ARG B 551 9.98 -33.28 -14.29
CA ARG B 551 8.73 -34.03 -14.07
C ARG B 551 8.77 -34.68 -12.67
N CYS B 552 7.73 -34.47 -11.87
CA CYS B 552 7.55 -35.20 -10.60
C CYS B 552 6.06 -35.29 -10.27
N GLU B 553 5.49 -36.49 -10.36
CA GLU B 553 4.02 -36.69 -10.36
C GLU B 553 3.71 -37.74 -9.31
N ILE B 554 4.54 -37.83 -8.27
CA ILE B 554 4.35 -38.85 -7.18
C ILE B 554 2.96 -38.70 -6.58
N LEU B 555 2.59 -37.50 -6.15
CA LEU B 555 1.30 -37.29 -5.44
C LEU B 555 0.14 -37.59 -6.42
N LYS B 556 0.21 -37.04 -7.64
CA LYS B 556 -0.77 -37.28 -8.75
C LYS B 556 -1.00 -38.78 -8.94
N ASN B 557 0.08 -39.55 -9.16
CA ASN B 557 -0.03 -41.00 -9.48
C ASN B 557 -0.49 -41.77 -8.22
N ASN B 558 0.01 -41.43 -7.03
CA ASN B 558 -0.37 -42.14 -5.80
C ASN B 558 -1.86 -41.98 -5.52
N PHE B 559 -2.46 -40.86 -5.93
CA PHE B 559 -3.89 -40.52 -5.69
C PHE B 559 -4.76 -40.85 -6.91
N GLY B 560 -4.17 -41.39 -7.98
CA GLY B 560 -4.94 -41.81 -9.17
C GLY B 560 -5.65 -40.63 -9.83
N ILE B 561 -4.96 -39.48 -9.90
CA ILE B 561 -5.51 -38.22 -10.44
C ILE B 561 -5.09 -38.09 -11.90
N GLU B 562 -6.06 -37.75 -12.75
CA GLU B 562 -5.80 -37.33 -14.15
C GLU B 562 -6.51 -35.99 -14.33
N PHE B 563 -5.88 -35.05 -15.02
CA PHE B 563 -6.47 -33.74 -15.35
C PHE B 563 -5.93 -33.29 -16.71
N ILE B 564 -6.69 -32.41 -17.34
CA ILE B 564 -6.22 -31.54 -18.45
C ILE B 564 -6.36 -30.12 -17.92
N THR B 565 -5.41 -29.27 -18.24
CA THR B 565 -5.52 -27.82 -17.95
C THR B 565 -6.32 -27.13 -19.06
N LYS B 566 -7.41 -26.46 -18.71
CA LYS B 566 -8.35 -25.86 -19.70
C LYS B 566 -8.76 -24.44 -19.24
N ASP B 567 -8.98 -23.57 -20.21
CA ASP B 567 -9.43 -22.16 -20.00
C ASP B 567 -10.94 -22.08 -19.81
N SER B 568 -11.40 -21.29 -18.85
CA SER B 568 -12.84 -21.07 -18.56
C SER B 568 -13.00 -19.73 -17.83
N SER B 569 -14.24 -19.29 -17.70
CA SER B 569 -14.62 -18.14 -16.85
C SER B 569 -13.88 -18.26 -15.50
N HIS B 570 -13.47 -17.11 -14.95
CA HIS B 570 -12.87 -17.00 -13.60
C HIS B 570 -13.82 -17.57 -12.55
N LYS B 571 -15.13 -17.51 -12.77
CA LYS B 571 -16.12 -17.97 -11.77
C LYS B 571 -16.36 -19.48 -11.90
N VAL B 572 -16.39 -20.17 -10.77
CA VAL B 572 -16.81 -21.60 -10.66
C VAL B 572 -17.94 -21.72 -9.65
N SER B 573 -18.58 -22.87 -9.61
CA SER B 573 -19.45 -23.28 -8.48
C SER B 573 -18.69 -24.38 -7.72
N ALA B 574 -18.83 -24.39 -6.41
CA ALA B 574 -18.08 -25.32 -5.51
C ALA B 574 -18.96 -25.57 -4.28
N PHE B 575 -19.26 -26.84 -4.01
CA PHE B 575 -20.13 -27.29 -2.90
C PHE B 575 -21.47 -26.53 -2.92
N GLY B 576 -21.98 -26.25 -4.12
CA GLY B 576 -23.30 -25.61 -4.31
C GLY B 576 -23.22 -24.11 -4.15
N ILE B 577 -22.03 -23.57 -3.81
CA ILE B 577 -21.81 -22.10 -3.77
C ILE B 577 -21.60 -21.66 -5.22
N GLU B 578 -22.49 -20.83 -5.77
CA GLU B 578 -22.39 -20.23 -7.13
C GLU B 578 -21.50 -18.98 -7.12
N ASP B 579 -20.88 -18.68 -8.25
CA ASP B 579 -20.11 -17.44 -8.54
C ASP B 579 -18.98 -17.28 -7.52
N VAL B 580 -18.19 -18.32 -7.35
CA VAL B 580 -16.90 -18.27 -6.62
C VAL B 580 -15.87 -17.73 -7.59
N PHE B 581 -15.40 -16.50 -7.37
CA PHE B 581 -14.36 -15.90 -8.22
C PHE B 581 -13.01 -16.58 -7.94
N THR B 582 -12.35 -17.04 -9.00
CA THR B 582 -11.02 -17.70 -8.95
C THR B 582 -10.02 -16.87 -9.75
N ALA B 583 -8.74 -17.00 -9.42
CA ALA B 583 -7.66 -16.11 -9.89
C ALA B 583 -7.33 -16.38 -11.37
N PHE B 584 -7.57 -17.59 -11.89
CA PHE B 584 -7.05 -17.98 -13.23
C PHE B 584 -8.16 -18.53 -14.14
N SER B 585 -8.09 -18.15 -15.41
CA SER B 585 -8.83 -18.79 -16.54
C SER B 585 -8.46 -20.27 -16.60
N LYS B 586 -7.17 -20.59 -16.53
CA LYS B 586 -6.63 -21.98 -16.58
C LYS B 586 -7.01 -22.68 -15.27
N LYS B 587 -7.65 -23.85 -15.37
CA LYS B 587 -8.07 -24.66 -14.21
C LYS B 587 -7.75 -26.12 -14.52
N GLN B 588 -7.47 -26.90 -13.49
CA GLN B 588 -7.37 -28.38 -13.63
C GLN B 588 -8.78 -28.97 -13.75
N ILE B 589 -9.04 -29.70 -14.84
CA ILE B 589 -10.31 -30.45 -15.07
C ILE B 589 -10.00 -31.94 -14.84
N TYR B 590 -10.64 -32.54 -13.83
CA TYR B 590 -10.28 -33.86 -13.25
C TYR B 590 -11.13 -34.97 -13.87
N ASN B 591 -10.49 -36.03 -14.31
CA ASN B 591 -11.18 -37.34 -14.48
C ASN B 591 -11.83 -37.70 -13.14
N ASP B 592 -13.10 -38.08 -13.14
CA ASP B 592 -13.88 -38.27 -11.89
C ASP B 592 -14.09 -39.76 -11.60
N THR B 593 -13.43 -40.66 -12.33
CA THR B 593 -13.50 -42.11 -12.00
C THR B 593 -13.15 -42.29 -10.51
N ASN B 594 -13.96 -43.06 -9.80
CA ASN B 594 -13.76 -43.36 -8.36
C ASN B 594 -13.67 -42.05 -7.53
N SER B 595 -14.34 -40.99 -7.96
CA SER B 595 -14.25 -39.65 -7.34
C SER B 595 -15.65 -39.05 -7.25
N LYS B 596 -15.86 -38.14 -6.31
CA LYS B 596 -17.08 -37.33 -6.27
C LYS B 596 -16.75 -35.94 -6.79
N PRO B 597 -17.42 -35.49 -7.87
CA PRO B 597 -17.28 -34.12 -8.34
C PRO B 597 -17.98 -33.15 -7.38
N ILE B 598 -17.30 -32.06 -6.99
CA ILE B 598 -17.85 -31.07 -6.02
C ILE B 598 -17.60 -29.62 -6.50
N ALA B 599 -16.97 -29.42 -7.65
CA ALA B 599 -16.84 -28.08 -8.26
C ALA B 599 -16.88 -28.17 -9.77
N PHE B 600 -17.46 -27.14 -10.40
CA PHE B 600 -17.82 -27.10 -11.84
C PHE B 600 -17.50 -25.72 -12.43
N THR B 601 -16.96 -25.70 -13.64
CA THR B 601 -16.73 -24.47 -14.43
C THR B 601 -18.08 -23.96 -14.94
N GLN B 602 -18.12 -22.80 -15.60
CA GLN B 602 -19.36 -22.21 -16.16
C GLN B 602 -19.93 -23.16 -17.23
N GLU B 603 -19.08 -23.92 -17.93
CA GLU B 603 -19.49 -24.93 -18.95
C GLU B 603 -19.67 -26.32 -18.29
N ASN B 604 -19.74 -26.37 -16.96
CA ASN B 604 -20.07 -27.58 -16.14
C ASN B 604 -18.99 -28.67 -16.24
N GLU B 605 -17.75 -28.29 -16.48
CA GLU B 605 -16.59 -29.23 -16.41
C GLU B 605 -16.14 -29.35 -14.94
N ILE B 606 -15.64 -30.54 -14.57
CA ILE B 606 -15.30 -30.90 -13.16
C ILE B 606 -13.95 -30.25 -12.82
N CYS B 607 -13.91 -29.26 -11.92
CA CYS B 607 -12.65 -28.58 -11.51
C CYS B 607 -12.43 -28.76 -10.01
N GLY B 608 -13.05 -29.76 -9.42
CA GLY B 608 -12.76 -30.18 -8.05
C GLY B 608 -13.39 -31.51 -7.75
N ILE B 609 -12.69 -32.35 -7.00
CA ILE B 609 -13.20 -33.71 -6.65
C ILE B 609 -12.85 -34.04 -5.21
N ARG B 610 -13.63 -34.94 -4.64
CA ARG B 610 -13.31 -35.62 -3.36
C ARG B 610 -13.17 -37.11 -3.64
N LYS B 611 -12.34 -37.77 -2.84
CA LYS B 611 -11.92 -39.16 -3.07
C LYS B 611 -11.47 -39.79 -1.76
N LYS B 612 -11.71 -41.07 -1.57
CA LYS B 612 -11.06 -41.87 -0.51
C LYS B 612 -9.83 -42.49 -1.12
N ILE B 613 -8.70 -42.37 -0.44
CA ILE B 613 -7.41 -43.01 -0.81
C ILE B 613 -6.88 -43.69 0.45
N GLY B 614 -6.74 -45.02 0.38
CA GLY B 614 -6.38 -45.83 1.55
C GLY B 614 -7.32 -45.47 2.67
N LYS B 615 -6.81 -45.10 3.83
CA LYS B 615 -7.63 -44.82 5.03
C LYS B 615 -8.04 -43.34 5.08
N GLY B 616 -7.52 -42.49 4.17
CA GLY B 616 -7.67 -41.03 4.24
C GLY B 616 -8.67 -40.47 3.23
N GLU B 617 -8.73 -39.14 3.15
CA GLU B 617 -9.66 -38.39 2.28
C GLU B 617 -8.86 -37.32 1.55
N LEU B 618 -9.26 -37.07 0.31
CA LEU B 618 -8.63 -36.04 -0.54
C LEU B 618 -9.73 -35.12 -1.06
N THR B 619 -9.54 -33.79 -0.92
CA THR B 619 -10.34 -32.74 -1.60
C THR B 619 -9.36 -31.93 -2.45
N ILE B 620 -9.46 -32.06 -3.78
CA ILE B 620 -8.67 -31.22 -4.72
C ILE B 620 -9.59 -30.23 -5.41
N LEU B 621 -9.17 -28.97 -5.41
CA LEU B 621 -9.81 -27.88 -6.18
C LEU B 621 -8.79 -27.42 -7.21
N GLY B 622 -9.14 -27.52 -8.50
CA GLY B 622 -8.27 -27.13 -9.61
C GLY B 622 -8.40 -25.66 -9.94
N PHE B 623 -8.59 -24.82 -8.91
CA PHE B 623 -8.81 -23.37 -9.06
C PHE B 623 -8.32 -22.69 -7.78
N ALA B 624 -8.01 -21.41 -7.91
CA ALA B 624 -7.35 -20.56 -6.90
C ALA B 624 -8.37 -19.52 -6.45
N PHE B 625 -8.65 -19.49 -5.15
CA PHE B 625 -9.49 -18.45 -4.53
C PHE B 625 -8.74 -17.98 -3.31
N GLY B 626 -8.86 -16.70 -3.04
CA GLY B 626 -8.33 -16.12 -1.80
C GLY B 626 -9.48 -15.72 -0.94
N TYR B 627 -9.42 -14.50 -0.41
CA TYR B 627 -10.59 -13.90 0.28
C TYR B 627 -10.82 -12.51 -0.30
N THR B 628 -11.69 -12.43 -1.31
CA THR B 628 -12.11 -11.17 -1.95
C THR B 628 -13.63 -11.12 -2.11
N SER B 629 -14.34 -12.06 -1.52
CA SER B 629 -15.82 -12.05 -1.55
C SER B 629 -16.34 -12.86 -0.38
N ASP B 630 -17.61 -12.69 -0.07
CA ASP B 630 -18.33 -13.50 0.95
C ASP B 630 -18.38 -14.98 0.50
N GLU B 631 -18.39 -15.25 -0.81
CA GLU B 631 -18.41 -16.65 -1.30
C GLU B 631 -17.14 -17.38 -0.84
N HIS B 632 -16.02 -16.68 -0.78
CA HIS B 632 -14.73 -17.27 -0.36
C HIS B 632 -14.79 -17.71 1.10
N LEU B 633 -15.31 -16.87 2.02
CA LEU B 633 -15.55 -17.29 3.42
C LEU B 633 -16.51 -18.49 3.45
N GLU B 634 -17.54 -18.47 2.60
CA GLU B 634 -18.54 -19.56 2.58
C GLU B 634 -17.84 -20.87 2.17
N LEU B 635 -16.92 -20.80 1.20
CA LEU B 635 -16.24 -22.00 0.66
C LEU B 635 -15.27 -22.52 1.72
N ILE B 636 -14.51 -21.64 2.40
CA ILE B 636 -13.57 -22.07 3.46
C ILE B 636 -14.39 -22.74 4.57
N ASP B 637 -15.53 -22.15 4.91
CA ASP B 637 -16.42 -22.70 5.98
C ASP B 637 -16.90 -24.10 5.58
N LYS B 638 -17.44 -24.24 4.38
CA LYS B 638 -17.89 -25.56 3.84
C LYS B 638 -16.76 -26.60 3.95
N LEU B 639 -15.55 -26.25 3.52
CA LEU B 639 -14.36 -27.16 3.49
C LEU B 639 -14.02 -27.62 4.91
N VAL B 640 -13.94 -26.69 5.86
CA VAL B 640 -13.63 -26.99 7.27
C VAL B 640 -14.70 -27.94 7.79
N LYS B 641 -15.95 -27.72 7.40
CA LYS B 641 -17.09 -28.53 7.91
C LYS B 641 -17.12 -29.90 7.22
N LEU B 642 -16.33 -30.15 6.17
CA LEU B 642 -16.27 -31.52 5.60
C LEU B 642 -15.83 -32.50 6.68
N ASN B 643 -14.94 -32.10 7.59
CA ASN B 643 -14.48 -33.00 8.68
C ASN B 643 -15.04 -32.53 10.03
N LYS B 644 -16.17 -31.83 10.01
CA LYS B 644 -17.03 -31.57 11.20
C LYS B 644 -16.22 -30.80 12.27
N ILE B 645 -15.34 -29.91 11.84
CA ILE B 645 -14.55 -29.03 12.73
C ILE B 645 -15.50 -27.91 13.19
N LYS B 646 -15.53 -27.62 14.49
CA LYS B 646 -16.44 -26.58 15.04
C LYS B 646 -15.58 -25.44 15.61
N ARG B 647 -16.06 -24.19 15.50
CA ARG B 647 -15.54 -23.06 16.32
C ARG B 647 -15.74 -23.39 17.81
N GLU B 648 -14.89 -22.85 18.70
CA GLU B 648 -15.03 -23.04 20.17
C GLU B 648 -16.27 -22.28 20.67
N LEU B 649 -16.62 -21.14 20.08
CA LEU B 649 -17.78 -20.32 20.56
C LEU B 649 -18.77 -20.10 19.43
N PHE B 650 -20.05 -19.95 19.79
CA PHE B 650 -21.12 -19.24 19.03
C PHE B 650 -21.11 -17.79 19.51
N VAL B 651 -20.71 -16.87 18.65
CA VAL B 651 -20.72 -15.41 18.95
C VAL B 651 -21.74 -14.78 18.01
N SER B 652 -22.66 -13.99 18.54
CA SER B 652 -23.84 -13.53 17.77
C SER B 652 -23.41 -12.62 16.63
N ASP B 653 -22.25 -11.95 16.75
CA ASP B 653 -21.80 -11.00 15.71
C ASP B 653 -20.59 -11.62 15.00
N LYS B 654 -20.71 -11.91 13.70
CA LYS B 654 -19.69 -12.68 12.96
C LYS B 654 -18.44 -11.79 12.73
N ASP B 655 -18.55 -10.47 12.92
CA ASP B 655 -17.41 -9.54 12.70
C ASP B 655 -16.57 -9.39 13.98
N ILE B 656 -16.99 -10.00 15.09
CA ILE B 656 -16.15 -10.12 16.32
C ILE B 656 -15.17 -11.28 16.15
N GLN B 657 -13.87 -11.00 16.27
CA GLN B 657 -12.85 -12.06 16.33
C GLN B 657 -12.69 -12.51 17.78
N PHE B 658 -12.52 -13.82 17.96
CA PHE B 658 -12.21 -14.38 19.30
C PHE B 658 -11.11 -15.39 19.13
N VAL B 659 -10.33 -15.52 20.21
CA VAL B 659 -9.36 -16.64 20.40
C VAL B 659 -9.62 -17.23 21.78
N VAL B 660 -9.84 -18.54 21.83
CA VAL B 660 -9.94 -19.27 23.11
C VAL B 660 -8.58 -19.91 23.35
N ARG B 661 -7.94 -19.55 24.46
CA ARG B 661 -6.68 -20.15 24.91
C ARG B 661 -6.98 -20.93 26.19
N GLU B 662 -6.55 -22.19 26.30
CA GLU B 662 -6.79 -22.96 27.53
C GLU B 662 -5.61 -23.88 27.82
N ASN B 663 -5.54 -24.32 29.08
CA ASN B 663 -4.86 -25.56 29.55
C ASN B 663 -5.90 -26.36 30.33
N ASN B 664 -5.50 -27.31 31.19
CA ASN B 664 -6.49 -28.17 31.92
C ASN B 664 -7.24 -27.33 32.97
N LYS B 665 -6.67 -26.22 33.46
CA LYS B 665 -7.25 -25.43 34.58
C LYS B 665 -7.89 -24.13 34.09
N SER B 666 -7.25 -23.44 33.14
CA SER B 666 -7.55 -22.03 32.79
C SER B 666 -8.03 -21.90 31.34
N ARG B 667 -9.02 -21.04 31.13
CA ARG B 667 -9.40 -20.58 29.76
C ARG B 667 -9.45 -19.06 29.76
N TYR B 668 -8.87 -18.47 28.73
CA TYR B 668 -8.95 -17.04 28.35
C TYR B 668 -9.71 -16.98 27.04
N ILE B 669 -10.77 -16.19 27.00
CA ILE B 669 -11.45 -15.79 25.74
C ILE B 669 -11.06 -14.34 25.48
N PHE B 670 -10.26 -14.13 24.43
CA PHE B 670 -9.95 -12.78 23.91
C PHE B 670 -10.99 -12.44 22.84
N PHE B 671 -11.75 -11.36 23.02
CA PHE B 671 -12.64 -10.81 21.99
C PHE B 671 -11.97 -9.55 21.44
N LEU B 672 -11.87 -9.49 20.12
CA LEU B 672 -11.14 -8.40 19.41
C LEU B 672 -12.12 -7.79 18.40
N ASN B 673 -12.25 -6.49 18.46
CA ASN B 673 -13.13 -5.70 17.57
C ASN B 673 -12.23 -4.85 16.68
N TYR B 674 -12.00 -5.33 15.47
CA TYR B 674 -11.06 -4.74 14.50
C TYR B 674 -11.78 -3.67 13.66
N HIS B 675 -12.95 -3.23 14.09
CA HIS B 675 -13.87 -2.41 13.26
C HIS B 675 -14.13 -1.06 13.92
N ASN B 676 -14.48 -0.04 13.12
CA ASN B 676 -14.90 1.27 13.62
C ASN B 676 -16.41 1.25 13.87
N GLU B 677 -16.84 0.47 14.85
CA GLU B 677 -18.28 0.30 15.22
C GLU B 677 -18.29 -0.19 16.68
N ARG B 678 -19.00 0.48 17.57
CA ARG B 678 -19.37 -0.12 18.88
C ARG B 678 -20.20 -1.36 18.57
N LYS B 679 -19.76 -2.53 19.02
CA LYS B 679 -20.51 -3.80 18.81
C LYS B 679 -20.98 -4.41 20.14
N THR B 680 -22.24 -4.79 20.18
CA THR B 680 -22.89 -5.49 21.31
C THR B 680 -23.26 -6.88 20.80
N PHE B 681 -22.85 -7.92 21.52
CA PHE B 681 -23.02 -9.31 21.05
C PHE B 681 -23.13 -10.21 22.27
N ASN B 682 -23.55 -11.45 22.05
CA ASN B 682 -23.49 -12.46 23.12
C ASN B 682 -22.75 -13.68 22.56
N TYR B 683 -22.35 -14.57 23.46
CA TYR B 683 -21.57 -15.76 23.13
C TYR B 683 -22.02 -16.87 24.07
N ARG B 684 -21.70 -18.10 23.68
CA ARG B 684 -21.96 -19.34 24.47
C ARG B 684 -21.03 -20.39 23.88
N LYS B 685 -20.74 -21.49 24.58
CA LYS B 685 -19.86 -22.54 24.05
C LYS B 685 -20.51 -23.16 22.80
N SER B 686 -19.68 -23.55 21.83
CA SER B 686 -20.07 -24.20 20.55
C SER B 686 -21.49 -24.80 20.65
N GLU B 695 -25.19 -13.28 28.81
CA GLU B 695 -24.00 -13.79 28.09
C GLU B 695 -23.49 -12.67 27.18
N GLU B 696 -23.78 -11.39 27.52
CA GLU B 696 -23.90 -10.22 26.59
C GLU B 696 -22.89 -9.09 26.89
N ILE B 697 -22.22 -8.57 25.87
CA ILE B 697 -20.99 -7.74 26.04
C ILE B 697 -20.88 -6.65 24.96
N SER B 698 -20.43 -5.47 25.35
CA SER B 698 -20.25 -4.31 24.45
C SER B 698 -18.77 -4.00 24.32
N ILE B 699 -18.23 -3.87 23.10
CA ILE B 699 -16.79 -3.57 22.85
C ILE B 699 -16.71 -2.29 22.01
N ALA B 700 -15.86 -1.36 22.40
CA ALA B 700 -15.66 -0.08 21.68
C ALA B 700 -15.02 -0.39 20.33
N PRO B 701 -15.07 0.55 19.37
CA PRO B 701 -14.28 0.43 18.14
C PRO B 701 -12.81 0.10 18.44
N PHE B 702 -12.20 -0.74 17.60
CA PHE B 702 -10.74 -0.99 17.62
C PHE B 702 -10.31 -1.38 19.04
N SER B 703 -11.11 -2.21 19.72
CA SER B 703 -10.94 -2.49 21.16
C SER B 703 -11.01 -3.99 21.40
N TYR B 704 -11.05 -4.36 22.67
CA TYR B 704 -10.89 -5.76 23.11
C TYR B 704 -11.67 -5.96 24.41
N LYS B 705 -11.90 -7.23 24.71
CA LYS B 705 -12.34 -7.68 26.04
C LYS B 705 -11.73 -9.05 26.27
N VAL B 706 -11.20 -9.29 27.46
CA VAL B 706 -10.65 -10.61 27.86
C VAL B 706 -11.52 -11.19 28.98
N ILE B 707 -11.92 -12.45 28.84
CA ILE B 707 -12.85 -13.14 29.78
C ILE B 707 -12.10 -14.38 30.25
N LYS B 708 -12.09 -14.63 31.57
CA LYS B 708 -11.48 -15.85 32.15
C LYS B 708 -12.59 -16.86 32.48
N GLU B 709 -12.30 -18.15 32.32
CA GLU B 709 -13.18 -19.24 32.76
C GLU B 709 -12.27 -20.22 33.51
N ASN B 710 -12.68 -20.69 34.69
CA ASN B 710 -12.06 -21.87 35.36
C ASN B 710 -12.76 -23.09 34.78
N LYS B 711 -12.02 -24.12 34.35
CA LYS B 711 -12.59 -25.31 33.67
C LYS B 711 -13.06 -26.35 34.70
#